data_1OF9
#
_entry.id   1OF9
#
_cell.length_a   1.000
_cell.length_b   1.000
_cell.length_c   1.000
_cell.angle_alpha   90.00
_cell.angle_beta   90.00
_cell.angle_gamma   90.00
#
_symmetry.space_group_name_H-M   'P 1'
#
_entity_poly.entity_id   1
_entity_poly.type   'polypeptide(L)'
_entity_poly.pdbx_seq_one_letter_code
;GEILCNLCTGLINTLENLLTTKGADKVKDYISSLCNKASGFIATLCTKVLDFGIDKLIQLIEDKVDANAICAKIHAC
;
_entity_poly.pdbx_strand_id   A
#
# COMPACT_ATOMS: atom_id res chain seq x y z
N GLY A 1 5.23 9.89 -12.89
CA GLY A 1 5.44 8.68 -12.11
C GLY A 1 5.05 7.44 -12.90
N GLU A 2 4.04 6.74 -12.39
CA GLU A 2 3.55 5.54 -13.05
C GLU A 2 4.67 4.50 -13.13
N ILE A 3 5.35 4.31 -12.01
CA ILE A 3 6.44 3.35 -11.94
C ILE A 3 5.86 1.95 -11.71
N LEU A 4 5.22 1.80 -10.56
CA LEU A 4 4.62 0.52 -10.20
C LEU A 4 3.37 0.76 -9.35
N CYS A 5 2.55 1.69 -9.83
CA CYS A 5 1.32 2.03 -9.13
C CYS A 5 0.38 0.82 -9.21
N ASN A 6 0.13 0.39 -10.44
CA ASN A 6 -0.76 -0.74 -10.67
C ASN A 6 -0.50 -1.80 -9.60
N LEU A 7 0.75 -1.86 -9.16
CA LEU A 7 1.14 -2.82 -8.14
C LEU A 7 0.54 -2.40 -6.79
N CYS A 8 0.84 -1.17 -6.40
CA CYS A 8 0.34 -0.63 -5.15
C CYS A 8 -1.18 -0.55 -5.23
N THR A 9 -1.65 0.50 -5.90
CA THR A 9 -3.08 0.71 -6.06
C THR A 9 -3.78 -0.62 -6.34
N GLY A 10 -3.03 -1.55 -6.90
CA GLY A 10 -3.56 -2.86 -7.23
C GLY A 10 -3.70 -3.72 -5.97
N LEU A 11 -2.70 -3.61 -5.10
CA LEU A 11 -2.69 -4.36 -3.87
C LEU A 11 -3.62 -3.70 -2.86
N ILE A 12 -3.60 -2.37 -2.86
CA ILE A 12 -4.43 -1.60 -1.95
C ILE A 12 -5.87 -2.10 -2.04
N ASN A 13 -6.39 -2.12 -3.27
CA ASN A 13 -7.75 -2.56 -3.50
C ASN A 13 -7.93 -3.95 -2.90
N THR A 14 -6.86 -4.73 -2.95
CA THR A 14 -6.89 -6.08 -2.41
C THR A 14 -6.99 -6.05 -0.89
N LEU A 15 -6.44 -5.00 -0.31
CA LEU A 15 -6.46 -4.83 1.14
C LEU A 15 -7.91 -4.60 1.59
N GLU A 16 -8.72 -4.13 0.66
CA GLU A 16 -10.12 -3.86 0.96
C GLU A 16 -10.90 -5.17 1.07
N ASN A 17 -10.36 -6.19 0.43
CA ASN A 17 -10.99 -7.51 0.47
C ASN A 17 -10.05 -8.50 1.12
N LEU A 18 -8.84 -8.05 1.40
CA LEU A 18 -7.83 -8.88 2.04
C LEU A 18 -8.42 -9.51 3.30
N LEU A 19 -8.29 -8.78 4.40
CA LEU A 19 -8.79 -9.25 5.68
C LEU A 19 -9.86 -8.28 6.19
N THR A 20 -9.44 -7.04 6.37
CA THR A 20 -10.34 -6.01 6.85
C THR A 20 -11.41 -6.62 7.76
N THR A 21 -10.98 -7.53 8.61
CA THR A 21 -11.89 -8.20 9.53
C THR A 21 -11.12 -9.14 10.45
N LYS A 22 -10.22 -9.91 9.86
CA LYS A 22 -9.42 -10.85 10.61
C LYS A 22 -8.61 -10.09 11.67
N GLY A 23 -7.77 -9.19 11.19
CA GLY A 23 -6.94 -8.39 12.08
C GLY A 23 -6.21 -7.30 11.31
N ALA A 24 -5.79 -7.64 10.10
CA ALA A 24 -5.08 -6.70 9.26
C ALA A 24 -3.57 -6.91 9.43
N ASP A 25 -3.22 -8.06 9.98
CA ASP A 25 -1.82 -8.38 10.21
C ASP A 25 -1.24 -8.99 8.93
N LYS A 26 -2.04 -9.82 8.28
CA LYS A 26 -1.61 -10.46 7.05
C LYS A 26 -1.42 -9.40 5.96
N VAL A 27 -1.94 -8.22 6.25
CA VAL A 27 -1.83 -7.11 5.30
C VAL A 27 -0.36 -6.71 5.16
N LYS A 28 0.26 -6.46 6.30
CA LYS A 28 1.66 -6.07 6.33
C LYS A 28 2.53 -7.27 5.97
N ASP A 29 1.93 -8.45 6.07
CA ASP A 29 2.64 -9.68 5.76
C ASP A 29 2.68 -9.87 4.25
N TYR A 30 1.59 -9.47 3.59
CA TYR A 30 1.50 -9.59 2.15
C TYR A 30 2.05 -8.33 1.46
N ILE A 31 1.88 -7.21 2.13
CA ILE A 31 2.35 -5.94 1.60
C ILE A 31 3.88 -5.93 1.58
N SER A 32 4.45 -6.69 2.51
CA SER A 32 5.90 -6.79 2.62
C SER A 32 6.46 -7.57 1.43
N SER A 33 5.88 -8.73 1.21
CA SER A 33 6.32 -9.58 0.11
C SER A 33 6.26 -8.81 -1.20
N LEU A 34 5.19 -8.04 -1.35
CA LEU A 34 5.01 -7.25 -2.56
C LEU A 34 6.00 -6.09 -2.56
N CYS A 35 5.97 -5.32 -1.47
CA CYS A 35 6.86 -4.18 -1.34
C CYS A 35 8.31 -4.69 -1.36
N ASN A 36 8.44 -5.99 -1.15
CA ASN A 36 9.75 -6.62 -1.15
C ASN A 36 10.19 -6.87 -2.59
N LYS A 37 10.13 -5.81 -3.39
CA LYS A 37 10.53 -5.91 -4.79
C LYS A 37 10.83 -4.51 -5.32
N ALA A 38 11.46 -3.71 -4.47
CA ALA A 38 11.80 -2.35 -4.84
C ALA A 38 13.32 -2.26 -5.05
N SER A 39 14.02 -1.98 -3.96
CA SER A 39 15.47 -1.86 -4.01
C SER A 39 15.89 -1.08 -5.26
N GLY A 40 15.27 0.07 -5.44
CA GLY A 40 15.56 0.92 -6.57
C GLY A 40 14.87 2.28 -6.45
N PHE A 41 14.36 2.75 -7.58
CA PHE A 41 13.67 4.03 -7.61
C PHE A 41 12.49 4.05 -6.63
N ILE A 42 11.94 2.86 -6.41
CA ILE A 42 10.81 2.72 -5.50
C ILE A 42 11.33 2.54 -4.07
N ALA A 43 12.63 2.35 -3.97
CA ALA A 43 13.26 2.18 -2.67
C ALA A 43 12.57 3.07 -1.64
N THR A 44 12.66 4.37 -1.89
CA THR A 44 12.04 5.34 -0.99
C THR A 44 10.52 5.18 -0.99
N LEU A 45 10.01 4.66 -2.10
CA LEU A 45 8.59 4.45 -2.25
C LEU A 45 8.14 3.35 -1.28
N CYS A 46 8.97 2.33 -1.17
CA CYS A 46 8.67 1.21 -0.29
C CYS A 46 8.69 1.73 1.16
N THR A 47 9.84 2.28 1.54
CA THR A 47 10.00 2.81 2.88
C THR A 47 8.99 3.92 3.14
N LYS A 48 8.38 4.40 2.06
CA LYS A 48 7.39 5.46 2.17
C LYS A 48 6.16 4.93 2.90
N VAL A 49 5.65 3.82 2.39
CA VAL A 49 4.47 3.20 3.00
C VAL A 49 4.76 2.87 4.46
N LEU A 50 5.92 2.27 4.68
CA LEU A 50 6.32 1.89 6.03
C LEU A 50 6.37 3.15 6.90
N ASP A 51 7.02 4.17 6.38
CA ASP A 51 7.13 5.42 7.11
C ASP A 51 5.75 5.97 7.41
N PHE A 52 4.84 5.75 6.46
CA PHE A 52 3.47 6.21 6.61
C PHE A 52 2.69 5.31 7.57
N GLY A 53 2.70 4.03 7.25
CA GLY A 53 1.99 3.06 8.07
C GLY A 53 1.02 2.23 7.23
N ILE A 54 1.41 1.00 6.96
CA ILE A 54 0.59 0.10 6.16
C ILE A 54 -0.85 0.14 6.69
N ASP A 55 -0.97 0.20 8.01
CA ASP A 55 -2.27 0.25 8.65
C ASP A 55 -2.95 1.58 8.30
N LYS A 56 -2.14 2.61 8.17
CA LYS A 56 -2.65 3.93 7.84
C LYS A 56 -3.32 3.88 6.47
N LEU A 57 -2.57 3.42 5.49
CA LEU A 57 -3.09 3.32 4.14
C LEU A 57 -4.47 2.67 4.17
N ILE A 58 -4.60 1.67 5.02
CA ILE A 58 -5.86 0.96 5.15
C ILE A 58 -6.87 1.85 5.88
N GLN A 59 -6.35 2.68 6.77
CA GLN A 59 -7.19 3.59 7.53
C GLN A 59 -7.83 4.62 6.60
N LEU A 60 -7.03 5.14 5.69
CA LEU A 60 -7.50 6.13 4.74
C LEU A 60 -8.70 5.55 3.97
N ILE A 61 -8.50 4.34 3.45
CA ILE A 61 -9.55 3.68 2.70
C ILE A 61 -10.83 3.64 3.54
N GLU A 62 -10.68 3.20 4.77
CA GLU A 62 -11.81 3.11 5.68
C GLU A 62 -12.64 4.41 5.63
N ASP A 63 -11.93 5.51 5.48
CA ASP A 63 -12.59 6.80 5.40
C ASP A 63 -13.26 6.96 4.03
N LYS A 64 -12.41 7.13 3.03
CA LYS A 64 -12.91 7.29 1.66
C LYS A 64 -11.74 7.65 0.74
N VAL A 65 -10.60 7.02 1.00
CA VAL A 65 -9.42 7.26 0.21
C VAL A 65 -9.18 6.08 -0.74
N ASP A 66 -9.41 6.33 -2.02
CA ASP A 66 -9.24 5.31 -3.04
C ASP A 66 -7.86 4.68 -2.87
N ALA A 67 -7.55 3.76 -3.78
CA ALA A 67 -6.27 3.07 -3.75
C ALA A 67 -5.19 3.97 -4.36
N ASN A 68 -5.65 4.91 -5.18
CA ASN A 68 -4.75 5.84 -5.85
C ASN A 68 -4.42 6.98 -4.90
N ALA A 69 -5.46 7.68 -4.47
CA ALA A 69 -5.30 8.79 -3.55
C ALA A 69 -4.42 8.36 -2.38
N ILE A 70 -4.56 7.10 -2.00
CA ILE A 70 -3.80 6.55 -0.90
C ILE A 70 -2.35 6.33 -1.35
N CYS A 71 -2.21 5.96 -2.62
CA CYS A 71 -0.90 5.71 -3.19
C CYS A 71 -0.21 7.07 -3.42
N ALA A 72 -0.78 7.83 -4.34
CA ALA A 72 -0.24 9.14 -4.67
C ALA A 72 0.18 9.84 -3.38
N LYS A 73 -0.51 9.51 -2.30
CA LYS A 73 -0.22 10.09 -1.00
C LYS A 73 1.27 9.98 -0.71
N ILE A 74 1.69 8.75 -0.45
CA ILE A 74 3.09 8.48 -0.16
C ILE A 74 3.93 8.75 -1.41
N HIS A 75 3.25 9.18 -2.46
CA HIS A 75 3.92 9.48 -3.71
C HIS A 75 4.42 8.18 -4.35
N ALA A 76 3.51 7.50 -5.04
CA ALA A 76 3.85 6.24 -5.68
C ALA A 76 3.39 6.31 -7.15
N CYS A 77 2.93 7.48 -7.55
CA CYS A 77 2.47 7.69 -8.90
C CYS A 77 2.85 9.11 -9.33
N GLY A 1 4.83 6.65 -17.10
CA GLY A 1 4.49 5.24 -16.96
C GLY A 1 4.00 4.92 -15.56
N GLU A 2 3.95 3.62 -15.27
CA GLU A 2 3.51 3.16 -13.96
C GLU A 2 4.39 2.03 -13.47
N ILE A 3 5.60 2.39 -13.07
CA ILE A 3 6.55 1.41 -12.57
C ILE A 3 5.82 0.39 -11.69
N LEU A 4 5.32 0.87 -10.58
CA LEU A 4 4.59 0.02 -9.65
C LEU A 4 3.32 0.73 -9.18
N CYS A 5 2.79 1.57 -10.07
CA CYS A 5 1.59 2.31 -9.76
C CYS A 5 0.41 1.34 -9.71
N ASN A 6 0.14 0.74 -10.86
CA ASN A 6 -0.95 -0.22 -10.97
C ASN A 6 -0.69 -1.40 -10.03
N LEU A 7 0.59 -1.56 -9.68
CA LEU A 7 0.99 -2.64 -8.79
C LEU A 7 0.47 -2.35 -7.38
N CYS A 8 0.80 -1.16 -6.89
CA CYS A 8 0.38 -0.75 -5.57
C CYS A 8 -1.13 -0.55 -5.58
N THR A 9 -1.54 0.58 -6.15
CA THR A 9 -2.96 0.89 -6.24
C THR A 9 -3.77 -0.37 -6.57
N GLY A 10 -3.10 -1.30 -7.23
CA GLY A 10 -3.74 -2.56 -7.61
C GLY A 10 -3.81 -3.52 -6.42
N LEU A 11 -2.73 -3.54 -5.66
CA LEU A 11 -2.66 -4.41 -4.49
C LEU A 11 -3.49 -3.82 -3.36
N ILE A 12 -3.51 -2.49 -3.31
CA ILE A 12 -4.26 -1.78 -2.29
C ILE A 12 -5.73 -2.20 -2.36
N ASN A 13 -6.32 -1.98 -3.53
CA ASN A 13 -7.71 -2.33 -3.74
C ASN A 13 -7.92 -3.80 -3.39
N THR A 14 -6.97 -4.63 -3.79
CA THR A 14 -7.04 -6.05 -3.52
C THR A 14 -6.70 -6.33 -2.07
N LEU A 15 -6.38 -5.27 -1.35
CA LEU A 15 -6.03 -5.39 0.06
C LEU A 15 -7.27 -5.10 0.92
N GLU A 16 -8.12 -4.24 0.38
CA GLU A 16 -9.34 -3.88 1.09
C GLU A 16 -10.20 -5.11 1.36
N ASN A 17 -9.91 -6.16 0.60
CA ASN A 17 -10.64 -7.40 0.75
C ASN A 17 -9.71 -8.47 1.33
N LEU A 18 -8.47 -8.07 1.55
CA LEU A 18 -7.47 -8.97 2.10
C LEU A 18 -8.05 -9.66 3.34
N LEU A 19 -7.85 -9.03 4.48
CA LEU A 19 -8.35 -9.57 5.74
C LEU A 19 -9.64 -8.86 6.12
N THR A 20 -9.60 -7.53 6.03
CA THR A 20 -10.76 -6.73 6.37
C THR A 20 -11.43 -7.25 7.64
N THR A 21 -10.64 -7.97 8.43
CA THR A 21 -11.15 -8.54 9.67
C THR A 21 -10.19 -9.62 10.19
N LYS A 22 -9.70 -10.43 9.27
CA LYS A 22 -8.77 -11.49 9.63
C LYS A 22 -7.58 -10.89 10.38
N GLY A 23 -7.33 -9.61 10.13
CA GLY A 23 -6.23 -8.92 10.77
C GLY A 23 -5.52 -7.99 9.80
N ALA A 24 -5.63 -6.70 10.07
CA ALA A 24 -5.01 -5.69 9.23
C ALA A 24 -3.49 -5.80 9.34
N ASP A 25 -3.07 -6.63 10.28
CA ASP A 25 -1.64 -6.83 10.50
C ASP A 25 -1.10 -7.82 9.46
N LYS A 26 -1.95 -8.76 9.09
CA LYS A 26 -1.57 -9.76 8.10
C LYS A 26 -1.42 -9.08 6.73
N VAL A 27 -2.01 -7.91 6.62
CA VAL A 27 -1.95 -7.15 5.38
C VAL A 27 -0.48 -6.78 5.09
N LYS A 28 0.15 -6.19 6.08
CA LYS A 28 1.54 -5.78 5.94
C LYS A 28 2.40 -7.02 5.66
N ASP A 29 1.80 -8.18 5.90
CA ASP A 29 2.49 -9.44 5.68
C ASP A 29 2.52 -9.75 4.18
N TYR A 30 1.46 -9.35 3.51
CA TYR A 30 1.35 -9.56 2.08
C TYR A 30 2.04 -8.44 1.30
N ILE A 31 2.04 -7.26 1.89
CA ILE A 31 2.65 -6.10 1.27
C ILE A 31 4.15 -6.34 1.13
N SER A 32 4.82 -6.39 2.27
CA SER A 32 6.26 -6.62 2.29
C SER A 32 6.65 -7.57 1.17
N SER A 33 5.77 -8.53 0.91
CA SER A 33 6.01 -9.51 -0.13
C SER A 33 6.18 -8.82 -1.48
N LEU A 34 5.12 -8.12 -1.88
CA LEU A 34 5.13 -7.40 -3.14
C LEU A 34 6.12 -6.25 -3.06
N CYS A 35 6.14 -5.59 -1.90
CA CYS A 35 7.03 -4.47 -1.68
C CYS A 35 8.47 -4.99 -1.77
N ASN A 36 8.63 -6.26 -1.48
CA ASN A 36 9.94 -6.88 -1.52
C ASN A 36 10.33 -7.17 -2.97
N LYS A 37 10.27 -6.12 -3.77
CA LYS A 37 10.61 -6.23 -5.18
C LYS A 37 10.95 -4.85 -5.74
N ALA A 38 11.69 -4.09 -4.94
CA ALA A 38 12.10 -2.76 -5.34
C ALA A 38 13.59 -2.59 -5.08
N SER A 39 13.90 -1.95 -3.95
CA SER A 39 15.28 -1.71 -3.57
C SER A 39 15.97 -0.86 -4.64
N GLY A 40 15.37 0.29 -4.92
CA GLY A 40 15.92 1.19 -5.91
C GLY A 40 15.00 2.39 -6.12
N PHE A 41 14.13 2.26 -7.12
CA PHE A 41 13.19 3.32 -7.44
C PHE A 41 12.04 3.35 -6.44
N ILE A 42 11.56 2.16 -6.10
CA ILE A 42 10.46 2.03 -5.15
C ILE A 42 11.03 1.97 -3.73
N ALA A 43 12.34 1.78 -3.65
CA ALA A 43 13.00 1.69 -2.37
C ALA A 43 12.34 2.66 -1.39
N THR A 44 12.36 3.94 -1.77
CA THR A 44 11.77 4.97 -0.93
C THR A 44 10.25 4.81 -0.89
N LEU A 45 9.72 4.20 -1.92
CA LEU A 45 8.28 3.98 -2.02
C LEU A 45 7.86 2.96 -0.96
N CYS A 46 8.72 1.96 -0.78
CA CYS A 46 8.45 0.92 0.20
C CYS A 46 8.54 1.52 1.60
N THR A 47 9.70 2.07 1.89
CA THR A 47 9.93 2.69 3.20
C THR A 47 8.91 3.81 3.44
N LYS A 48 8.28 4.24 2.35
CA LYS A 48 7.29 5.30 2.43
C LYS A 48 6.08 4.79 3.22
N VAL A 49 5.50 3.70 2.74
CA VAL A 49 4.35 3.11 3.39
C VAL A 49 4.66 2.88 4.87
N LEU A 50 5.84 2.34 5.12
CA LEU A 50 6.26 2.07 6.49
C LEU A 50 6.28 3.38 7.27
N ASP A 51 6.96 4.37 6.70
CA ASP A 51 7.06 5.67 7.34
C ASP A 51 5.65 6.22 7.58
N PHE A 52 4.75 5.88 6.67
CA PHE A 52 3.38 6.34 6.78
C PHE A 52 2.60 5.50 7.79
N GLY A 53 2.64 4.19 7.60
CA GLY A 53 1.95 3.27 8.48
C GLY A 53 0.95 2.42 7.71
N ILE A 54 1.32 1.17 7.51
CA ILE A 54 0.46 0.23 6.79
C ILE A 54 -0.96 0.34 7.32
N ASP A 55 -1.07 0.53 8.63
CA ASP A 55 -2.36 0.65 9.28
C ASP A 55 -3.06 1.93 8.79
N LYS A 56 -2.25 2.96 8.58
CA LYS A 56 -2.77 4.23 8.11
C LYS A 56 -3.42 4.04 6.74
N LEU A 57 -2.65 3.47 5.82
CA LEU A 57 -3.14 3.23 4.48
C LEU A 57 -4.54 2.60 4.55
N ILE A 58 -4.66 1.62 5.44
CA ILE A 58 -5.93 0.94 5.63
C ILE A 58 -6.96 1.93 6.16
N GLN A 59 -6.49 2.85 6.98
CA GLN A 59 -7.36 3.86 7.55
C GLN A 59 -7.94 4.76 6.46
N LEU A 60 -7.04 5.34 5.67
CA LEU A 60 -7.45 6.21 4.58
C LEU A 60 -8.61 5.57 3.82
N ILE A 61 -8.49 4.26 3.61
CA ILE A 61 -9.51 3.52 2.89
C ILE A 61 -10.78 3.46 3.75
N GLU A 62 -10.57 3.33 5.05
CA GLU A 62 -11.68 3.25 5.99
C GLU A 62 -12.60 4.46 5.82
N ASP A 63 -11.98 5.63 5.76
CA ASP A 63 -12.72 6.87 5.60
C ASP A 63 -13.29 6.93 4.18
N LYS A 64 -12.40 6.97 3.21
CA LYS A 64 -12.80 7.03 1.82
C LYS A 64 -11.61 7.50 0.97
N VAL A 65 -10.61 6.64 0.88
CA VAL A 65 -9.42 6.94 0.10
C VAL A 65 -9.12 5.78 -0.84
N ASP A 66 -9.39 6.01 -2.13
CA ASP A 66 -9.16 5.00 -3.14
C ASP A 66 -7.75 4.42 -2.95
N ALA A 67 -7.43 3.46 -3.80
CA ALA A 67 -6.13 2.81 -3.74
C ALA A 67 -5.09 3.72 -4.39
N ASN A 68 -5.55 4.54 -5.32
CA ASN A 68 -4.67 5.46 -6.02
C ASN A 68 -4.49 6.72 -5.17
N ALA A 69 -5.59 7.16 -4.57
CA ALA A 69 -5.57 8.35 -3.74
C ALA A 69 -4.67 8.09 -2.53
N ILE A 70 -4.72 6.86 -2.05
CA ILE A 70 -3.91 6.47 -0.89
C ILE A 70 -2.46 6.35 -1.31
N CYS A 71 -2.25 5.68 -2.44
CA CYS A 71 -0.91 5.48 -2.96
C CYS A 71 -0.28 6.86 -3.23
N ALA A 72 -1.09 7.73 -3.82
CA ALA A 72 -0.64 9.07 -4.13
C ALA A 72 0.03 9.68 -2.90
N LYS A 73 -0.66 9.56 -1.77
CA LYS A 73 -0.14 10.09 -0.52
C LYS A 73 1.35 9.75 -0.40
N ILE A 74 1.62 8.46 -0.28
CA ILE A 74 2.99 7.99 -0.17
C ILE A 74 3.63 7.96 -1.55
N HIS A 75 3.04 8.70 -2.47
CA HIS A 75 3.54 8.77 -3.82
C HIS A 75 4.14 7.41 -4.22
N ALA A 76 3.34 6.37 -4.02
CA ALA A 76 3.77 5.03 -4.35
C ALA A 76 3.23 4.63 -5.72
N CYS A 77 3.10 5.64 -6.57
CA CYS A 77 2.59 5.42 -7.92
C CYS A 77 3.58 4.53 -8.67
N GLY A 1 5.39 5.27 -7.98
CA GLY A 1 5.98 6.52 -8.44
C GLY A 1 5.81 6.68 -9.95
N GLU A 2 4.71 6.14 -10.46
CA GLU A 2 4.42 6.21 -11.88
C GLU A 2 5.10 5.07 -12.62
N ILE A 3 5.88 4.30 -11.87
CA ILE A 3 6.59 3.16 -12.44
C ILE A 3 5.60 2.04 -12.74
N LEU A 4 4.63 1.89 -11.84
CA LEU A 4 3.63 0.86 -11.98
C LEU A 4 2.58 1.02 -10.87
N CYS A 5 1.92 2.17 -10.89
CA CYS A 5 0.89 2.46 -9.90
C CYS A 5 -0.03 1.24 -9.80
N ASN A 6 -0.42 0.74 -10.96
CA ASN A 6 -1.31 -0.41 -11.01
C ASN A 6 -0.87 -1.44 -9.96
N LEU A 7 0.42 -1.40 -9.65
CA LEU A 7 0.98 -2.32 -8.66
C LEU A 7 0.37 -2.02 -7.30
N CYS A 8 1.00 -1.09 -6.59
CA CYS A 8 0.53 -0.70 -5.28
C CYS A 8 -0.99 -0.55 -5.33
N THR A 9 -1.42 0.53 -5.95
CA THR A 9 -2.85 0.81 -6.08
C THR A 9 -3.61 -0.49 -6.34
N GLY A 10 -2.92 -1.43 -6.96
CA GLY A 10 -3.52 -2.72 -7.28
C GLY A 10 -3.66 -3.58 -6.03
N LEU A 11 -2.62 -3.54 -5.22
CA LEU A 11 -2.60 -4.32 -3.99
C LEU A 11 -3.52 -3.65 -2.96
N ILE A 12 -3.48 -2.34 -2.94
CA ILE A 12 -4.29 -1.57 -2.01
C ILE A 12 -5.74 -2.07 -2.09
N ASN A 13 -6.25 -2.10 -3.31
CA ASN A 13 -7.62 -2.55 -3.54
C ASN A 13 -7.80 -3.94 -2.93
N THR A 14 -6.73 -4.72 -2.99
CA THR A 14 -6.76 -6.07 -2.45
C THR A 14 -6.85 -6.03 -0.92
N LEU A 15 -6.25 -5.01 -0.35
CA LEU A 15 -6.26 -4.84 1.09
C LEU A 15 -7.69 -4.59 1.56
N GLU A 16 -8.51 -4.12 0.63
CA GLU A 16 -9.90 -3.84 0.94
C GLU A 16 -10.66 -5.13 1.23
N ASN A 17 -10.20 -6.21 0.61
CA ASN A 17 -10.82 -7.50 0.79
C ASN A 17 -9.84 -8.45 1.48
N LEU A 18 -8.58 -8.03 1.51
CA LEU A 18 -7.53 -8.82 2.14
C LEU A 18 -8.02 -9.29 3.50
N LEU A 19 -7.89 -8.41 4.49
CA LEU A 19 -8.31 -8.73 5.84
C LEU A 19 -9.62 -8.01 6.14
N THR A 20 -9.72 -6.79 5.64
CA THR A 20 -10.91 -5.98 5.85
C THR A 20 -11.36 -6.07 7.31
N THR A 21 -10.41 -5.81 8.21
CA THR A 21 -10.70 -5.84 9.62
C THR A 21 -10.57 -7.27 10.16
N LYS A 22 -9.57 -7.47 11.01
CA LYS A 22 -9.33 -8.78 11.59
C LYS A 22 -8.00 -8.75 12.35
N GLY A 23 -6.92 -8.67 11.58
CA GLY A 23 -5.59 -8.63 12.17
C GLY A 23 -4.78 -7.46 11.62
N ALA A 24 -4.75 -7.37 10.30
CA ALA A 24 -4.01 -6.31 9.64
C ALA A 24 -2.53 -6.66 9.60
N ASP A 25 -2.23 -7.85 10.09
CA ASP A 25 -0.85 -8.33 10.11
C ASP A 25 -0.52 -8.99 8.78
N LYS A 26 -1.52 -9.64 8.20
CA LYS A 26 -1.35 -10.31 6.94
C LYS A 26 -1.18 -9.27 5.83
N VAL A 27 -1.51 -8.04 6.18
CA VAL A 27 -1.40 -6.93 5.23
C VAL A 27 0.07 -6.61 4.99
N LYS A 28 0.78 -6.37 6.09
CA LYS A 28 2.20 -6.05 6.01
C LYS A 28 2.97 -7.31 5.65
N ASP A 29 2.32 -8.45 5.79
CA ASP A 29 2.94 -9.73 5.47
C ASP A 29 2.82 -9.98 3.97
N TYR A 30 1.75 -9.48 3.39
CA TYR A 30 1.51 -9.65 1.97
C TYR A 30 2.05 -8.45 1.18
N ILE A 31 2.11 -7.31 1.86
CA ILE A 31 2.60 -6.10 1.23
C ILE A 31 4.12 -6.17 1.11
N SER A 32 4.73 -6.88 2.04
CA SER A 32 6.17 -7.03 2.06
C SER A 32 6.60 -8.02 0.97
N SER A 33 5.89 -9.14 0.93
CA SER A 33 6.19 -10.17 -0.05
C SER A 33 6.08 -9.60 -1.46
N LEU A 34 5.11 -8.70 -1.62
CA LEU A 34 4.89 -8.07 -2.92
C LEU A 34 5.90 -6.93 -3.10
N CYS A 35 6.03 -6.13 -2.05
CA CYS A 35 6.95 -5.00 -2.08
C CYS A 35 8.38 -5.54 -2.04
N ASN A 36 8.48 -6.85 -1.85
CA ASN A 36 9.77 -7.50 -1.77
C ASN A 36 10.39 -7.56 -3.18
N LYS A 37 10.51 -6.38 -3.78
CA LYS A 37 11.07 -6.27 -5.12
C LYS A 37 11.30 -4.80 -5.45
N ALA A 38 11.70 -4.04 -4.44
CA ALA A 38 11.96 -2.63 -4.63
C ALA A 38 13.46 -2.36 -4.49
N SER A 39 13.88 -2.11 -3.26
CA SER A 39 15.27 -1.84 -2.99
C SER A 39 15.88 -1.01 -4.13
N GLY A 40 15.12 -0.03 -4.58
CA GLY A 40 15.56 0.83 -5.67
C GLY A 40 14.68 2.06 -5.79
N PHE A 41 14.09 2.22 -6.96
CA PHE A 41 13.21 3.35 -7.22
C PHE A 41 12.01 3.33 -6.28
N ILE A 42 11.57 2.13 -5.96
CA ILE A 42 10.43 1.96 -5.07
C ILE A 42 10.90 1.99 -3.62
N ALA A 43 12.21 1.84 -3.46
CA ALA A 43 12.80 1.85 -2.13
C ALA A 43 12.05 2.83 -1.24
N THR A 44 12.08 4.10 -1.63
CA THR A 44 11.41 5.14 -0.88
C THR A 44 9.89 4.90 -0.89
N LEU A 45 9.44 4.23 -1.93
CA LEU A 45 8.02 3.94 -2.07
C LEU A 45 7.61 2.92 -1.01
N CYS A 46 8.46 1.92 -0.83
CA CYS A 46 8.20 0.88 0.16
C CYS A 46 8.29 1.50 1.54
N THR A 47 9.45 2.05 1.84
CA THR A 47 9.68 2.68 3.13
C THR A 47 8.65 3.78 3.38
N LYS A 48 8.02 4.20 2.30
CA LYS A 48 7.01 5.25 2.38
C LYS A 48 5.81 4.74 3.18
N VAL A 49 5.23 3.66 2.69
CA VAL A 49 4.08 3.07 3.35
C VAL A 49 4.39 2.88 4.83
N LEU A 50 5.63 2.49 5.10
CA LEU A 50 6.06 2.28 6.48
C LEU A 50 6.03 3.61 7.23
N ASP A 51 6.85 4.53 6.75
CA ASP A 51 6.92 5.85 7.36
C ASP A 51 5.51 6.39 7.59
N PHE A 52 4.62 6.06 6.67
CA PHE A 52 3.23 6.49 6.76
C PHE A 52 2.46 5.64 7.77
N GLY A 53 2.49 4.34 7.55
CA GLY A 53 1.80 3.41 8.42
C GLY A 53 0.78 2.58 7.65
N ILE A 54 1.14 1.33 7.38
CA ILE A 54 0.27 0.43 6.65
C ILE A 54 -1.15 0.55 7.20
N ASP A 55 -1.23 0.70 8.52
CA ASP A 55 -2.52 0.82 9.18
C ASP A 55 -3.22 2.09 8.69
N LYS A 56 -2.43 3.16 8.60
CA LYS A 56 -2.96 4.44 8.15
C LYS A 56 -3.59 4.27 6.77
N LEU A 57 -2.81 3.72 5.86
CA LEU A 57 -3.28 3.50 4.50
C LEU A 57 -4.69 2.92 4.54
N ILE A 58 -4.87 1.96 5.43
CA ILE A 58 -6.16 1.31 5.59
C ILE A 58 -7.17 2.31 6.16
N GLN A 59 -6.69 3.10 7.11
CA GLN A 59 -7.53 4.10 7.75
C GLN A 59 -8.12 5.03 6.69
N LEU A 60 -7.29 5.41 5.73
CA LEU A 60 -7.71 6.30 4.68
C LEU A 60 -8.85 5.65 3.90
N ILE A 61 -8.57 4.47 3.37
CA ILE A 61 -9.56 3.73 2.60
C ILE A 61 -10.88 3.69 3.39
N GLU A 62 -10.76 3.31 4.65
CA GLU A 62 -11.93 3.21 5.51
C GLU A 62 -12.75 4.51 5.42
N ASP A 63 -12.05 5.62 5.32
CA ASP A 63 -12.70 6.91 5.22
C ASP A 63 -13.33 7.06 3.83
N LYS A 64 -12.47 7.13 2.83
CA LYS A 64 -12.92 7.27 1.46
C LYS A 64 -11.73 7.65 0.57
N VAL A 65 -10.61 7.00 0.83
CA VAL A 65 -9.41 7.25 0.06
C VAL A 65 -9.11 6.06 -0.86
N ASP A 66 -9.34 6.27 -2.15
CA ASP A 66 -9.11 5.23 -3.12
C ASP A 66 -7.71 4.64 -2.91
N ALA A 67 -7.36 3.70 -3.78
CA ALA A 67 -6.07 3.05 -3.71
C ALA A 67 -5.01 3.94 -4.38
N ASN A 68 -5.46 4.68 -5.38
CA ASN A 68 -4.58 5.58 -6.11
C ASN A 68 -4.34 6.84 -5.28
N ALA A 69 -5.43 7.47 -4.89
CA ALA A 69 -5.36 8.69 -4.09
C ALA A 69 -4.42 8.44 -2.90
N ILE A 70 -4.52 7.24 -2.35
CA ILE A 70 -3.70 6.87 -1.22
C ILE A 70 -2.25 6.69 -1.67
N CYS A 71 -2.11 5.93 -2.75
CA CYS A 71 -0.78 5.67 -3.29
C CYS A 71 -0.14 7.00 -3.67
N ALA A 72 -0.99 8.01 -3.82
CA ALA A 72 -0.53 9.34 -4.17
C ALA A 72 0.16 9.97 -2.97
N LYS A 73 -0.48 9.83 -1.81
CA LYS A 73 0.06 10.38 -0.58
C LYS A 73 1.51 9.93 -0.41
N ILE A 74 1.66 8.64 -0.14
CA ILE A 74 2.97 8.06 0.05
C ILE A 74 3.76 8.13 -1.26
N HIS A 75 3.07 8.61 -2.30
CA HIS A 75 3.68 8.74 -3.60
C HIS A 75 4.23 7.39 -4.05
N ALA A 76 3.50 6.34 -3.68
CA ALA A 76 3.91 4.99 -4.05
C ALA A 76 3.26 4.59 -5.37
N CYS A 77 2.81 5.61 -6.10
CA CYS A 77 2.17 5.39 -7.38
C CYS A 77 2.92 4.27 -8.11
N GLY A 1 2.18 5.95 -17.46
CA GLY A 1 2.68 6.86 -16.45
C GLY A 1 2.42 6.32 -15.05
N GLU A 2 3.07 5.19 -14.76
CA GLU A 2 2.92 4.56 -13.46
C GLU A 2 3.99 3.49 -13.26
N ILE A 3 5.14 3.93 -12.79
CA ILE A 3 6.26 3.03 -12.56
C ILE A 3 5.75 1.78 -11.84
N LEU A 4 5.38 1.96 -10.58
CA LEU A 4 4.87 0.85 -9.79
C LEU A 4 3.57 1.27 -9.11
N CYS A 5 2.94 2.29 -9.68
CA CYS A 5 1.70 2.80 -9.13
C CYS A 5 0.62 1.71 -9.29
N ASN A 6 0.21 1.50 -10.53
CA ASN A 6 -0.80 0.50 -10.81
C ASN A 6 -0.53 -0.76 -9.97
N LEU A 7 0.74 -0.95 -9.64
CA LEU A 7 1.14 -2.09 -8.84
C LEU A 7 0.57 -1.93 -7.42
N CYS A 8 1.07 -0.94 -6.71
CA CYS A 8 0.61 -0.67 -5.36
C CYS A 8 -0.90 -0.54 -5.37
N THR A 9 -1.37 0.40 -6.19
CA THR A 9 -2.81 0.64 -6.31
C THR A 9 -3.54 -0.67 -6.58
N GLY A 10 -2.81 -1.63 -7.13
CA GLY A 10 -3.38 -2.92 -7.45
C GLY A 10 -3.46 -3.80 -6.19
N LEU A 11 -2.50 -3.61 -5.32
CA LEU A 11 -2.45 -4.38 -4.08
C LEU A 11 -3.38 -3.73 -3.05
N ILE A 12 -3.32 -2.41 -3.00
CA ILE A 12 -4.14 -1.65 -2.06
C ILE A 12 -5.58 -2.14 -2.16
N ASN A 13 -6.10 -2.13 -3.38
CA ASN A 13 -7.46 -2.57 -3.61
C ASN A 13 -7.65 -3.99 -3.06
N THR A 14 -6.58 -4.76 -3.15
CA THR A 14 -6.61 -6.12 -2.66
C THR A 14 -6.60 -6.14 -1.12
N LEU A 15 -6.15 -5.04 -0.55
CA LEU A 15 -6.08 -4.91 0.89
C LEU A 15 -7.48 -4.69 1.45
N GLU A 16 -8.35 -4.16 0.60
CA GLU A 16 -9.71 -3.89 0.99
C GLU A 16 -10.51 -5.19 1.05
N ASN A 17 -10.00 -6.20 0.35
CA ASN A 17 -10.65 -7.49 0.32
C ASN A 17 -9.69 -8.55 0.88
N LEU A 18 -8.50 -8.11 1.21
CA LEU A 18 -7.48 -8.99 1.75
C LEU A 18 -8.08 -9.76 2.93
N LEU A 19 -7.98 -9.16 4.10
CA LEU A 19 -8.50 -9.77 5.32
C LEU A 19 -9.87 -9.18 5.64
N THR A 20 -10.00 -7.89 5.37
CA THR A 20 -11.25 -7.20 5.62
C THR A 20 -11.79 -7.56 7.01
N THR A 21 -11.06 -7.13 8.02
CA THR A 21 -11.46 -7.40 9.40
C THR A 21 -10.88 -8.74 9.86
N LYS A 22 -10.55 -9.58 8.89
CA LYS A 22 -9.99 -10.89 9.19
C LYS A 22 -8.65 -10.71 9.90
N GLY A 23 -8.05 -9.54 9.69
CA GLY A 23 -6.76 -9.24 10.31
C GLY A 23 -5.98 -8.22 9.47
N ALA A 24 -6.14 -6.96 9.82
CA ALA A 24 -5.46 -5.90 9.12
C ALA A 24 -3.95 -6.01 9.35
N ASP A 25 -3.61 -6.84 10.32
CA ASP A 25 -2.20 -7.07 10.65
C ASP A 25 -1.57 -7.99 9.61
N LYS A 26 -2.41 -8.88 9.08
CA LYS A 26 -1.95 -9.83 8.08
C LYS A 26 -1.75 -9.10 6.74
N VAL A 27 -2.32 -7.91 6.67
CA VAL A 27 -2.22 -7.10 5.46
C VAL A 27 -0.76 -6.69 5.26
N LYS A 28 -0.19 -6.10 6.30
CA LYS A 28 1.19 -5.66 6.25
C LYS A 28 2.10 -6.85 5.97
N ASP A 29 1.56 -8.04 6.22
CA ASP A 29 2.31 -9.27 6.00
C ASP A 29 2.41 -9.53 4.50
N TYR A 30 1.37 -9.16 3.79
CA TYR A 30 1.33 -9.35 2.35
C TYR A 30 1.95 -8.15 1.62
N ILE A 31 1.78 -6.98 2.22
CA ILE A 31 2.31 -5.76 1.64
C ILE A 31 3.83 -5.83 1.63
N SER A 32 4.36 -6.63 2.55
CA SER A 32 5.81 -6.79 2.65
C SER A 32 6.33 -7.62 1.47
N SER A 33 5.78 -8.82 1.35
CA SER A 33 6.18 -9.72 0.28
C SER A 33 5.95 -9.04 -1.08
N LEU A 34 4.98 -8.15 -1.11
CA LEU A 34 4.66 -7.43 -2.32
C LEU A 34 5.67 -6.31 -2.53
N CYS A 35 5.81 -5.48 -1.51
CA CYS A 35 6.74 -4.37 -1.57
C CYS A 35 8.17 -4.93 -1.58
N ASN A 36 8.26 -6.24 -1.35
CA ASN A 36 9.55 -6.90 -1.34
C ASN A 36 10.00 -7.17 -2.78
N LYS A 37 9.99 -6.10 -3.57
CA LYS A 37 10.39 -6.21 -4.97
C LYS A 37 10.51 -4.81 -5.56
N ALA A 38 11.47 -4.06 -5.04
CA ALA A 38 11.71 -2.70 -5.51
C ALA A 38 13.21 -2.41 -5.48
N SER A 39 13.67 -1.93 -4.34
CA SER A 39 15.07 -1.61 -4.17
C SER A 39 15.62 -0.95 -5.44
N GLY A 40 14.96 0.13 -5.83
CA GLY A 40 15.37 0.86 -7.02
C GLY A 40 14.76 2.27 -7.03
N PHE A 41 13.85 2.47 -7.96
CA PHE A 41 13.19 3.75 -8.09
C PHE A 41 12.08 3.92 -7.06
N ILE A 42 11.40 2.81 -6.78
CA ILE A 42 10.32 2.81 -5.81
C ILE A 42 10.91 2.57 -4.42
N ALA A 43 12.17 2.23 -4.39
CA ALA A 43 12.86 1.97 -3.13
C ALA A 43 12.35 2.94 -2.07
N THR A 44 12.56 4.23 -2.34
CA THR A 44 12.13 5.28 -1.43
C THR A 44 10.60 5.30 -1.33
N LEU A 45 9.97 4.84 -2.40
CA LEU A 45 8.51 4.82 -2.44
C LEU A 45 8.00 3.81 -1.41
N CYS A 46 8.74 2.71 -1.29
CA CYS A 46 8.36 1.66 -0.35
C CYS A 46 8.54 2.20 1.07
N THR A 47 9.77 2.63 1.35
CA THR A 47 10.10 3.17 2.66
C THR A 47 9.04 4.20 3.08
N LYS A 48 8.37 4.76 2.09
CA LYS A 48 7.35 5.76 2.34
C LYS A 48 6.15 5.10 3.03
N VAL A 49 5.64 4.05 2.40
CA VAL A 49 4.51 3.32 2.94
C VAL A 49 4.83 2.88 4.37
N LEU A 50 5.98 2.23 4.51
CA LEU A 50 6.42 1.75 5.79
C LEU A 50 6.48 2.92 6.78
N ASP A 51 7.23 3.94 6.38
CA ASP A 51 7.39 5.12 7.20
C ASP A 51 6.01 5.63 7.63
N PHE A 52 5.06 5.53 6.71
CA PHE A 52 3.71 5.96 6.97
C PHE A 52 2.96 4.96 7.86
N GLY A 53 2.86 3.73 7.35
CA GLY A 53 2.19 2.67 8.07
C GLY A 53 1.14 2.00 7.19
N ILE A 54 1.49 0.79 6.74
CA ILE A 54 0.60 0.03 5.88
C ILE A 54 -0.80 0.02 6.51
N ASP A 55 -0.82 -0.13 7.83
CA ASP A 55 -2.09 -0.17 8.55
C ASP A 55 -2.74 1.21 8.49
N LYS A 56 -1.89 2.23 8.44
CA LYS A 56 -2.38 3.60 8.39
C LYS A 56 -3.18 3.80 7.10
N LEU A 57 -2.57 3.44 5.99
CA LEU A 57 -3.23 3.57 4.70
C LEU A 57 -4.60 2.90 4.76
N ILE A 58 -4.63 1.74 5.42
CA ILE A 58 -5.87 0.99 5.56
C ILE A 58 -6.90 1.85 6.28
N GLN A 59 -6.43 2.55 7.30
CA GLN A 59 -7.30 3.41 8.08
C GLN A 59 -7.92 4.50 7.19
N LEU A 60 -7.25 4.76 6.10
CA LEU A 60 -7.71 5.77 5.15
C LEU A 60 -8.90 5.21 4.36
N ILE A 61 -8.64 4.10 3.67
CA ILE A 61 -9.67 3.46 2.88
C ILE A 61 -11.00 3.54 3.62
N GLU A 62 -10.93 3.41 4.94
CA GLU A 62 -12.11 3.45 5.77
C GLU A 62 -12.94 4.70 5.44
N ASP A 63 -12.30 5.85 5.51
CA ASP A 63 -12.97 7.11 5.23
C ASP A 63 -13.37 7.13 3.75
N LYS A 64 -12.37 7.03 2.89
CA LYS A 64 -12.60 7.05 1.46
C LYS A 64 -11.31 7.42 0.73
N VAL A 65 -10.45 6.43 0.57
CA VAL A 65 -9.18 6.64 -0.10
C VAL A 65 -8.88 5.46 -1.02
N ASP A 66 -9.25 5.62 -2.28
CA ASP A 66 -9.03 4.57 -3.27
C ASP A 66 -7.58 4.10 -3.19
N ALA A 67 -7.25 3.16 -4.05
CA ALA A 67 -5.90 2.60 -4.09
C ALA A 67 -4.92 3.71 -4.49
N ASN A 68 -5.29 4.42 -5.55
CA ASN A 68 -4.45 5.50 -6.05
C ASN A 68 -4.29 6.57 -4.95
N ALA A 69 -5.42 7.08 -4.50
CA ALA A 69 -5.42 8.09 -3.46
C ALA A 69 -4.49 7.66 -2.33
N ILE A 70 -4.41 6.35 -2.14
CA ILE A 70 -3.57 5.79 -1.10
C ILE A 70 -2.11 5.83 -1.56
N CYS A 71 -1.93 5.61 -2.86
CA CYS A 71 -0.60 5.61 -3.43
C CYS A 71 -0.24 7.06 -3.81
N ALA A 72 -1.12 7.97 -3.41
CA ALA A 72 -0.91 9.39 -3.69
C ALA A 72 -0.19 10.03 -2.51
N LYS A 73 -0.74 9.82 -1.33
CA LYS A 73 -0.17 10.38 -0.12
C LYS A 73 1.32 10.03 -0.05
N ILE A 74 1.58 8.74 0.15
CA ILE A 74 2.94 8.27 0.23
C ILE A 74 3.66 8.53 -1.10
N HIS A 75 2.88 8.99 -2.08
CA HIS A 75 3.42 9.29 -3.39
C HIS A 75 4.23 8.09 -3.89
N ALA A 76 3.61 6.93 -3.84
CA ALA A 76 4.26 5.71 -4.30
C ALA A 76 4.04 5.54 -5.80
N CYS A 77 3.62 6.63 -6.42
CA CYS A 77 3.37 6.62 -7.85
C CYS A 77 4.71 6.81 -8.58
N GLY A 1 3.04 1.99 -18.44
CA GLY A 1 4.17 2.32 -17.61
C GLY A 1 3.93 1.90 -16.15
N GLU A 2 3.74 2.91 -15.31
CA GLU A 2 3.50 2.66 -13.90
C GLU A 2 4.69 1.93 -13.27
N ILE A 3 5.63 2.71 -12.78
CA ILE A 3 6.82 2.15 -12.16
C ILE A 3 6.41 1.01 -11.22
N LEU A 4 5.40 1.29 -10.40
CA LEU A 4 4.90 0.29 -9.47
C LEU A 4 3.61 0.80 -8.82
N CYS A 5 2.85 1.56 -9.61
CA CYS A 5 1.60 2.12 -9.13
C CYS A 5 0.58 0.99 -9.05
N ASN A 6 0.30 0.40 -10.20
CA ASN A 6 -0.66 -0.70 -10.27
C ASN A 6 -0.27 -1.78 -9.26
N LEU A 7 1.00 -1.76 -8.88
CA LEU A 7 1.51 -2.72 -7.93
C LEU A 7 0.93 -2.43 -6.54
N CYS A 8 0.96 -1.16 -6.17
CA CYS A 8 0.45 -0.74 -4.89
C CYS A 8 -1.07 -0.57 -5.02
N THR A 9 -1.46 0.53 -5.64
CA THR A 9 -2.87 0.83 -5.83
C THR A 9 -3.64 -0.46 -6.16
N GLY A 10 -2.94 -1.40 -6.75
CA GLY A 10 -3.53 -2.67 -7.13
C GLY A 10 -3.68 -3.57 -5.90
N LEU A 11 -2.64 -3.59 -5.08
CA LEU A 11 -2.64 -4.41 -3.89
C LEU A 11 -3.58 -3.79 -2.85
N ILE A 12 -3.65 -2.46 -2.87
CA ILE A 12 -4.51 -1.74 -1.95
C ILE A 12 -5.94 -2.22 -2.12
N ASN A 13 -6.42 -2.17 -3.35
CA ASN A 13 -7.77 -2.59 -3.65
C ASN A 13 -7.98 -4.04 -3.17
N THR A 14 -6.95 -4.84 -3.38
CA THR A 14 -7.00 -6.24 -2.97
C THR A 14 -6.92 -6.35 -1.45
N LEU A 15 -6.46 -5.27 -0.83
CA LEU A 15 -6.34 -5.24 0.62
C LEU A 15 -7.70 -4.95 1.23
N GLU A 16 -8.57 -4.37 0.42
CA GLU A 16 -9.92 -4.05 0.88
C GLU A 16 -10.71 -5.33 1.17
N ASN A 17 -10.32 -6.39 0.49
CA ASN A 17 -10.98 -7.67 0.66
C ASN A 17 -10.01 -8.65 1.30
N LEU A 18 -8.74 -8.31 1.22
CA LEU A 18 -7.70 -9.16 1.80
C LEU A 18 -8.21 -9.80 3.09
N LEU A 19 -8.22 -8.99 4.14
CA LEU A 19 -8.68 -9.47 5.43
C LEU A 19 -10.04 -8.83 5.74
N THR A 20 -10.18 -7.58 5.34
CA THR A 20 -11.42 -6.85 5.57
C THR A 20 -11.97 -7.16 6.96
N THR A 21 -11.19 -6.79 7.96
CA THR A 21 -11.59 -7.02 9.34
C THR A 21 -11.23 -8.45 9.77
N LYS A 22 -10.27 -8.54 10.68
CA LYS A 22 -9.83 -9.83 11.17
C LYS A 22 -8.42 -9.69 11.77
N GLY A 23 -7.53 -9.14 10.96
CA GLY A 23 -6.15 -8.94 11.40
C GLY A 23 -5.37 -8.12 10.37
N ALA A 24 -5.28 -6.83 10.64
CA ALA A 24 -4.57 -5.92 9.75
C ALA A 24 -3.07 -6.13 9.92
N ASP A 25 -2.73 -7.24 10.56
CA ASP A 25 -1.33 -7.57 10.80
C ASP A 25 -0.82 -8.46 9.66
N LYS A 26 -1.74 -9.26 9.12
CA LYS A 26 -1.40 -10.15 8.03
C LYS A 26 -1.28 -9.35 6.73
N VAL A 27 -1.77 -8.13 6.79
CA VAL A 27 -1.74 -7.25 5.62
C VAL A 27 -0.29 -6.85 5.35
N LYS A 28 0.36 -6.34 6.39
CA LYS A 28 1.74 -5.90 6.27
C LYS A 28 2.62 -7.10 5.89
N ASP A 29 2.06 -8.29 6.10
CA ASP A 29 2.77 -9.52 5.79
C ASP A 29 2.74 -9.75 4.28
N TYR A 30 1.64 -9.33 3.67
CA TYR A 30 1.47 -9.50 2.24
C TYR A 30 2.04 -8.29 1.48
N ILE A 31 1.94 -7.13 2.12
CA ILE A 31 2.44 -5.89 1.53
C ILE A 31 3.95 -5.96 1.41
N SER A 32 4.56 -6.73 2.32
CA SER A 32 6.00 -6.89 2.33
C SER A 32 6.43 -7.81 1.18
N SER A 33 5.81 -8.97 1.12
CA SER A 33 6.12 -9.94 0.10
C SER A 33 5.89 -9.33 -1.29
N LEU A 34 4.93 -8.41 -1.34
CA LEU A 34 4.60 -7.74 -2.59
C LEU A 34 5.61 -6.64 -2.85
N CYS A 35 5.82 -5.80 -1.83
CA CYS A 35 6.75 -4.70 -1.94
C CYS A 35 8.17 -5.27 -1.95
N ASN A 36 8.24 -6.58 -1.73
CA ASN A 36 9.52 -7.26 -1.71
C ASN A 36 10.05 -7.39 -3.14
N LYS A 37 10.14 -6.24 -3.82
CA LYS A 37 10.62 -6.22 -5.19
C LYS A 37 10.80 -4.77 -5.64
N ALA A 38 11.32 -3.96 -4.71
CA ALA A 38 11.55 -2.55 -5.00
C ALA A 38 13.04 -2.29 -5.08
N SER A 39 13.62 -1.94 -3.94
CA SER A 39 15.04 -1.66 -3.87
C SER A 39 15.49 -0.91 -5.13
N GLY A 40 14.68 0.07 -5.52
CA GLY A 40 14.97 0.87 -6.69
C GLY A 40 14.27 2.22 -6.63
N PHE A 41 13.74 2.63 -7.76
CA PHE A 41 13.04 3.90 -7.85
C PHE A 41 11.89 3.96 -6.85
N ILE A 42 11.31 2.80 -6.59
CA ILE A 42 10.20 2.71 -5.65
C ILE A 42 10.75 2.53 -4.24
N ALA A 43 12.04 2.28 -4.16
CA ALA A 43 12.70 2.07 -2.88
C ALA A 43 12.09 3.03 -1.85
N THR A 44 12.21 4.32 -2.14
CA THR A 44 11.68 5.35 -1.25
C THR A 44 10.16 5.27 -1.21
N LEU A 45 9.59 4.72 -2.27
CA LEU A 45 8.14 4.58 -2.35
C LEU A 45 7.67 3.53 -1.35
N CYS A 46 8.47 2.48 -1.22
CA CYS A 46 8.15 1.40 -0.30
C CYS A 46 8.30 1.93 1.12
N THR A 47 9.53 2.33 1.44
CA THR A 47 9.82 2.86 2.76
C THR A 47 8.83 3.97 3.13
N LYS A 48 8.22 4.54 2.10
CA LYS A 48 7.25 5.60 2.30
C LYS A 48 6.03 5.05 3.04
N VAL A 49 5.41 4.05 2.44
CA VAL A 49 4.25 3.43 3.03
C VAL A 49 4.55 3.06 4.48
N LEU A 50 5.77 2.58 4.69
CA LEU A 50 6.20 2.19 6.03
C LEU A 50 6.22 3.42 6.93
N ASP A 51 7.07 4.37 6.56
CA ASP A 51 7.21 5.59 7.34
C ASP A 51 5.82 6.14 7.66
N PHE A 52 4.86 5.78 6.81
CA PHE A 52 3.49 6.23 6.99
C PHE A 52 2.70 5.25 7.86
N GLY A 53 2.56 4.04 7.35
CA GLY A 53 1.84 3.01 8.07
C GLY A 53 0.87 2.26 7.14
N ILE A 54 1.30 1.07 6.74
CA ILE A 54 0.49 0.25 5.85
C ILE A 54 -0.95 0.20 6.39
N ASP A 55 -1.05 0.09 7.70
CA ASP A 55 -2.36 0.02 8.34
C ASP A 55 -3.10 1.33 8.09
N LYS A 56 -2.35 2.41 8.03
CA LYS A 56 -2.93 3.73 7.79
C LYS A 56 -3.53 3.77 6.39
N LEU A 57 -2.68 3.53 5.40
CA LEU A 57 -3.11 3.53 4.02
C LEU A 57 -4.45 2.81 3.90
N ILE A 58 -4.56 1.71 4.65
CA ILE A 58 -5.77 0.92 4.63
C ILE A 58 -6.89 1.71 5.30
N GLN A 59 -6.67 2.05 6.56
CA GLN A 59 -7.66 2.81 7.31
C GLN A 59 -8.19 3.97 6.48
N LEU A 60 -7.29 4.60 5.74
CA LEU A 60 -7.66 5.72 4.90
C LEU A 60 -8.79 5.30 3.96
N ILE A 61 -8.56 4.18 3.28
CA ILE A 61 -9.55 3.66 2.35
C ILE A 61 -10.92 3.64 3.03
N GLU A 62 -10.93 3.09 4.23
CA GLU A 62 -12.18 3.01 4.99
C GLU A 62 -12.83 4.39 5.10
N ASP A 63 -11.98 5.41 5.21
CA ASP A 63 -12.46 6.77 5.32
C ASP A 63 -13.04 7.21 3.98
N LYS A 64 -12.16 7.36 3.01
CA LYS A 64 -12.57 7.79 1.68
C LYS A 64 -11.32 8.10 0.84
N VAL A 65 -10.32 7.25 0.99
CA VAL A 65 -9.08 7.44 0.25
C VAL A 65 -8.85 6.24 -0.67
N ASP A 66 -9.09 6.47 -1.95
CA ASP A 66 -8.91 5.41 -2.94
C ASP A 66 -7.56 4.75 -2.73
N ALA A 67 -7.27 3.78 -3.59
CA ALA A 67 -6.02 3.05 -3.51
C ALA A 67 -4.91 3.87 -4.18
N ASN A 68 -5.34 4.77 -5.06
CA ASN A 68 -4.41 5.61 -5.78
C ASN A 68 -4.17 6.90 -4.98
N ALA A 69 -5.27 7.50 -4.55
CA ALA A 69 -5.20 8.72 -3.77
C ALA A 69 -4.34 8.49 -2.54
N ILE A 70 -4.42 7.27 -2.02
CA ILE A 70 -3.65 6.90 -0.83
C ILE A 70 -2.20 6.64 -1.24
N CYS A 71 -2.03 6.05 -2.42
CA CYS A 71 -0.71 5.75 -2.92
C CYS A 71 -0.09 7.05 -3.47
N ALA A 72 -0.88 8.10 -3.40
CA ALA A 72 -0.42 9.40 -3.88
C ALA A 72 0.22 10.17 -2.72
N LYS A 73 -0.42 10.06 -1.56
CA LYS A 73 0.07 10.75 -0.37
C LYS A 73 1.54 10.38 -0.16
N ILE A 74 1.79 9.09 -0.07
CA ILE A 74 3.15 8.60 0.13
C ILE A 74 3.92 8.70 -1.18
N HIS A 75 3.28 9.30 -2.16
CA HIS A 75 3.91 9.47 -3.47
C HIS A 75 4.41 8.12 -3.98
N ALA A 76 3.60 7.09 -3.75
CA ALA A 76 3.95 5.76 -4.18
C ALA A 76 3.47 5.53 -5.62
N CYS A 77 3.69 6.55 -6.44
CA CYS A 77 3.29 6.48 -7.84
C CYS A 77 4.03 7.57 -8.61
N GLY A 1 4.88 7.80 -14.64
CA GLY A 1 3.73 7.15 -15.25
C GLY A 1 3.06 6.18 -14.27
N GLU A 2 3.52 4.94 -14.31
CA GLU A 2 2.98 3.92 -13.43
C GLU A 2 4.07 2.92 -13.03
N ILE A 3 5.14 3.46 -12.46
CA ILE A 3 6.25 2.63 -12.03
C ILE A 3 5.71 1.35 -11.39
N LEU A 4 5.14 1.51 -10.21
CA LEU A 4 4.59 0.38 -9.48
C LEU A 4 3.19 0.73 -8.98
N CYS A 5 2.56 1.66 -9.69
CA CYS A 5 1.22 2.10 -9.32
C CYS A 5 0.28 0.90 -9.45
N ASN A 6 -0.02 0.56 -10.69
CA ASN A 6 -0.91 -0.57 -10.96
C ASN A 6 -0.61 -1.69 -9.97
N LEU A 7 0.65 -1.79 -9.58
CA LEU A 7 1.07 -2.81 -8.64
C LEU A 7 0.52 -2.48 -7.25
N CYS A 8 0.81 -1.26 -6.81
CA CYS A 8 0.37 -0.80 -5.51
C CYS A 8 -1.16 -0.70 -5.54
N THR A 9 -1.63 0.39 -6.13
CA THR A 9 -3.07 0.62 -6.23
C THR A 9 -3.80 -0.68 -6.55
N GLY A 10 -3.07 -1.59 -7.19
CA GLY A 10 -3.63 -2.88 -7.55
C GLY A 10 -3.75 -3.80 -6.33
N LEU A 11 -2.73 -3.74 -5.48
CA LEU A 11 -2.70 -4.55 -4.28
C LEU A 11 -3.54 -3.88 -3.20
N ILE A 12 -3.58 -2.56 -3.26
CA ILE A 12 -4.35 -1.79 -2.30
C ILE A 12 -5.83 -2.19 -2.38
N ASN A 13 -6.38 -2.03 -3.56
CA ASN A 13 -7.78 -2.38 -3.79
C ASN A 13 -8.01 -3.82 -3.35
N THR A 14 -7.11 -4.69 -3.78
CA THR A 14 -7.21 -6.10 -3.44
C THR A 14 -6.97 -6.31 -1.95
N LEU A 15 -6.49 -5.26 -1.31
CA LEU A 15 -6.22 -5.31 0.13
C LEU A 15 -7.53 -5.05 0.90
N GLU A 16 -8.41 -4.30 0.26
CA GLU A 16 -9.69 -3.97 0.86
C GLU A 16 -10.48 -5.25 1.17
N ASN A 17 -10.18 -6.29 0.40
CA ASN A 17 -10.86 -7.56 0.56
C ASN A 17 -9.92 -8.54 1.28
N LEU A 18 -8.70 -8.07 1.51
CA LEU A 18 -7.71 -8.89 2.19
C LEU A 18 -8.34 -9.56 3.41
N LEU A 19 -8.29 -8.84 4.53
CA LEU A 19 -8.85 -9.35 5.77
C LEU A 19 -10.11 -8.55 6.11
N THR A 20 -9.95 -7.24 6.16
CA THR A 20 -11.06 -6.35 6.48
C THR A 20 -12.12 -7.10 7.28
N THR A 21 -11.66 -7.74 8.36
CA THR A 21 -12.57 -8.49 9.22
C THR A 21 -11.79 -9.13 10.37
N LYS A 22 -10.74 -9.86 9.99
CA LYS A 22 -9.90 -10.53 10.98
C LYS A 22 -9.08 -9.48 11.73
N GLY A 23 -8.05 -9.00 11.07
CA GLY A 23 -7.17 -8.00 11.67
C GLY A 23 -6.71 -6.99 10.62
N ALA A 24 -5.49 -7.19 10.14
CA ALA A 24 -4.91 -6.30 9.14
C ALA A 24 -3.38 -6.41 9.18
N ASP A 25 -2.88 -6.79 10.34
CA ASP A 25 -1.45 -6.94 10.53
C ASP A 25 -0.90 -7.85 9.43
N LYS A 26 -1.75 -8.74 8.95
CA LYS A 26 -1.36 -9.68 7.92
C LYS A 26 -1.22 -8.93 6.59
N VAL A 27 -1.78 -7.73 6.56
CA VAL A 27 -1.72 -6.91 5.36
C VAL A 27 -0.26 -6.54 5.07
N LYS A 28 0.40 -6.04 6.09
CA LYS A 28 1.80 -5.65 5.95
C LYS A 28 2.64 -6.90 5.64
N ASP A 29 2.07 -8.05 5.95
CA ASP A 29 2.75 -9.31 5.72
C ASP A 29 2.68 -9.64 4.22
N TYR A 30 1.60 -9.21 3.60
CA TYR A 30 1.40 -9.46 2.18
C TYR A 30 1.97 -8.32 1.33
N ILE A 31 2.04 -7.15 1.96
CA ILE A 31 2.56 -5.97 1.28
C ILE A 31 4.08 -6.09 1.17
N SER A 32 4.66 -6.85 2.08
CA SER A 32 6.10 -7.06 2.09
C SER A 32 6.51 -7.98 0.94
N SER A 33 5.78 -9.08 0.83
CA SER A 33 6.06 -10.05 -0.22
C SER A 33 5.95 -9.38 -1.59
N LEU A 34 5.04 -8.42 -1.68
CA LEU A 34 4.82 -7.70 -2.93
C LEU A 34 5.90 -6.61 -3.06
N CYS A 35 6.06 -5.85 -1.99
CA CYS A 35 7.04 -4.77 -1.98
C CYS A 35 8.44 -5.40 -1.96
N ASN A 36 8.46 -6.72 -1.80
CA ASN A 36 9.71 -7.44 -1.77
C ASN A 36 10.33 -7.46 -3.17
N LYS A 37 10.52 -6.27 -3.72
CA LYS A 37 11.10 -6.14 -5.04
C LYS A 37 11.31 -4.66 -5.35
N ALA A 38 11.74 -3.92 -4.33
CA ALA A 38 11.99 -2.50 -4.48
C ALA A 38 13.51 -2.26 -4.57
N SER A 39 14.09 -1.91 -3.42
CA SER A 39 15.51 -1.65 -3.35
C SER A 39 15.96 -0.89 -4.59
N GLY A 40 15.15 0.09 -4.98
CA GLY A 40 15.46 0.90 -6.15
C GLY A 40 14.68 2.21 -6.11
N PHE A 41 14.18 2.60 -7.29
CA PHE A 41 13.42 3.83 -7.41
C PHE A 41 12.23 3.83 -6.44
N ILE A 42 11.74 2.64 -6.15
CA ILE A 42 10.61 2.50 -5.24
C ILE A 42 11.13 2.37 -3.81
N ALA A 43 12.43 2.17 -3.70
CA ALA A 43 13.07 2.03 -2.40
C ALA A 43 12.38 2.96 -1.39
N THR A 44 12.43 4.24 -1.71
CA THR A 44 11.82 5.25 -0.85
C THR A 44 10.30 5.08 -0.83
N LEU A 45 9.79 4.51 -1.92
CA LEU A 45 8.35 4.28 -2.03
C LEU A 45 7.92 3.22 -1.02
N CYS A 46 8.72 2.16 -0.95
CA CYS A 46 8.44 1.07 -0.04
C CYS A 46 8.45 1.62 1.39
N THR A 47 9.56 2.26 1.74
CA THR A 47 9.71 2.83 3.06
C THR A 47 8.66 3.94 3.28
N LYS A 48 8.02 4.32 2.20
CA LYS A 48 7.00 5.35 2.26
C LYS A 48 5.79 4.83 3.04
N VAL A 49 5.36 3.64 2.66
CA VAL A 49 4.22 3.02 3.33
C VAL A 49 4.56 2.76 4.79
N LEU A 50 5.73 2.17 5.00
CA LEU A 50 6.18 1.87 6.34
C LEU A 50 6.23 3.15 7.17
N ASP A 51 6.88 4.16 6.61
CA ASP A 51 7.01 5.44 7.28
C ASP A 51 5.61 5.99 7.56
N PHE A 52 4.75 5.88 6.56
CA PHE A 52 3.38 6.37 6.70
C PHE A 52 2.61 5.56 7.73
N GLY A 53 2.67 4.24 7.57
CA GLY A 53 1.98 3.36 8.49
C GLY A 53 0.94 2.50 7.75
N ILE A 54 1.29 1.24 7.55
CA ILE A 54 0.41 0.31 6.86
C ILE A 54 -1.00 0.47 7.42
N ASP A 55 -1.08 0.63 8.74
CA ASP A 55 -2.36 0.78 9.39
C ASP A 55 -3.05 2.04 8.88
N LYS A 56 -2.25 3.08 8.68
CA LYS A 56 -2.77 4.34 8.19
C LYS A 56 -3.43 4.12 6.83
N LEU A 57 -2.66 3.57 5.91
CA LEU A 57 -3.14 3.30 4.57
C LEU A 57 -4.55 2.69 4.66
N ILE A 58 -4.68 1.76 5.59
CA ILE A 58 -5.96 1.09 5.79
C ILE A 58 -6.97 2.09 6.36
N GLN A 59 -6.48 2.93 7.25
CA GLN A 59 -7.34 3.93 7.87
C GLN A 59 -7.94 4.85 6.80
N LEU A 60 -7.11 5.22 5.84
CA LEU A 60 -7.55 6.09 4.77
C LEU A 60 -8.69 5.42 4.01
N ILE A 61 -8.40 4.22 3.51
CA ILE A 61 -9.39 3.45 2.77
C ILE A 61 -10.69 3.39 3.57
N GLU A 62 -10.54 3.10 4.86
CA GLU A 62 -11.70 3.00 5.74
C GLU A 62 -12.52 4.30 5.68
N ASP A 63 -11.80 5.41 5.63
CA ASP A 63 -12.45 6.71 5.57
C ASP A 63 -13.12 6.88 4.20
N LYS A 64 -12.31 6.86 3.17
CA LYS A 64 -12.81 7.00 1.81
C LYS A 64 -11.68 7.44 0.89
N VAL A 65 -10.54 6.80 1.06
CA VAL A 65 -9.37 7.10 0.25
C VAL A 65 -9.10 5.96 -0.73
N ASP A 66 -9.36 6.24 -2.00
CA ASP A 66 -9.15 5.24 -3.04
C ASP A 66 -7.75 4.64 -2.89
N ALA A 67 -7.45 3.72 -3.80
CA ALA A 67 -6.15 3.05 -3.78
C ALA A 67 -5.11 3.96 -4.42
N ASN A 68 -5.58 4.77 -5.37
CA ASN A 68 -4.70 5.68 -6.07
C ASN A 68 -4.44 6.91 -5.20
N ALA A 69 -5.53 7.49 -4.72
CA ALA A 69 -5.44 8.67 -3.87
C ALA A 69 -4.49 8.38 -2.70
N ILE A 70 -4.54 7.14 -2.24
CA ILE A 70 -3.69 6.73 -1.13
C ILE A 70 -2.26 6.57 -1.63
N CYS A 71 -2.13 5.89 -2.75
CA CYS A 71 -0.82 5.65 -3.34
C CYS A 71 -0.21 7.00 -3.72
N ALA A 72 -1.06 8.02 -3.73
CA ALA A 72 -0.64 9.37 -4.06
C ALA A 72 0.05 9.99 -2.84
N LYS A 73 -0.56 9.78 -1.69
CA LYS A 73 -0.02 10.32 -0.45
C LYS A 73 1.46 9.97 -0.35
N ILE A 74 1.73 8.68 -0.14
CA ILE A 74 3.09 8.21 -0.02
C ILE A 74 3.84 8.48 -1.33
N HIS A 75 3.09 8.93 -2.32
CA HIS A 75 3.65 9.24 -3.62
C HIS A 75 4.18 7.95 -4.27
N ALA A 76 3.27 7.24 -4.91
CA ALA A 76 3.62 5.99 -5.57
C ALA A 76 2.84 5.87 -6.88
N CYS A 77 3.24 6.69 -7.85
CA CYS A 77 2.60 6.69 -9.14
C CYS A 77 3.42 7.57 -10.09
N GLY A 1 4.60 10.11 -14.40
CA GLY A 1 4.77 9.37 -13.17
C GLY A 1 3.86 8.14 -13.16
N GLU A 2 4.44 6.99 -13.48
CA GLU A 2 3.70 5.74 -13.50
C GLU A 2 4.64 4.57 -13.25
N ILE A 3 5.51 4.74 -12.27
CA ILE A 3 6.47 3.71 -11.91
C ILE A 3 5.71 2.44 -11.51
N LEU A 4 5.25 2.42 -10.28
CA LEU A 4 4.51 1.28 -9.76
C LEU A 4 3.18 1.77 -9.19
N CYS A 5 2.51 2.63 -9.95
CA CYS A 5 1.23 3.17 -9.52
C CYS A 5 0.21 2.02 -9.51
N ASN A 6 -0.07 1.51 -10.70
CA ASN A 6 -1.02 0.42 -10.84
C ASN A 6 -0.59 -0.74 -9.94
N LEU A 7 0.68 -0.72 -9.57
CA LEU A 7 1.23 -1.77 -8.72
C LEU A 7 0.60 -1.67 -7.33
N CYS A 8 1.12 -0.73 -6.54
CA CYS A 8 0.61 -0.54 -5.19
C CYS A 8 -0.91 -0.46 -5.26
N THR A 9 -1.40 0.60 -5.88
CA THR A 9 -2.83 0.79 -6.02
C THR A 9 -3.52 -0.52 -6.40
N GLY A 10 -2.74 -1.39 -7.02
CA GLY A 10 -3.26 -2.69 -7.44
C GLY A 10 -3.42 -3.62 -6.24
N LEU A 11 -2.47 -3.55 -5.33
CA LEU A 11 -2.49 -4.38 -4.14
C LEU A 11 -3.41 -3.74 -3.09
N ILE A 12 -3.38 -2.42 -3.06
CA ILE A 12 -4.19 -1.67 -2.11
C ILE A 12 -5.64 -2.16 -2.20
N ASN A 13 -6.13 -2.22 -3.43
CA ASN A 13 -7.50 -2.67 -3.66
C ASN A 13 -7.71 -4.02 -2.99
N THR A 14 -6.66 -4.82 -3.01
CA THR A 14 -6.72 -6.15 -2.41
C THR A 14 -6.77 -6.04 -0.90
N LEU A 15 -6.19 -4.97 -0.38
CA LEU A 15 -6.17 -4.74 1.05
C LEU A 15 -7.60 -4.45 1.54
N GLU A 16 -8.43 -4.01 0.61
CA GLU A 16 -9.81 -3.70 0.92
C GLU A 16 -10.61 -5.00 1.12
N ASN A 17 -10.11 -6.06 0.51
CA ASN A 17 -10.77 -7.35 0.62
C ASN A 17 -9.84 -8.34 1.33
N LEU A 18 -8.61 -7.89 1.56
CA LEU A 18 -7.63 -8.71 2.23
C LEU A 18 -8.21 -9.22 3.55
N LEU A 19 -8.03 -8.41 4.60
CA LEU A 19 -8.53 -8.77 5.91
C LEU A 19 -9.63 -7.79 6.32
N THR A 20 -9.26 -6.51 6.33
CA THR A 20 -10.19 -5.46 6.70
C THR A 20 -11.20 -5.99 7.73
N THR A 21 -10.70 -6.79 8.65
CA THR A 21 -11.54 -7.36 9.68
C THR A 21 -10.71 -8.22 10.63
N LYS A 22 -9.76 -8.93 10.06
CA LYS A 22 -8.89 -9.80 10.84
C LYS A 22 -8.10 -8.95 11.84
N GLY A 23 -7.29 -8.05 11.30
CA GLY A 23 -6.49 -7.18 12.15
C GLY A 23 -5.69 -6.20 11.29
N ALA A 24 -5.29 -6.67 10.12
CA ALA A 24 -4.52 -5.83 9.20
C ALA A 24 -3.03 -6.13 9.40
N ASP A 25 -2.76 -7.30 9.95
CA ASP A 25 -1.38 -7.71 10.19
C ASP A 25 -0.86 -8.48 8.97
N LYS A 26 -1.72 -9.34 8.44
CA LYS A 26 -1.36 -10.14 7.29
C LYS A 26 -1.13 -9.21 6.09
N VAL A 27 -1.59 -7.98 6.24
CA VAL A 27 -1.45 -7.00 5.18
C VAL A 27 0.04 -6.68 4.98
N LYS A 28 0.69 -6.34 6.08
CA LYS A 28 2.11 -6.01 6.04
C LYS A 28 2.91 -7.27 5.72
N ASP A 29 2.24 -8.41 5.83
CA ASP A 29 2.86 -9.69 5.56
C ASP A 29 2.85 -9.94 4.05
N TYR A 30 1.76 -9.52 3.42
CA TYR A 30 1.62 -9.69 1.98
C TYR A 30 2.16 -8.48 1.22
N ILE A 31 2.19 -7.35 1.92
CA ILE A 31 2.67 -6.11 1.32
C ILE A 31 4.20 -6.18 1.22
N SER A 32 4.80 -6.85 2.18
CA SER A 32 6.25 -7.00 2.20
C SER A 32 6.69 -8.00 1.15
N SER A 33 6.02 -9.14 1.14
CA SER A 33 6.34 -10.20 0.18
C SER A 33 6.18 -9.67 -1.24
N LEU A 34 5.22 -8.76 -1.40
CA LEU A 34 4.96 -8.19 -2.70
C LEU A 34 5.96 -7.07 -2.97
N CYS A 35 6.10 -6.19 -1.98
CA CYS A 35 7.03 -5.07 -2.09
C CYS A 35 8.45 -5.62 -2.03
N ASN A 36 8.55 -6.91 -1.76
CA ASN A 36 9.84 -7.57 -1.68
C ASN A 36 10.44 -7.69 -3.08
N LYS A 37 10.54 -6.55 -3.75
CA LYS A 37 11.10 -6.52 -5.09
C LYS A 37 11.21 -5.06 -5.55
N ALA A 38 11.60 -4.21 -4.62
CA ALA A 38 11.75 -2.80 -4.91
C ALA A 38 13.24 -2.45 -5.00
N SER A 39 13.79 -2.05 -3.87
CA SER A 39 15.20 -1.69 -3.80
C SER A 39 15.60 -0.91 -5.05
N GLY A 40 14.75 0.03 -5.42
CA GLY A 40 14.99 0.86 -6.59
C GLY A 40 14.30 2.21 -6.47
N PHE A 41 13.78 2.68 -7.60
CA PHE A 41 13.07 3.95 -7.64
C PHE A 41 11.90 3.95 -6.65
N ILE A 42 11.34 2.77 -6.45
CA ILE A 42 10.22 2.63 -5.54
C ILE A 42 10.75 2.43 -4.11
N ALA A 43 12.04 2.18 -4.02
CA ALA A 43 12.68 1.96 -2.73
C ALA A 43 12.05 2.90 -1.69
N THR A 44 12.14 4.19 -1.98
CA THR A 44 11.59 5.19 -1.08
C THR A 44 10.05 5.09 -1.06
N LEU A 45 9.51 4.58 -2.14
CA LEU A 45 8.06 4.43 -2.26
C LEU A 45 7.59 3.36 -1.27
N CYS A 46 8.40 2.32 -1.15
CA CYS A 46 8.07 1.22 -0.24
C CYS A 46 8.23 1.73 1.20
N THR A 47 9.45 2.14 1.52
CA THR A 47 9.74 2.65 2.85
C THR A 47 8.76 3.76 3.22
N LYS A 48 8.14 4.33 2.20
CA LYS A 48 7.20 5.41 2.40
C LYS A 48 5.98 4.88 3.16
N VAL A 49 5.33 3.89 2.56
CA VAL A 49 4.16 3.29 3.17
C VAL A 49 4.48 2.90 4.61
N LEU A 50 5.67 2.34 4.79
CA LEU A 50 6.12 1.92 6.11
C LEU A 50 6.20 3.14 7.02
N ASP A 51 7.01 4.10 6.61
CA ASP A 51 7.20 5.31 7.39
C ASP A 51 5.82 5.86 7.79
N PHE A 52 4.88 5.73 6.88
CA PHE A 52 3.52 6.21 7.12
C PHE A 52 2.75 5.22 8.00
N GLY A 53 2.73 3.97 7.56
CA GLY A 53 2.03 2.93 8.29
C GLY A 53 0.87 2.36 7.46
N ILE A 54 1.10 1.15 6.96
CA ILE A 54 0.09 0.48 6.15
C ILE A 54 -1.27 0.60 6.84
N ASP A 55 -1.24 0.51 8.15
CA ASP A 55 -2.46 0.60 8.94
C ASP A 55 -3.08 1.99 8.76
N LYS A 56 -2.20 2.98 8.64
CA LYS A 56 -2.63 4.35 8.46
C LYS A 56 -3.46 4.46 7.18
N LEU A 57 -2.83 4.06 6.08
CA LEU A 57 -3.49 4.11 4.79
C LEU A 57 -4.84 3.40 4.88
N ILE A 58 -4.84 2.28 5.60
CA ILE A 58 -6.05 1.51 5.78
C ILE A 58 -7.12 2.38 6.47
N GLN A 59 -6.66 3.11 7.47
CA GLN A 59 -7.56 3.98 8.21
C GLN A 59 -8.21 5.01 7.28
N LEU A 60 -7.56 5.21 6.14
CA LEU A 60 -8.06 6.15 5.15
C LEU A 60 -9.23 5.51 4.40
N ILE A 61 -8.93 4.40 3.75
CA ILE A 61 -9.94 3.69 2.98
C ILE A 61 -11.28 3.74 3.73
N GLU A 62 -11.17 3.77 5.05
CA GLU A 62 -12.36 3.82 5.89
C GLU A 62 -13.25 4.99 5.49
N ASP A 63 -12.62 6.16 5.40
CA ASP A 63 -13.34 7.37 5.04
C ASP A 63 -13.74 7.28 3.55
N LYS A 64 -12.72 7.21 2.71
CA LYS A 64 -12.95 7.12 1.27
C LYS A 64 -11.67 7.54 0.54
N VAL A 65 -10.75 6.60 0.43
CA VAL A 65 -9.48 6.84 -0.24
C VAL A 65 -9.15 5.66 -1.13
N ASP A 66 -9.39 5.85 -2.43
CA ASP A 66 -9.11 4.80 -3.41
C ASP A 66 -7.70 4.25 -3.17
N ALA A 67 -7.36 3.25 -3.96
CA ALA A 67 -6.06 2.62 -3.85
C ALA A 67 -4.99 3.59 -4.35
N ASN A 68 -5.27 4.20 -5.49
CA ASN A 68 -4.35 5.15 -6.09
C ASN A 68 -4.16 6.34 -5.14
N ALA A 69 -5.27 6.97 -4.81
CA ALA A 69 -5.24 8.12 -3.92
C ALA A 69 -4.40 7.78 -2.69
N ILE A 70 -4.46 6.51 -2.30
CA ILE A 70 -3.71 6.04 -1.14
C ILE A 70 -2.22 5.99 -1.50
N CYS A 71 -1.95 5.68 -2.76
CA CYS A 71 -0.59 5.59 -3.23
C CYS A 71 -0.12 6.99 -3.62
N ALA A 72 -1.03 7.94 -3.50
CA ALA A 72 -0.72 9.32 -3.83
C ALA A 72 -0.06 10.00 -2.63
N LYS A 73 -0.65 9.75 -1.46
CA LYS A 73 -0.13 10.33 -0.23
C LYS A 73 1.35 9.96 -0.09
N ILE A 74 1.60 8.66 -0.09
CA ILE A 74 2.96 8.16 0.05
C ILE A 74 3.67 8.27 -1.31
N HIS A 75 3.00 8.93 -2.23
CA HIS A 75 3.55 9.11 -3.57
C HIS A 75 4.27 7.82 -4.00
N ALA A 76 3.62 6.71 -3.76
CA ALA A 76 4.18 5.42 -4.13
C ALA A 76 3.77 5.06 -5.55
N CYS A 77 3.55 6.10 -6.34
CA CYS A 77 3.16 5.91 -7.73
C CYS A 77 4.30 5.23 -8.47
N GLY A 1 4.76 3.86 -18.35
CA GLY A 1 5.08 4.46 -17.08
C GLY A 1 4.21 3.88 -15.96
N GLU A 2 4.82 3.01 -15.17
CA GLU A 2 4.12 2.37 -14.07
C GLU A 2 5.09 1.59 -13.19
N ILE A 3 6.01 2.32 -12.57
CA ILE A 3 7.01 1.70 -11.72
C ILE A 3 6.31 0.76 -10.73
N LEU A 4 5.46 1.34 -9.90
CA LEU A 4 4.72 0.57 -8.91
C LEU A 4 3.41 1.28 -8.59
N CYS A 5 2.75 1.75 -9.64
CA CYS A 5 1.49 2.45 -9.49
C CYS A 5 0.35 1.42 -9.54
N ASN A 6 0.17 0.86 -10.72
CA ASN A 6 -0.87 -0.14 -10.91
C ASN A 6 -0.65 -1.30 -9.93
N LEU A 7 0.61 -1.48 -9.55
CA LEU A 7 0.96 -2.54 -8.62
C LEU A 7 0.47 -2.16 -7.22
N CYS A 8 0.81 -0.94 -6.82
CA CYS A 8 0.42 -0.45 -5.50
C CYS A 8 -1.10 -0.33 -5.48
N THR A 9 -1.58 0.79 -6.00
CA THR A 9 -3.02 1.04 -6.04
C THR A 9 -3.77 -0.26 -6.35
N GLY A 10 -3.11 -1.14 -7.08
CA GLY A 10 -3.71 -2.41 -7.45
C GLY A 10 -3.79 -3.35 -6.26
N LEU A 11 -2.72 -3.34 -5.46
CA LEU A 11 -2.67 -4.18 -4.28
C LEU A 11 -3.51 -3.56 -3.17
N ILE A 12 -3.52 -2.23 -3.15
CA ILE A 12 -4.29 -1.51 -2.14
C ILE A 12 -5.72 -2.05 -2.11
N ASN A 13 -6.32 -2.08 -3.30
CA ASN A 13 -7.69 -2.56 -3.42
C ASN A 13 -7.77 -3.99 -2.90
N THR A 14 -6.68 -4.73 -3.10
CA THR A 14 -6.61 -6.10 -2.67
C THR A 14 -6.55 -6.18 -1.14
N LEU A 15 -6.06 -5.10 -0.54
CA LEU A 15 -5.94 -5.03 0.90
C LEU A 15 -7.34 -4.96 1.52
N GLU A 16 -8.25 -4.33 0.78
CA GLU A 16 -9.62 -4.18 1.24
C GLU A 16 -10.34 -5.52 1.17
N ASN A 17 -9.84 -6.39 0.32
CA ASN A 17 -10.43 -7.71 0.15
C ASN A 17 -9.47 -8.77 0.71
N LEU A 18 -8.30 -8.31 1.12
CA LEU A 18 -7.30 -9.20 1.68
C LEU A 18 -7.88 -9.94 2.88
N LEU A 19 -7.75 -9.32 4.04
CA LEU A 19 -8.26 -9.91 5.26
C LEU A 19 -9.61 -9.27 5.61
N THR A 20 -9.62 -7.95 5.54
CA THR A 20 -10.84 -7.20 5.85
C THR A 20 -11.55 -7.81 7.06
N THR A 21 -10.77 -8.50 7.88
CA THR A 21 -11.31 -9.13 9.07
C THR A 21 -10.33 -10.17 9.62
N LYS A 22 -9.74 -10.92 8.70
CA LYS A 22 -8.79 -11.95 9.07
C LYS A 22 -7.69 -11.32 9.94
N GLY A 23 -7.44 -10.05 9.68
CA GLY A 23 -6.41 -9.33 10.42
C GLY A 23 -5.68 -8.34 9.52
N ALA A 24 -5.91 -7.06 9.77
CA ALA A 24 -5.28 -6.01 8.99
C ALA A 24 -3.76 -6.11 9.16
N ASP A 25 -3.35 -6.87 10.17
CA ASP A 25 -1.94 -7.06 10.44
C ASP A 25 -1.33 -7.98 9.39
N LYS A 26 -2.12 -8.95 8.98
CA LYS A 26 -1.68 -9.91 7.98
C LYS A 26 -1.52 -9.20 6.63
N VAL A 27 -2.13 -8.02 6.54
CA VAL A 27 -2.06 -7.24 5.33
C VAL A 27 -0.62 -6.80 5.09
N LYS A 28 -0.03 -6.19 6.11
CA LYS A 28 1.34 -5.72 6.02
C LYS A 28 2.25 -6.89 5.68
N ASP A 29 1.74 -8.10 5.94
CA ASP A 29 2.50 -9.30 5.68
C ASP A 29 2.56 -9.54 4.17
N TYR A 30 1.46 -9.22 3.50
CA TYR A 30 1.37 -9.38 2.06
C TYR A 30 1.94 -8.16 1.33
N ILE A 31 1.82 -7.02 1.98
CA ILE A 31 2.31 -5.77 1.40
C ILE A 31 3.84 -5.81 1.35
N SER A 32 4.42 -6.48 2.34
CA SER A 32 5.87 -6.59 2.41
C SER A 32 6.37 -7.59 1.37
N SER A 33 5.63 -8.68 1.25
CA SER A 33 5.99 -9.73 0.30
C SER A 33 5.86 -9.19 -1.13
N LEU A 34 4.87 -8.32 -1.31
CA LEU A 34 4.62 -7.73 -2.62
C LEU A 34 5.63 -6.61 -2.87
N CYS A 35 5.74 -5.73 -1.88
CA CYS A 35 6.66 -4.61 -1.98
C CYS A 35 8.09 -5.16 -1.98
N ASN A 36 8.24 -6.33 -1.38
CA ASN A 36 9.54 -6.98 -1.31
C ASN A 36 10.24 -6.87 -2.67
N LYS A 37 9.42 -6.79 -3.71
CA LYS A 37 9.93 -6.69 -5.06
C LYS A 37 10.25 -5.22 -5.37
N ALA A 38 10.98 -4.61 -4.45
CA ALA A 38 11.36 -3.21 -4.61
C ALA A 38 12.89 -3.11 -4.67
N SER A 39 13.48 -2.78 -3.54
CA SER A 39 14.93 -2.65 -3.46
C SER A 39 15.46 -2.01 -4.73
N GLY A 40 14.74 -1.00 -5.21
CA GLY A 40 15.13 -0.30 -6.42
C GLY A 40 14.61 1.14 -6.40
N PHE A 41 13.99 1.52 -7.52
CA PHE A 41 13.45 2.86 -7.64
C PHE A 41 12.33 3.10 -6.63
N ILE A 42 11.64 2.02 -6.31
CA ILE A 42 10.54 2.09 -5.35
C ILE A 42 11.09 1.90 -3.94
N ALA A 43 12.34 1.47 -3.87
CA ALA A 43 12.99 1.23 -2.60
C ALA A 43 12.52 2.28 -1.59
N THR A 44 12.78 3.54 -1.93
CA THR A 44 12.39 4.64 -1.06
C THR A 44 10.86 4.75 -0.99
N LEU A 45 10.22 4.28 -2.05
CA LEU A 45 8.76 4.32 -2.12
C LEU A 45 8.19 3.37 -1.08
N CYS A 46 8.84 2.22 -0.94
CA CYS A 46 8.40 1.22 0.03
C CYS A 46 8.61 1.78 1.43
N THR A 47 9.81 2.27 1.67
CA THR A 47 10.16 2.84 2.96
C THR A 47 9.14 3.91 3.36
N LYS A 48 8.54 4.52 2.34
CA LYS A 48 7.56 5.56 2.57
C LYS A 48 6.36 4.97 3.32
N VAL A 49 5.75 3.98 2.70
CA VAL A 49 4.59 3.32 3.30
C VAL A 49 4.87 3.06 4.78
N LEU A 50 6.11 2.68 5.06
CA LEU A 50 6.51 2.40 6.42
C LEU A 50 6.47 3.68 7.24
N ASP A 51 6.99 4.75 6.64
CA ASP A 51 7.03 6.04 7.30
C ASP A 51 5.59 6.50 7.56
N PHE A 52 4.72 6.20 6.62
CA PHE A 52 3.33 6.58 6.73
C PHE A 52 2.59 5.67 7.73
N GLY A 53 2.75 4.38 7.52
CA GLY A 53 2.12 3.40 8.39
C GLY A 53 1.13 2.52 7.60
N ILE A 54 1.55 1.29 7.37
CA ILE A 54 0.71 0.35 6.63
C ILE A 54 -0.71 0.39 7.19
N ASP A 55 -0.79 0.53 8.50
CA ASP A 55 -2.08 0.58 9.17
C ASP A 55 -2.85 1.82 8.68
N LYS A 56 -2.10 2.88 8.45
CA LYS A 56 -2.69 4.12 7.98
C LYS A 56 -3.37 3.89 6.63
N LEU A 57 -2.57 3.45 5.67
CA LEU A 57 -3.07 3.18 4.34
C LEU A 57 -4.43 2.49 4.44
N ILE A 58 -4.53 1.57 5.38
CA ILE A 58 -5.76 0.83 5.60
C ILE A 58 -6.81 1.77 6.19
N GLN A 59 -6.42 2.45 7.25
CA GLN A 59 -7.31 3.38 7.92
C GLN A 59 -8.00 4.28 6.90
N LEU A 60 -7.21 4.72 5.92
CA LEU A 60 -7.72 5.59 4.88
C LEU A 60 -8.82 4.87 4.12
N ILE A 61 -8.46 3.74 3.53
CA ILE A 61 -9.40 2.94 2.76
C ILE A 61 -10.68 2.76 3.58
N GLU A 62 -10.50 2.45 4.86
CA GLU A 62 -11.63 2.25 5.75
C GLU A 62 -12.55 3.47 5.72
N ASP A 63 -11.93 4.64 5.66
CA ASP A 63 -12.68 5.89 5.63
C ASP A 63 -13.32 6.06 4.24
N LYS A 64 -12.46 6.17 3.24
CA LYS A 64 -12.92 6.34 1.88
C LYS A 64 -11.82 6.99 1.04
N VAL A 65 -10.72 6.28 0.90
CA VAL A 65 -9.59 6.78 0.14
C VAL A 65 -9.26 5.78 -0.99
N ASP A 66 -9.44 6.24 -2.21
CA ASP A 66 -9.17 5.42 -3.37
C ASP A 66 -7.78 4.78 -3.22
N ALA A 67 -7.43 3.97 -4.20
CA ALA A 67 -6.15 3.29 -4.19
C ALA A 67 -5.07 4.23 -4.73
N ASN A 68 -5.47 5.03 -5.71
CA ASN A 68 -4.56 5.99 -6.31
C ASN A 68 -4.32 7.15 -5.34
N ALA A 69 -5.42 7.70 -4.85
CA ALA A 69 -5.34 8.81 -3.92
C ALA A 69 -4.40 8.46 -2.77
N ILE A 70 -4.57 7.24 -2.27
CA ILE A 70 -3.75 6.75 -1.18
C ILE A 70 -2.31 6.60 -1.66
N CYS A 71 -2.18 6.20 -2.91
CA CYS A 71 -0.86 6.02 -3.51
C CYS A 71 -0.36 7.37 -4.00
N ALA A 72 -1.14 8.40 -3.70
CA ALA A 72 -0.78 9.75 -4.10
C ALA A 72 0.06 10.41 -3.00
N LYS A 73 -0.38 10.21 -1.77
CA LYS A 73 0.32 10.77 -0.63
C LYS A 73 1.78 10.29 -0.64
N ILE A 74 1.92 8.98 -0.59
CA ILE A 74 3.24 8.37 -0.59
C ILE A 74 3.78 8.33 -2.02
N HIS A 75 3.08 9.03 -2.91
CA HIS A 75 3.47 9.08 -4.31
C HIS A 75 4.14 7.76 -4.70
N ALA A 76 3.46 6.67 -4.38
CA ALA A 76 3.97 5.34 -4.69
C ALA A 76 3.56 4.97 -6.11
N CYS A 77 3.00 5.95 -6.81
CA CYS A 77 2.55 5.74 -8.18
C CYS A 77 3.79 5.40 -9.03
N GLY A 1 7.56 9.07 -11.36
CA GLY A 1 6.26 9.72 -11.35
C GLY A 1 5.25 8.94 -12.19
N GLU A 2 4.49 8.08 -11.51
CA GLU A 2 3.50 7.28 -12.19
C GLU A 2 4.16 6.08 -12.88
N ILE A 3 5.13 5.51 -12.20
CA ILE A 3 5.85 4.38 -12.74
C ILE A 3 4.87 3.22 -12.98
N LEU A 4 4.33 2.71 -11.88
CA LEU A 4 3.38 1.62 -11.95
C LEU A 4 2.40 1.71 -10.78
N CYS A 5 1.88 2.91 -10.59
CA CYS A 5 0.93 3.15 -9.51
C CYS A 5 -0.14 2.06 -9.56
N ASN A 6 -0.63 1.81 -10.77
CA ASN A 6 -1.65 0.80 -10.96
C ASN A 6 -1.27 -0.46 -10.18
N LEU A 7 0.03 -0.61 -9.96
CA LEU A 7 0.54 -1.76 -9.23
C LEU A 7 0.01 -1.73 -7.80
N CYS A 8 0.56 -0.81 -7.01
CA CYS A 8 0.15 -0.67 -5.63
C CYS A 8 -1.38 -0.62 -5.57
N THR A 9 -1.94 0.32 -6.32
CA THR A 9 -3.38 0.48 -6.36
C THR A 9 -4.06 -0.85 -6.69
N GLY A 10 -3.26 -1.76 -7.23
CA GLY A 10 -3.76 -3.08 -7.59
C GLY A 10 -3.82 -3.99 -6.37
N LEU A 11 -2.83 -3.84 -5.50
CA LEU A 11 -2.74 -4.64 -4.29
C LEU A 11 -3.61 -4.01 -3.21
N ILE A 12 -3.66 -2.68 -3.24
CA ILE A 12 -4.44 -1.94 -2.27
C ILE A 12 -5.90 -2.40 -2.32
N ASN A 13 -6.47 -2.27 -3.52
CA ASN A 13 -7.86 -2.66 -3.72
C ASN A 13 -8.04 -4.11 -3.26
N THR A 14 -7.11 -4.95 -3.69
CA THR A 14 -7.17 -6.37 -3.33
C THR A 14 -6.85 -6.55 -1.85
N LEU A 15 -6.49 -5.44 -1.21
CA LEU A 15 -6.17 -5.47 0.21
C LEU A 15 -7.44 -5.20 1.02
N GLU A 16 -8.35 -4.46 0.40
CA GLU A 16 -9.60 -4.12 1.05
C GLU A 16 -10.38 -5.38 1.42
N ASN A 17 -10.10 -6.45 0.66
CA ASN A 17 -10.77 -7.71 0.89
C ASN A 17 -9.81 -8.66 1.61
N LEU A 18 -8.59 -8.18 1.80
CA LEU A 18 -7.58 -8.98 2.48
C LEU A 18 -8.15 -9.53 3.79
N LEU A 19 -7.97 -8.76 4.85
CA LEU A 19 -8.46 -9.15 6.16
C LEU A 19 -9.63 -8.25 6.55
N THR A 20 -9.38 -6.95 6.53
CA THR A 20 -10.40 -5.98 6.89
C THR A 20 -11.32 -6.55 7.96
N THR A 21 -10.72 -7.29 8.88
CA THR A 21 -11.48 -7.89 9.96
C THR A 21 -10.55 -8.70 10.88
N LYS A 22 -9.61 -9.40 10.26
CA LYS A 22 -8.66 -10.21 11.00
C LYS A 22 -7.90 -9.32 11.98
N GLY A 23 -7.24 -8.31 11.43
CA GLY A 23 -6.47 -7.38 12.24
C GLY A 23 -5.73 -6.37 11.37
N ALA A 24 -5.37 -6.82 10.17
CA ALA A 24 -4.66 -5.97 9.23
C ALA A 24 -3.15 -6.11 9.46
N ASP A 25 -2.77 -7.28 9.96
CA ASP A 25 -1.38 -7.55 10.22
C ASP A 25 -0.79 -8.36 9.06
N LYS A 26 -1.61 -9.23 8.52
CA LYS A 26 -1.18 -10.07 7.41
C LYS A 26 -1.03 -9.20 6.15
N VAL A 27 -1.57 -7.99 6.24
CA VAL A 27 -1.50 -7.06 5.13
C VAL A 27 -0.04 -6.63 4.92
N LYS A 28 0.56 -6.16 6.01
CA LYS A 28 1.95 -5.73 5.97
C LYS A 28 2.85 -6.93 5.67
N ASP A 29 2.26 -8.11 5.78
CA ASP A 29 3.00 -9.33 5.53
C ASP A 29 3.02 -9.61 4.03
N TYR A 30 1.90 -9.31 3.39
CA TYR A 30 1.79 -9.51 1.95
C TYR A 30 2.33 -8.32 1.17
N ILE A 31 2.23 -7.15 1.79
CA ILE A 31 2.70 -5.93 1.17
C ILE A 31 4.23 -5.95 1.10
N SER A 32 4.83 -6.57 2.11
CA SER A 32 6.27 -6.67 2.17
C SER A 32 6.76 -7.74 1.20
N SER A 33 5.95 -8.78 1.06
CA SER A 33 6.28 -9.88 0.16
C SER A 33 6.24 -9.40 -1.29
N LEU A 34 5.25 -8.55 -1.56
CA LEU A 34 5.09 -8.02 -2.91
C LEU A 34 6.07 -6.86 -3.13
N CYS A 35 6.15 -6.00 -2.12
CA CYS A 35 7.03 -4.86 -2.19
C CYS A 35 8.48 -5.37 -2.10
N ASN A 36 8.63 -6.53 -1.48
CA ASN A 36 9.94 -7.13 -1.31
C ASN A 36 10.72 -6.97 -2.62
N LYS A 37 10.00 -6.92 -3.72
CA LYS A 37 10.60 -6.77 -5.02
C LYS A 37 10.83 -5.28 -5.31
N ALA A 38 11.41 -4.60 -4.33
CA ALA A 38 11.67 -3.19 -4.47
C ALA A 38 13.19 -2.95 -4.44
N SER A 39 13.66 -2.45 -3.31
CA SER A 39 15.07 -2.17 -3.13
C SER A 39 15.65 -1.55 -4.41
N GLY A 40 14.94 -0.55 -4.90
CA GLY A 40 15.37 0.14 -6.11
C GLY A 40 14.74 1.53 -6.21
N PHE A 41 13.87 1.69 -7.20
CA PHE A 41 13.19 2.96 -7.41
C PHE A 41 12.04 3.13 -6.43
N ILE A 42 11.42 2.01 -6.09
CA ILE A 42 10.30 2.03 -5.16
C ILE A 42 10.84 1.90 -3.73
N ALA A 43 12.11 1.57 -3.64
CA ALA A 43 12.75 1.42 -2.35
C ALA A 43 12.17 2.45 -1.37
N THR A 44 12.35 3.71 -1.73
CA THR A 44 11.85 4.80 -0.89
C THR A 44 10.32 4.77 -0.85
N LEU A 45 9.74 4.24 -1.91
CA LEU A 45 8.29 4.15 -2.00
C LEU A 45 7.77 3.17 -0.95
N CYS A 46 8.51 2.07 -0.78
CA CYS A 46 8.13 1.06 0.18
C CYS A 46 8.31 1.65 1.58
N THR A 47 9.47 2.23 1.81
CA THR A 47 9.76 2.84 3.10
C THR A 47 8.77 3.95 3.41
N LYS A 48 8.13 4.45 2.35
CA LYS A 48 7.16 5.51 2.50
C LYS A 48 5.93 4.99 3.25
N VAL A 49 5.48 3.81 2.82
CA VAL A 49 4.32 3.19 3.44
C VAL A 49 4.60 2.97 4.93
N LEU A 50 5.81 2.51 5.21
CA LEU A 50 6.22 2.24 6.57
C LEU A 50 6.27 3.56 7.34
N ASP A 51 6.91 4.54 6.74
CA ASP A 51 7.05 5.86 7.36
C ASP A 51 5.66 6.43 7.61
N PHE A 52 4.73 6.09 6.71
CA PHE A 52 3.38 6.57 6.83
C PHE A 52 2.61 5.79 7.90
N GLY A 53 2.57 4.47 7.71
CA GLY A 53 1.87 3.61 8.65
C GLY A 53 0.88 2.71 7.92
N ILE A 54 1.26 1.45 7.78
CA ILE A 54 0.41 0.47 7.11
C ILE A 54 -1.03 0.63 7.61
N ASP A 55 -1.14 0.88 8.91
CA ASP A 55 -2.45 1.06 9.52
C ASP A 55 -3.14 2.28 8.92
N LYS A 56 -2.34 3.33 8.71
CA LYS A 56 -2.85 4.56 8.15
C LYS A 56 -3.53 4.26 6.81
N LEU A 57 -2.76 3.64 5.92
CA LEU A 57 -3.26 3.29 4.61
C LEU A 57 -4.68 2.72 4.75
N ILE A 58 -4.82 1.81 5.70
CA ILE A 58 -6.11 1.17 5.94
C ILE A 58 -7.10 2.22 6.44
N GLN A 59 -6.59 3.13 7.28
CA GLN A 59 -7.42 4.18 7.83
C GLN A 59 -8.00 5.04 6.71
N LEU A 60 -7.16 5.33 5.73
CA LEU A 60 -7.57 6.14 4.60
C LEU A 60 -8.71 5.44 3.86
N ILE A 61 -8.43 4.22 3.43
CA ILE A 61 -9.42 3.44 2.72
C ILE A 61 -10.71 3.37 3.54
N GLU A 62 -10.54 3.15 4.83
CA GLU A 62 -11.68 3.08 5.74
C GLU A 62 -12.55 4.32 5.60
N ASP A 63 -11.90 5.46 5.46
CA ASP A 63 -12.60 6.73 5.31
C ASP A 63 -13.21 6.80 3.91
N LYS A 64 -12.33 6.83 2.92
CA LYS A 64 -12.77 6.90 1.53
C LYS A 64 -11.62 7.43 0.67
N VAL A 65 -10.52 6.70 0.71
CA VAL A 65 -9.35 7.08 -0.06
C VAL A 65 -9.04 5.99 -1.09
N ASP A 66 -9.24 6.32 -2.36
CA ASP A 66 -9.00 5.39 -3.44
C ASP A 66 -7.62 4.74 -3.24
N ALA A 67 -7.29 3.85 -4.16
CA ALA A 67 -6.00 3.17 -4.10
C ALA A 67 -4.90 4.10 -4.60
N ASN A 68 -5.29 4.98 -5.51
CA ASN A 68 -4.35 5.94 -6.07
C ASN A 68 -4.16 7.10 -5.09
N ALA A 69 -5.29 7.66 -4.68
CA ALA A 69 -5.27 8.78 -3.76
C ALA A 69 -4.44 8.40 -2.52
N ILE A 70 -4.45 7.11 -2.23
CA ILE A 70 -3.70 6.61 -1.08
C ILE A 70 -2.23 6.44 -1.47
N CYS A 71 -2.01 5.75 -2.59
CA CYS A 71 -0.67 5.51 -3.07
C CYS A 71 0.04 6.87 -3.19
N ALA A 72 -0.58 7.76 -3.93
CA ALA A 72 -0.03 9.09 -4.14
C ALA A 72 0.35 9.69 -2.78
N LYS A 73 -0.52 9.49 -1.81
CA LYS A 73 -0.30 10.00 -0.47
C LYS A 73 1.14 9.69 -0.05
N ILE A 74 1.49 8.42 -0.16
CA ILE A 74 2.84 7.99 0.20
C ILE A 74 3.74 8.06 -1.03
N HIS A 75 3.34 8.91 -1.97
CA HIS A 75 4.11 9.09 -3.19
C HIS A 75 4.62 7.72 -3.68
N ALA A 76 3.77 6.72 -3.52
CA ALA A 76 4.13 5.37 -3.93
C ALA A 76 3.90 5.24 -5.44
N CYS A 77 3.52 6.34 -6.06
CA CYS A 77 3.28 6.35 -7.49
C CYS A 77 4.62 6.27 -8.21
N GLY A 1 2.36 -0.88 -16.06
CA GLY A 1 1.49 -1.62 -15.17
C GLY A 1 1.83 -1.33 -13.70
N GLU A 2 2.35 -2.35 -13.03
CA GLU A 2 2.73 -2.22 -11.64
C GLU A 2 3.35 -0.85 -11.38
N ILE A 3 4.60 -0.71 -11.82
CA ILE A 3 5.32 0.53 -11.64
C ILE A 3 4.35 1.71 -11.81
N LEU A 4 3.39 1.52 -12.70
CA LEU A 4 2.40 2.54 -12.97
C LEU A 4 1.62 2.83 -11.68
N CYS A 5 0.90 1.83 -11.22
CA CYS A 5 0.10 1.95 -10.02
C CYS A 5 -0.25 0.54 -9.51
N ASN A 6 -0.58 -0.31 -10.47
CA ASN A 6 -0.94 -1.68 -10.14
C ASN A 6 -0.08 -2.17 -8.98
N LEU A 7 1.15 -1.68 -8.95
CA LEU A 7 2.09 -2.06 -7.90
C LEU A 7 1.43 -1.87 -6.54
N CYS A 8 1.30 -0.60 -6.16
CA CYS A 8 0.69 -0.27 -4.88
C CYS A 8 -0.82 -0.16 -5.09
N THR A 9 -1.22 0.90 -5.78
CA THR A 9 -2.62 1.14 -6.05
C THR A 9 -3.33 -0.17 -6.36
N GLY A 10 -2.57 -1.11 -6.91
CA GLY A 10 -3.11 -2.41 -7.25
C GLY A 10 -3.29 -3.29 -6.01
N LEU A 11 -2.27 -3.27 -5.16
CA LEU A 11 -2.29 -4.04 -3.94
C LEU A 11 -3.28 -3.41 -2.96
N ILE A 12 -3.39 -2.10 -3.04
CA ILE A 12 -4.30 -1.36 -2.17
C ILE A 12 -5.71 -1.92 -2.33
N ASN A 13 -6.19 -1.88 -3.57
CA ASN A 13 -7.51 -2.38 -3.87
C ASN A 13 -7.67 -3.80 -3.33
N THR A 14 -6.55 -4.52 -3.33
CA THR A 14 -6.55 -5.88 -2.84
C THR A 14 -6.75 -5.91 -1.32
N LEU A 15 -6.26 -4.86 -0.68
CA LEU A 15 -6.39 -4.75 0.77
C LEU A 15 -7.86 -4.59 1.14
N GLU A 16 -8.63 -4.08 0.18
CA GLU A 16 -10.05 -3.87 0.39
C GLU A 16 -10.76 -5.20 0.63
N ASN A 17 -10.21 -6.24 0.01
CA ASN A 17 -10.78 -7.57 0.15
C ASN A 17 -9.82 -8.45 0.94
N LEU A 18 -8.55 -8.06 0.92
CA LEU A 18 -7.53 -8.81 1.64
C LEU A 18 -8.08 -9.29 2.98
N LEU A 19 -8.07 -8.39 3.95
CA LEU A 19 -8.57 -8.71 5.27
C LEU A 19 -9.96 -8.09 5.45
N THR A 20 -10.12 -6.90 4.87
CA THR A 20 -11.38 -6.19 4.96
C THR A 20 -11.92 -6.23 6.39
N THR A 21 -11.04 -5.90 7.32
CA THR A 21 -11.40 -5.89 8.73
C THR A 21 -11.28 -7.30 9.32
N LYS A 22 -10.34 -7.44 10.24
CA LYS A 22 -10.11 -8.72 10.89
C LYS A 22 -8.88 -8.61 11.79
N GLY A 23 -7.74 -8.43 11.16
CA GLY A 23 -6.48 -8.31 11.89
C GLY A 23 -5.64 -7.15 11.35
N ALA A 24 -5.56 -7.08 10.04
CA ALA A 24 -4.79 -6.03 9.39
C ALA A 24 -3.31 -6.38 9.45
N ASP A 25 -3.02 -7.51 10.07
CA ASP A 25 -1.66 -7.97 10.20
C ASP A 25 -1.22 -8.65 8.91
N LYS A 26 -2.17 -9.33 8.28
CA LYS A 26 -1.91 -10.03 7.04
C LYS A 26 -1.64 -9.00 5.93
N VAL A 27 -1.99 -7.76 6.22
CA VAL A 27 -1.80 -6.69 5.27
C VAL A 27 -0.30 -6.40 5.12
N LYS A 28 0.33 -6.16 6.26
CA LYS A 28 1.76 -5.87 6.27
C LYS A 28 2.53 -7.14 5.93
N ASP A 29 1.85 -8.27 6.08
CA ASP A 29 2.45 -9.56 5.80
C ASP A 29 2.48 -9.80 4.29
N TYR A 30 1.44 -9.28 3.64
CA TYR A 30 1.33 -9.43 2.20
C TYR A 30 1.98 -8.26 1.47
N ILE A 31 1.98 -7.11 2.13
CA ILE A 31 2.57 -5.90 1.56
C ILE A 31 4.08 -6.09 1.48
N SER A 32 4.61 -6.84 2.42
CA SER A 32 6.04 -7.10 2.47
C SER A 32 6.44 -8.06 1.35
N SER A 33 5.72 -9.19 1.31
CA SER A 33 5.98 -10.19 0.29
C SER A 33 5.80 -9.60 -1.11
N LEU A 34 4.89 -8.64 -1.20
CA LEU A 34 4.62 -7.98 -2.46
C LEU A 34 5.69 -6.94 -2.74
N CYS A 35 5.97 -6.14 -1.73
CA CYS A 35 6.98 -5.09 -1.85
C CYS A 35 8.36 -5.76 -1.81
N ASN A 36 8.34 -7.07 -1.59
CA ASN A 36 9.58 -7.83 -1.53
C ASN A 36 10.17 -7.95 -2.94
N LYS A 37 10.35 -6.80 -3.58
CA LYS A 37 10.89 -6.76 -4.92
C LYS A 37 10.99 -5.31 -5.39
N ALA A 38 11.39 -4.44 -4.47
CA ALA A 38 11.53 -3.03 -4.77
C ALA A 38 13.02 -2.69 -4.91
N SER A 39 13.59 -2.21 -3.82
CA SER A 39 14.99 -1.83 -3.82
C SER A 39 15.37 -1.19 -5.16
N GLY A 40 14.48 -0.34 -5.64
CA GLY A 40 14.70 0.34 -6.90
C GLY A 40 13.96 1.67 -6.95
N PHE A 41 13.20 1.87 -8.02
CA PHE A 41 12.43 3.08 -8.20
C PHE A 41 11.34 3.20 -7.13
N ILE A 42 10.86 2.04 -6.69
CA ILE A 42 9.81 2.01 -5.69
C ILE A 42 10.45 1.99 -4.30
N ALA A 43 11.76 1.78 -4.28
CA ALA A 43 12.50 1.74 -3.03
C ALA A 43 11.90 2.75 -2.06
N THR A 44 11.97 4.02 -2.46
CA THR A 44 11.43 5.09 -1.64
C THR A 44 9.92 4.96 -1.50
N LEU A 45 9.32 4.32 -2.50
CA LEU A 45 7.88 4.12 -2.49
C LEU A 45 7.50 3.15 -1.37
N CYS A 46 8.34 2.13 -1.21
CA CYS A 46 8.11 1.13 -0.18
C CYS A 46 8.29 1.79 1.19
N THR A 47 9.47 2.33 1.40
CA THR A 47 9.79 3.00 2.66
C THR A 47 8.76 4.09 2.94
N LYS A 48 8.07 4.49 1.89
CA LYS A 48 7.06 5.54 2.02
C LYS A 48 5.90 5.01 2.86
N VAL A 49 5.36 3.87 2.43
CA VAL A 49 4.26 3.26 3.14
C VAL A 49 4.63 3.06 4.61
N LEU A 50 5.84 2.57 4.82
CA LEU A 50 6.33 2.34 6.16
C LEU A 50 6.38 3.67 6.92
N ASP A 51 6.97 4.66 6.28
CA ASP A 51 7.10 5.98 6.89
C ASP A 51 5.70 6.48 7.25
N PHE A 52 4.74 6.15 6.42
CA PHE A 52 3.37 6.57 6.65
C PHE A 52 2.69 5.69 7.70
N GLY A 53 2.69 4.39 7.43
CA GLY A 53 2.08 3.43 8.34
C GLY A 53 1.10 2.52 7.61
N ILE A 54 1.52 1.28 7.42
CA ILE A 54 0.69 0.30 6.73
C ILE A 54 -0.73 0.36 7.30
N ASP A 55 -0.81 0.54 8.61
CA ASP A 55 -2.08 0.61 9.29
C ASP A 55 -2.82 1.86 8.84
N LYS A 56 -2.06 2.92 8.61
CA LYS A 56 -2.63 4.18 8.18
C LYS A 56 -3.31 3.98 6.83
N LEU A 57 -2.54 3.47 5.88
CA LEU A 57 -3.06 3.23 4.54
C LEU A 57 -4.43 2.55 4.64
N ILE A 58 -4.51 1.60 5.57
CA ILE A 58 -5.75 0.88 5.77
C ILE A 58 -6.78 1.80 6.42
N GLN A 59 -6.29 2.68 7.28
CA GLN A 59 -7.14 3.63 7.97
C GLN A 59 -7.82 4.56 6.97
N LEU A 60 -7.07 4.91 5.93
CA LEU A 60 -7.58 5.79 4.90
C LEU A 60 -8.74 5.10 4.16
N ILE A 61 -8.42 3.96 3.58
CA ILE A 61 -9.41 3.18 2.84
C ILE A 61 -10.69 3.07 3.68
N GLU A 62 -10.48 2.82 4.97
CA GLU A 62 -11.61 2.68 5.89
C GLU A 62 -12.53 3.90 5.78
N ASP A 63 -11.92 5.06 5.63
CA ASP A 63 -12.68 6.29 5.50
C ASP A 63 -13.26 6.39 4.09
N LYS A 64 -12.36 6.49 3.13
CA LYS A 64 -12.77 6.59 1.73
C LYS A 64 -11.63 7.18 0.91
N VAL A 65 -10.56 6.41 0.79
CA VAL A 65 -9.40 6.84 0.03
C VAL A 65 -9.06 5.79 -1.03
N ASP A 66 -9.32 6.16 -2.28
CA ASP A 66 -9.05 5.26 -3.39
C ASP A 66 -7.62 4.72 -3.28
N ALA A 67 -7.24 3.92 -4.26
CA ALA A 67 -5.91 3.33 -4.28
C ALA A 67 -4.90 4.39 -4.73
N ASN A 68 -5.33 5.19 -5.70
CA ASN A 68 -4.49 6.24 -6.24
C ASN A 68 -4.43 7.40 -5.24
N ALA A 69 -5.59 7.67 -4.64
CA ALA A 69 -5.69 8.76 -3.68
C ALA A 69 -4.75 8.48 -2.50
N ILE A 70 -4.61 7.20 -2.18
CA ILE A 70 -3.76 6.78 -1.09
C ILE A 70 -2.31 6.73 -1.58
N CYS A 71 -2.12 6.06 -2.70
CA CYS A 71 -0.79 5.92 -3.28
C CYS A 71 -0.25 7.33 -3.56
N ALA A 72 -1.18 8.25 -3.74
CA ALA A 72 -0.80 9.63 -4.02
C ALA A 72 -0.27 10.28 -2.75
N LYS A 73 -0.93 9.95 -1.64
CA LYS A 73 -0.53 10.49 -0.35
C LYS A 73 0.97 10.27 -0.14
N ILE A 74 1.31 9.02 0.11
CA ILE A 74 2.70 8.66 0.33
C ILE A 74 3.53 9.08 -0.89
N HIS A 75 2.83 9.47 -1.94
CA HIS A 75 3.48 9.91 -3.16
C HIS A 75 4.19 8.71 -3.81
N ALA A 76 3.40 7.80 -4.33
CA ALA A 76 3.93 6.62 -4.98
C ALA A 76 3.87 6.80 -6.50
N CYS A 77 2.76 6.38 -7.07
CA CYS A 77 2.55 6.49 -8.50
C CYS A 77 2.99 7.89 -8.94
N GLY A 1 4.37 9.44 -13.47
CA GLY A 1 3.48 8.77 -12.53
C GLY A 1 2.93 7.48 -13.14
N GLU A 2 3.80 6.48 -13.20
CA GLU A 2 3.41 5.19 -13.75
C GLU A 2 4.51 4.16 -13.51
N ILE A 3 5.19 4.33 -12.38
CA ILE A 3 6.26 3.41 -12.02
C ILE A 3 5.67 2.10 -11.50
N LEU A 4 4.96 2.22 -10.39
CA LEU A 4 4.33 1.05 -9.79
C LEU A 4 3.06 1.49 -9.04
N CYS A 5 2.38 2.46 -9.61
CA CYS A 5 1.16 2.98 -9.01
C CYS A 5 0.07 1.91 -9.14
N ASN A 6 -0.41 1.74 -10.36
CA ASN A 6 -1.44 0.75 -10.62
C ASN A 6 -1.16 -0.52 -9.82
N LEU A 7 0.12 -0.74 -9.56
CA LEU A 7 0.55 -1.91 -8.80
C LEU A 7 0.01 -1.80 -7.37
N CYS A 8 0.59 -0.88 -6.62
CA CYS A 8 0.18 -0.66 -5.24
C CYS A 8 -1.34 -0.49 -5.20
N THR A 9 -1.81 0.47 -5.98
CA THR A 9 -3.23 0.74 -6.04
C THR A 9 -4.00 -0.53 -6.40
N GLY A 10 -3.27 -1.49 -6.95
CA GLY A 10 -3.87 -2.76 -7.34
C GLY A 10 -3.93 -3.72 -6.16
N LEU A 11 -2.89 -3.68 -5.35
CA LEU A 11 -2.81 -4.54 -4.18
C LEU A 11 -3.57 -3.89 -3.03
N ILE A 12 -3.75 -2.59 -3.14
CA ILE A 12 -4.45 -1.84 -2.11
C ILE A 12 -5.94 -2.21 -2.14
N ASN A 13 -6.54 -2.01 -3.30
CA ASN A 13 -7.96 -2.32 -3.47
C ASN A 13 -8.19 -3.80 -3.16
N THR A 14 -7.23 -4.62 -3.57
CA THR A 14 -7.32 -6.04 -3.34
C THR A 14 -7.02 -6.37 -1.87
N LEU A 15 -6.45 -5.39 -1.18
CA LEU A 15 -6.12 -5.57 0.22
C LEU A 15 -7.34 -5.27 1.08
N GLU A 16 -8.26 -4.51 0.50
CA GLU A 16 -9.49 -4.14 1.20
C GLU A 16 -10.25 -5.41 1.61
N ASN A 17 -9.93 -6.51 0.94
CA ASN A 17 -10.58 -7.77 1.23
C ASN A 17 -9.57 -8.72 1.87
N LEU A 18 -8.36 -8.23 2.02
CA LEU A 18 -7.29 -9.02 2.63
C LEU A 18 -7.77 -9.54 3.98
N LEU A 19 -7.50 -8.75 5.01
CA LEU A 19 -7.89 -9.12 6.36
C LEU A 19 -9.14 -8.34 6.76
N THR A 20 -9.08 -7.04 6.53
CA THR A 20 -10.20 -6.17 6.86
C THR A 20 -10.83 -6.60 8.19
N THR A 21 -10.02 -7.23 9.02
CA THR A 21 -10.48 -7.68 10.31
C THR A 21 -9.52 -8.72 10.89
N LYS A 22 -9.06 -9.61 10.01
CA LYS A 22 -8.14 -10.66 10.41
C LYS A 22 -6.92 -10.04 11.08
N GLY A 23 -6.59 -8.83 10.64
CA GLY A 23 -5.46 -8.12 11.19
C GLY A 23 -4.76 -7.28 10.11
N ALA A 24 -4.86 -5.97 10.26
CA ALA A 24 -4.25 -5.05 9.32
C ALA A 24 -2.74 -5.24 9.34
N ASP A 25 -2.28 -5.95 10.36
CA ASP A 25 -0.85 -6.21 10.50
C ASP A 25 -0.43 -7.30 9.51
N LYS A 26 -1.36 -8.20 9.24
CA LYS A 26 -1.09 -9.28 8.31
C LYS A 26 -1.00 -8.72 6.89
N VAL A 27 -1.53 -7.52 6.72
CA VAL A 27 -1.51 -6.86 5.43
C VAL A 27 -0.07 -6.59 5.02
N LYS A 28 0.64 -5.91 5.91
CA LYS A 28 2.04 -5.58 5.65
C LYS A 28 2.82 -6.86 5.34
N ASP A 29 2.29 -7.97 5.85
CA ASP A 29 2.93 -9.27 5.63
C ASP A 29 2.84 -9.62 4.14
N TYR A 30 1.73 -9.25 3.53
CA TYR A 30 1.52 -9.53 2.12
C TYR A 30 2.11 -8.41 1.25
N ILE A 31 2.17 -7.21 1.83
CA ILE A 31 2.71 -6.07 1.13
C ILE A 31 4.23 -6.21 1.00
N SER A 32 4.80 -6.94 1.95
CA SER A 32 6.23 -7.17 1.95
C SER A 32 6.61 -8.15 0.84
N SER A 33 5.86 -9.23 0.77
CA SER A 33 6.10 -10.25 -0.25
C SER A 33 5.97 -9.65 -1.65
N LEU A 34 5.05 -8.69 -1.75
CA LEU A 34 4.81 -8.02 -3.02
C LEU A 34 5.89 -6.95 -3.25
N CYS A 35 6.13 -6.19 -2.20
CA CYS A 35 7.12 -5.12 -2.26
C CYS A 35 8.50 -5.77 -2.21
N ASN A 36 8.51 -7.08 -2.04
CA ASN A 36 9.76 -7.82 -1.98
C ASN A 36 10.39 -7.86 -3.38
N LYS A 37 10.56 -6.68 -3.95
CA LYS A 37 11.14 -6.56 -5.27
C LYS A 37 11.34 -5.08 -5.61
N ALA A 38 11.75 -4.33 -4.61
CA ALA A 38 11.99 -2.90 -4.79
C ALA A 38 13.49 -2.61 -4.63
N SER A 39 13.85 -2.18 -3.43
CA SER A 39 15.23 -1.86 -3.15
C SER A 39 15.86 -1.13 -4.33
N GLY A 40 15.13 -0.15 -4.84
CA GLY A 40 15.59 0.63 -5.97
C GLY A 40 14.96 2.02 -5.98
N PHE A 41 14.20 2.28 -7.04
CA PHE A 41 13.54 3.57 -7.17
C PHE A 41 12.34 3.68 -6.23
N ILE A 42 11.69 2.53 -6.02
CA ILE A 42 10.53 2.48 -5.15
C ILE A 42 11.00 2.24 -3.70
N ALA A 43 12.27 1.92 -3.58
CA ALA A 43 12.85 1.67 -2.26
C ALA A 43 12.23 2.63 -1.25
N THR A 44 12.43 3.91 -1.50
CA THR A 44 11.90 4.94 -0.62
C THR A 44 10.37 4.93 -0.65
N LEU A 45 9.83 4.48 -1.78
CA LEU A 45 8.40 4.42 -1.95
C LEU A 45 7.81 3.37 -0.99
N CYS A 46 8.54 2.26 -0.86
CA CYS A 46 8.11 1.19 0.01
C CYS A 46 8.23 1.67 1.46
N THR A 47 9.43 2.13 1.80
CA THR A 47 9.70 2.62 3.14
C THR A 47 8.73 3.75 3.49
N LYS A 48 8.19 4.37 2.45
CA LYS A 48 7.24 5.46 2.64
C LYS A 48 6.00 4.94 3.36
N VAL A 49 5.39 3.93 2.78
CA VAL A 49 4.19 3.34 3.35
C VAL A 49 4.46 3.00 4.82
N LEU A 50 5.62 2.41 5.06
CA LEU A 50 6.00 2.03 6.40
C LEU A 50 6.06 3.28 7.29
N ASP A 51 6.70 4.32 6.76
CA ASP A 51 6.84 5.56 7.48
C ASP A 51 5.44 6.14 7.75
N PHE A 52 4.52 5.84 6.84
CA PHE A 52 3.16 6.32 6.96
C PHE A 52 2.35 5.44 7.92
N GLY A 53 2.34 4.15 7.62
CA GLY A 53 1.60 3.20 8.44
C GLY A 53 0.68 2.33 7.59
N ILE A 54 1.12 1.09 7.38
CA ILE A 54 0.34 0.15 6.59
C ILE A 54 -1.12 0.18 7.06
N ASP A 55 -1.28 0.25 8.38
CA ASP A 55 -2.61 0.28 8.96
C ASP A 55 -3.31 1.58 8.57
N LYS A 56 -2.51 2.63 8.44
CA LYS A 56 -3.04 3.93 8.07
C LYS A 56 -3.67 3.84 6.67
N LEU A 57 -2.85 3.39 5.72
CA LEU A 57 -3.31 3.25 4.36
C LEU A 57 -4.69 2.59 4.34
N ILE A 58 -4.84 1.58 5.19
CA ILE A 58 -6.09 0.86 5.29
C ILE A 58 -7.15 1.79 5.90
N GLN A 59 -6.72 2.59 6.86
CA GLN A 59 -7.61 3.52 7.53
C GLN A 59 -8.20 4.51 6.53
N LEU A 60 -7.32 5.01 5.67
CA LEU A 60 -7.74 5.97 4.66
C LEU A 60 -8.86 5.37 3.81
N ILE A 61 -8.60 4.16 3.33
CA ILE A 61 -9.57 3.46 2.50
C ILE A 61 -10.91 3.43 3.23
N GLU A 62 -10.86 3.03 4.49
CA GLU A 62 -12.07 2.95 5.30
C GLU A 62 -12.84 4.27 5.23
N ASP A 63 -12.09 5.36 5.22
CA ASP A 63 -12.69 6.68 5.15
C ASP A 63 -13.31 6.89 3.77
N LYS A 64 -12.45 6.91 2.77
CA LYS A 64 -12.89 7.10 1.40
C LYS A 64 -11.71 7.55 0.54
N VAL A 65 -10.58 6.88 0.73
CA VAL A 65 -9.38 7.19 -0.02
C VAL A 65 -9.10 6.07 -1.01
N ASP A 66 -9.24 6.41 -2.29
CA ASP A 66 -9.01 5.45 -3.35
C ASP A 66 -7.65 4.76 -3.12
N ALA A 67 -7.33 3.84 -4.02
CA ALA A 67 -6.08 3.11 -3.92
C ALA A 67 -4.93 3.99 -4.42
N ASN A 68 -5.30 4.96 -5.25
CA ASN A 68 -4.32 5.88 -5.79
C ASN A 68 -4.07 7.01 -4.79
N ALA A 69 -5.14 7.72 -4.47
CA ALA A 69 -5.04 8.83 -3.53
C ALA A 69 -4.28 8.38 -2.29
N ILE A 70 -4.39 7.10 -1.99
CA ILE A 70 -3.71 6.52 -0.83
C ILE A 70 -2.24 6.30 -1.18
N CYS A 71 -2.01 5.86 -2.41
CA CYS A 71 -0.66 5.61 -2.87
C CYS A 71 0.04 6.94 -3.07
N ALA A 72 -0.43 7.68 -4.07
CA ALA A 72 0.14 8.99 -4.37
C ALA A 72 0.55 9.68 -3.07
N LYS A 73 -0.31 9.55 -2.07
CA LYS A 73 -0.05 10.16 -0.77
C LYS A 73 1.41 9.88 -0.37
N ILE A 74 1.68 8.60 -0.13
CA ILE A 74 3.01 8.18 0.26
C ILE A 74 3.92 8.13 -0.98
N HIS A 75 3.44 8.76 -2.04
CA HIS A 75 4.19 8.80 -3.28
C HIS A 75 4.65 7.38 -3.64
N ALA A 76 3.81 6.42 -3.29
CA ALA A 76 4.11 5.02 -3.57
C ALA A 76 3.89 4.73 -5.06
N CYS A 77 3.43 5.77 -5.76
CA CYS A 77 3.17 5.64 -7.18
C CYS A 77 4.31 4.85 -7.82
N GLY A 1 5.24 8.52 -7.97
CA GLY A 1 5.84 8.08 -9.22
C GLY A 1 4.90 7.14 -9.97
N GLU A 2 4.81 7.35 -11.28
CA GLU A 2 3.96 6.53 -12.12
C GLU A 2 4.79 5.48 -12.85
N ILE A 3 5.47 4.66 -12.06
CA ILE A 3 6.30 3.60 -12.61
C ILE A 3 5.45 2.35 -12.84
N LEU A 4 4.57 2.09 -11.88
CA LEU A 4 3.70 0.93 -11.95
C LEU A 4 2.70 0.97 -10.80
N CYS A 5 1.98 2.09 -10.72
CA CYS A 5 0.99 2.26 -9.68
C CYS A 5 0.10 1.02 -9.64
N ASN A 6 -0.21 0.52 -10.82
CA ASN A 6 -1.05 -0.66 -10.94
C ASN A 6 -0.61 -1.70 -9.91
N LEU A 7 0.67 -1.63 -9.56
CA LEU A 7 1.24 -2.56 -8.59
C LEU A 7 0.68 -2.24 -7.20
N CYS A 8 0.93 -1.01 -6.77
CA CYS A 8 0.47 -0.58 -5.47
C CYS A 8 -1.07 -0.53 -5.49
N THR A 9 -1.59 0.53 -6.10
CA THR A 9 -3.02 0.71 -6.21
C THR A 9 -3.70 -0.64 -6.47
N GLY A 10 -2.96 -1.53 -7.10
CA GLY A 10 -3.48 -2.85 -7.42
C GLY A 10 -3.59 -3.71 -6.16
N LEU A 11 -2.57 -3.62 -5.31
CA LEU A 11 -2.55 -4.38 -4.08
C LEU A 11 -3.44 -3.68 -3.05
N ILE A 12 -3.42 -2.37 -3.07
CA ILE A 12 -4.22 -1.58 -2.15
C ILE A 12 -5.67 -2.07 -2.20
N ASN A 13 -6.20 -2.12 -3.41
CA ASN A 13 -7.57 -2.56 -3.60
C ASN A 13 -7.76 -3.93 -2.94
N THR A 14 -6.70 -4.72 -2.97
CA THR A 14 -6.72 -6.04 -2.38
C THR A 14 -6.81 -5.95 -0.86
N LEU A 15 -6.17 -4.93 -0.32
CA LEU A 15 -6.17 -4.71 1.12
C LEU A 15 -7.60 -4.44 1.59
N GLU A 16 -8.43 -3.99 0.65
CA GLU A 16 -9.81 -3.69 0.94
C GLU A 16 -10.59 -4.97 1.21
N ASN A 17 -10.11 -6.06 0.62
CA ASN A 17 -10.75 -7.35 0.80
C ASN A 17 -9.79 -8.30 1.53
N LEU A 18 -8.55 -7.85 1.64
CA LEU A 18 -7.53 -8.64 2.32
C LEU A 18 -8.00 -8.97 3.74
N LEU A 19 -7.66 -8.08 4.66
CA LEU A 19 -8.04 -8.25 6.05
C LEU A 19 -9.13 -7.24 6.40
N THR A 20 -8.80 -5.97 6.23
CA THR A 20 -9.74 -4.90 6.52
C THR A 20 -10.58 -5.26 7.76
N THR A 21 -10.07 -4.84 8.91
CA THR A 21 -10.75 -5.10 10.17
C THR A 21 -10.30 -6.45 10.75
N LYS A 22 -9.78 -7.29 9.87
CA LYS A 22 -9.30 -8.60 10.28
C LYS A 22 -8.20 -8.44 11.32
N GLY A 23 -7.12 -7.79 10.90
CA GLY A 23 -5.99 -7.57 11.79
C GLY A 23 -5.08 -6.45 11.24
N ALA A 24 -4.87 -6.49 9.94
CA ALA A 24 -4.03 -5.49 9.29
C ALA A 24 -2.57 -5.85 9.50
N ASP A 25 -2.34 -7.09 9.92
CA ASP A 25 -1.00 -7.57 10.16
C ASP A 25 -0.55 -8.44 9.00
N LYS A 26 -1.46 -9.30 8.55
CA LYS A 26 -1.17 -10.20 7.44
C LYS A 26 -1.06 -9.38 6.15
N VAL A 27 -1.52 -8.14 6.24
CA VAL A 27 -1.47 -7.26 5.09
C VAL A 27 -0.02 -6.82 4.84
N LYS A 28 0.60 -6.31 5.89
CA LYS A 28 1.97 -5.86 5.80
C LYS A 28 2.88 -7.05 5.48
N ASP A 29 2.33 -8.24 5.67
CA ASP A 29 3.07 -9.46 5.41
C ASP A 29 3.08 -9.74 3.91
N TYR A 30 1.97 -9.42 3.27
CA TYR A 30 1.84 -9.62 1.84
C TYR A 30 2.38 -8.43 1.06
N ILE A 31 2.23 -7.25 1.65
CA ILE A 31 2.71 -6.03 1.03
C ILE A 31 4.23 -6.08 0.91
N SER A 32 4.84 -6.73 1.89
CA SER A 32 6.29 -6.85 1.91
C SER A 32 6.74 -7.90 0.89
N SER A 33 5.92 -8.93 0.74
CA SER A 33 6.22 -10.00 -0.20
C SER A 33 6.16 -9.47 -1.63
N LEU A 34 5.21 -8.58 -1.85
CA LEU A 34 5.03 -7.99 -3.17
C LEU A 34 6.04 -6.86 -3.36
N CYS A 35 6.10 -5.99 -2.36
CA CYS A 35 7.02 -4.86 -2.41
C CYS A 35 8.45 -5.41 -2.36
N ASN A 36 8.58 -6.58 -1.75
CA ASN A 36 9.88 -7.21 -1.63
C ASN A 36 10.66 -7.02 -2.93
N LYS A 37 9.92 -6.93 -4.03
CA LYS A 37 10.53 -6.74 -5.34
C LYS A 37 10.74 -5.24 -5.58
N ALA A 38 11.33 -4.59 -4.58
CA ALA A 38 11.59 -3.16 -4.68
C ALA A 38 13.09 -2.92 -4.57
N SER A 39 13.50 -2.46 -3.40
CA SER A 39 14.91 -2.19 -3.15
C SER A 39 15.55 -1.58 -4.40
N GLY A 40 14.97 -0.46 -4.84
CA GLY A 40 15.48 0.22 -6.02
C GLY A 40 14.85 1.61 -6.14
N PHE A 41 13.95 1.73 -7.10
CA PHE A 41 13.27 2.99 -7.34
C PHE A 41 12.13 3.20 -6.35
N ILE A 42 11.38 2.14 -6.13
CA ILE A 42 10.26 2.19 -5.21
C ILE A 42 10.76 1.97 -3.78
N ALA A 43 12.04 1.63 -3.68
CA ALA A 43 12.65 1.39 -2.38
C ALA A 43 12.10 2.41 -1.38
N THR A 44 12.35 3.68 -1.66
CA THR A 44 11.89 4.75 -0.80
C THR A 44 10.36 4.78 -0.77
N LEU A 45 9.77 4.29 -1.84
CA LEU A 45 8.32 4.26 -1.95
C LEU A 45 7.75 3.27 -0.94
N CYS A 46 8.44 2.14 -0.83
CA CYS A 46 8.01 1.10 0.09
C CYS A 46 8.16 1.63 1.52
N THR A 47 9.32 2.21 1.79
CA THR A 47 9.58 2.76 3.11
C THR A 47 8.59 3.88 3.43
N LYS A 48 7.98 4.41 2.38
CA LYS A 48 7.02 5.49 2.53
C LYS A 48 5.79 4.95 3.27
N VAL A 49 5.32 3.80 2.82
CA VAL A 49 4.16 3.17 3.43
C VAL A 49 4.45 2.90 4.90
N LEU A 50 5.60 2.31 5.15
CA LEU A 50 6.00 1.98 6.50
C LEU A 50 6.05 3.26 7.34
N ASP A 51 6.71 4.26 6.77
CA ASP A 51 6.84 5.55 7.46
C ASP A 51 5.44 6.13 7.71
N PHE A 52 4.55 5.90 6.74
CA PHE A 52 3.19 6.38 6.85
C PHE A 52 2.39 5.57 7.88
N GLY A 53 2.42 4.26 7.70
CA GLY A 53 1.71 3.37 8.60
C GLY A 53 0.71 2.50 7.83
N ILE A 54 1.09 1.24 7.66
CA ILE A 54 0.24 0.29 6.95
C ILE A 54 -1.20 0.43 7.45
N ASP A 55 -1.32 0.63 8.76
CA ASP A 55 -2.63 0.78 9.38
C ASP A 55 -3.30 2.04 8.84
N LYS A 56 -2.49 3.08 8.69
CA LYS A 56 -2.98 4.35 8.19
C LYS A 56 -3.63 4.14 6.81
N LEU A 57 -2.84 3.56 5.91
CA LEU A 57 -3.31 3.29 4.56
C LEU A 57 -4.71 2.69 4.63
N ILE A 58 -4.89 1.77 5.56
CA ILE A 58 -6.18 1.12 5.73
C ILE A 58 -7.18 2.12 6.29
N GLN A 59 -6.69 3.01 7.14
CA GLN A 59 -7.53 4.03 7.74
C GLN A 59 -8.10 4.94 6.66
N LEU A 60 -7.25 5.32 5.73
CA LEU A 60 -7.65 6.20 4.65
C LEU A 60 -8.78 5.54 3.87
N ILE A 61 -8.51 4.32 3.41
CA ILE A 61 -9.50 3.57 2.64
C ILE A 61 -10.83 3.57 3.40
N GLU A 62 -10.75 3.28 4.69
CA GLU A 62 -11.93 3.25 5.53
C GLU A 62 -12.73 4.54 5.37
N ASP A 63 -12.00 5.65 5.28
CA ASP A 63 -12.62 6.95 5.13
C ASP A 63 -13.25 7.05 3.73
N LYS A 64 -12.39 7.04 2.73
CA LYS A 64 -12.85 7.13 1.35
C LYS A 64 -11.67 7.51 0.45
N VAL A 65 -10.54 6.87 0.72
CA VAL A 65 -9.34 7.14 -0.07
C VAL A 65 -9.08 5.95 -1.00
N ASP A 66 -9.31 6.18 -2.28
CA ASP A 66 -9.10 5.15 -3.28
C ASP A 66 -7.70 4.55 -3.11
N ALA A 67 -7.37 3.62 -3.99
CA ALA A 67 -6.07 2.98 -3.96
C ALA A 67 -5.02 3.92 -4.53
N ASN A 68 -5.45 4.74 -5.47
CA ASN A 68 -4.55 5.69 -6.10
C ASN A 68 -4.38 6.91 -5.20
N ALA A 69 -5.52 7.42 -4.74
CA ALA A 69 -5.51 8.59 -3.87
C ALA A 69 -4.59 8.32 -2.68
N ILE A 70 -4.61 7.07 -2.23
CA ILE A 70 -3.80 6.67 -1.10
C ILE A 70 -2.34 6.56 -1.55
N CYS A 71 -2.15 5.91 -2.70
CA CYS A 71 -0.81 5.73 -3.24
C CYS A 71 -0.24 7.11 -3.57
N ALA A 72 -1.13 8.10 -3.57
CA ALA A 72 -0.72 9.45 -3.88
C ALA A 72 -0.09 10.09 -2.63
N LYS A 73 -0.74 9.84 -1.50
CA LYS A 73 -0.26 10.38 -0.23
C LYS A 73 1.23 10.05 -0.07
N ILE A 74 1.49 8.76 0.14
CA ILE A 74 2.86 8.31 0.31
C ILE A 74 3.67 8.64 -0.96
N HIS A 75 2.95 9.09 -1.97
CA HIS A 75 3.58 9.44 -3.23
C HIS A 75 4.10 8.18 -3.91
N ALA A 76 3.28 7.63 -4.80
CA ALA A 76 3.65 6.43 -5.53
C ALA A 76 2.90 6.40 -6.87
N CYS A 77 2.49 7.59 -7.30
CA CYS A 77 1.79 7.71 -8.56
C CYS A 77 1.83 9.17 -9.01
N GLY A 1 4.37 7.51 -9.16
CA GLY A 1 4.52 8.61 -10.11
C GLY A 1 4.16 8.15 -11.53
N GLU A 2 3.33 7.12 -11.60
CA GLU A 2 2.93 6.57 -12.88
C GLU A 2 3.89 5.47 -13.32
N ILE A 3 4.97 5.34 -12.58
CA ILE A 3 5.97 4.33 -12.88
C ILE A 3 5.33 2.94 -12.80
N LEU A 4 4.44 2.78 -11.84
CA LEU A 4 3.76 1.52 -11.65
C LEU A 4 2.86 1.61 -10.41
N CYS A 5 1.86 2.47 -10.50
CA CYS A 5 0.93 2.66 -9.40
C CYS A 5 0.11 1.39 -9.24
N ASN A 6 -0.14 0.73 -10.37
CA ASN A 6 -0.92 -0.49 -10.38
C ASN A 6 -0.28 -1.50 -9.42
N LEU A 7 0.98 -1.25 -9.11
CA LEU A 7 1.72 -2.12 -8.21
C LEU A 7 1.16 -1.97 -6.80
N CYS A 8 1.19 -0.74 -6.31
CA CYS A 8 0.69 -0.45 -4.98
C CYS A 8 -0.84 -0.44 -5.03
N THR A 9 -1.37 0.65 -5.55
CA THR A 9 -2.81 0.79 -5.67
C THR A 9 -3.46 -0.55 -5.99
N GLY A 10 -2.71 -1.38 -6.71
CA GLY A 10 -3.20 -2.69 -7.09
C GLY A 10 -3.34 -3.60 -5.86
N LEU A 11 -2.31 -3.59 -5.03
CA LEU A 11 -2.31 -4.40 -3.83
C LEU A 11 -3.20 -3.75 -2.77
N ILE A 12 -3.30 -2.44 -2.87
CA ILE A 12 -4.13 -1.68 -1.93
C ILE A 12 -5.59 -2.10 -2.08
N ASN A 13 -6.10 -1.92 -3.30
CA ASN A 13 -7.47 -2.28 -3.59
C ASN A 13 -7.72 -3.73 -3.17
N THR A 14 -6.73 -4.57 -3.46
CA THR A 14 -6.84 -5.98 -3.11
C THR A 14 -6.73 -6.17 -1.60
N LEU A 15 -6.24 -5.14 -0.93
CA LEU A 15 -6.08 -5.18 0.51
C LEU A 15 -7.42 -4.88 1.16
N GLU A 16 -8.29 -4.23 0.41
CA GLU A 16 -9.61 -3.88 0.91
C GLU A 16 -10.40 -5.15 1.24
N ASN A 17 -10.02 -6.23 0.59
CA ASN A 17 -10.68 -7.51 0.81
C ASN A 17 -9.76 -8.43 1.63
N LEU A 18 -8.48 -8.10 1.59
CA LEU A 18 -7.50 -8.88 2.33
C LEU A 18 -8.07 -9.27 3.69
N LEU A 19 -7.97 -8.34 4.64
CA LEU A 19 -8.46 -8.57 5.97
C LEU A 19 -9.64 -7.63 6.25
N THR A 20 -9.38 -6.34 6.04
CA THR A 20 -10.40 -5.33 6.26
C THR A 20 -11.32 -5.74 7.40
N THR A 21 -11.11 -5.11 8.55
CA THR A 21 -11.91 -5.40 9.72
C THR A 21 -11.31 -6.58 10.50
N LYS A 22 -10.29 -7.18 9.91
CA LYS A 22 -9.61 -8.31 10.54
C LYS A 22 -8.66 -7.79 11.61
N GLY A 23 -7.54 -7.23 11.16
CA GLY A 23 -6.54 -6.71 12.07
C GLY A 23 -5.61 -5.74 11.35
N ALA A 24 -5.27 -6.10 10.12
CA ALA A 24 -4.38 -5.28 9.31
C ALA A 24 -2.93 -5.68 9.59
N ASP A 25 -2.77 -6.81 10.25
CA ASP A 25 -1.46 -7.31 10.58
C ASP A 25 -0.94 -8.18 9.44
N LYS A 26 -1.82 -9.06 8.96
CA LYS A 26 -1.46 -9.95 7.86
C LYS A 26 -1.19 -9.12 6.60
N VAL A 27 -1.59 -7.86 6.66
CA VAL A 27 -1.41 -6.97 5.54
C VAL A 27 0.10 -6.73 5.32
N LYS A 28 0.76 -6.33 6.40
CA LYS A 28 2.19 -6.07 6.33
C LYS A 28 2.92 -7.38 6.03
N ASP A 29 2.20 -8.48 6.21
CA ASP A 29 2.77 -9.79 5.95
C ASP A 29 2.78 -10.06 4.45
N TYR A 30 1.77 -9.51 3.79
CA TYR A 30 1.65 -9.69 2.34
C TYR A 30 2.32 -8.53 1.60
N ILE A 31 2.26 -7.35 2.20
CA ILE A 31 2.85 -6.17 1.60
C ILE A 31 4.37 -6.32 1.57
N SER A 32 4.86 -7.15 2.49
CA SER A 32 6.30 -7.39 2.58
C SER A 32 6.76 -8.19 1.36
N SER A 33 6.01 -9.24 1.05
CA SER A 33 6.34 -10.09 -0.09
C SER A 33 6.40 -9.24 -1.36
N LEU A 34 5.35 -8.49 -1.59
CA LEU A 34 5.28 -7.64 -2.77
C LEU A 34 6.36 -6.56 -2.68
N CYS A 35 6.43 -5.92 -1.52
CA CYS A 35 7.41 -4.87 -1.30
C CYS A 35 8.80 -5.47 -1.48
N ASN A 36 8.87 -6.78 -1.28
CA ASN A 36 10.14 -7.48 -1.42
C ASN A 36 10.40 -7.78 -2.90
N LYS A 37 10.29 -6.72 -3.70
CA LYS A 37 10.51 -6.85 -5.13
C LYS A 37 10.56 -5.45 -5.76
N ALA A 38 11.20 -4.55 -5.06
CA ALA A 38 11.34 -3.18 -5.53
C ALA A 38 12.80 -2.75 -5.46
N SER A 39 13.17 -2.21 -4.31
CA SER A 39 14.54 -1.76 -4.10
C SER A 39 15.06 -1.08 -5.37
N GLY A 40 14.26 -0.15 -5.88
CA GLY A 40 14.63 0.57 -7.08
C GLY A 40 14.13 2.02 -7.02
N PHE A 41 13.29 2.36 -7.99
CA PHE A 41 12.73 3.70 -8.06
C PHE A 41 11.61 3.88 -7.02
N ILE A 42 10.85 2.82 -6.83
CA ILE A 42 9.75 2.84 -5.88
C ILE A 42 10.28 2.50 -4.49
N ALA A 43 11.53 2.06 -4.46
CA ALA A 43 12.16 1.69 -3.20
C ALA A 43 11.68 2.64 -2.09
N THR A 44 12.00 3.92 -2.29
CA THR A 44 11.62 4.94 -1.32
C THR A 44 10.09 5.05 -1.26
N LEU A 45 9.45 4.71 -2.36
CA LEU A 45 8.00 4.76 -2.44
C LEU A 45 7.40 3.71 -1.51
N CYS A 46 8.00 2.53 -1.53
CA CYS A 46 7.54 1.43 -0.70
C CYS A 46 7.82 1.79 0.76
N THR A 47 9.05 2.19 1.01
CA THR A 47 9.47 2.57 2.35
C THR A 47 8.53 3.64 2.92
N LYS A 48 7.98 4.43 2.02
CA LYS A 48 7.08 5.50 2.41
C LYS A 48 5.87 4.90 3.13
N VAL A 49 5.19 4.00 2.43
CA VAL A 49 4.03 3.34 2.98
C VAL A 49 4.34 2.88 4.41
N LEU A 50 5.54 2.36 4.57
CA LEU A 50 5.97 1.87 5.88
C LEU A 50 6.04 3.05 6.86
N ASP A 51 6.87 4.02 6.51
CA ASP A 51 7.03 5.19 7.35
C ASP A 51 5.65 5.73 7.73
N PHE A 52 4.72 5.60 6.80
CA PHE A 52 3.36 6.07 7.03
C PHE A 52 2.58 5.09 7.90
N GLY A 53 2.51 3.85 7.43
CA GLY A 53 1.79 2.81 8.15
C GLY A 53 0.75 2.13 7.25
N ILE A 54 1.08 0.91 6.83
CA ILE A 54 0.20 0.16 5.97
C ILE A 54 -1.22 0.20 6.54
N ASP A 55 -1.31 0.14 7.86
CA ASP A 55 -2.59 0.18 8.53
C ASP A 55 -3.30 1.49 8.19
N LYS A 56 -2.50 2.54 8.08
CA LYS A 56 -3.03 3.86 7.77
C LYS A 56 -3.63 3.83 6.36
N LEU A 57 -2.77 3.53 5.39
CA LEU A 57 -3.20 3.48 4.00
C LEU A 57 -4.57 2.80 3.92
N ILE A 58 -4.74 1.78 4.76
CA ILE A 58 -6.00 1.04 4.78
C ILE A 58 -7.08 1.93 5.39
N GLN A 59 -6.94 2.19 6.68
CA GLN A 59 -7.89 3.01 7.40
C GLN A 59 -8.35 4.17 6.51
N LEU A 60 -7.39 4.76 5.81
CA LEU A 60 -7.68 5.87 4.92
C LEU A 60 -8.77 5.46 3.93
N ILE A 61 -8.54 4.35 3.26
CA ILE A 61 -9.49 3.84 2.28
C ILE A 61 -10.89 3.84 2.91
N GLU A 62 -10.97 3.30 4.12
CA GLU A 62 -12.23 3.23 4.82
C GLU A 62 -12.86 4.62 4.92
N ASP A 63 -12.00 5.62 5.09
CA ASP A 63 -12.45 6.99 5.20
C ASP A 63 -12.99 7.46 3.85
N LYS A 64 -12.08 7.57 2.90
CA LYS A 64 -12.44 8.02 1.57
C LYS A 64 -11.17 8.27 0.75
N VAL A 65 -10.20 7.39 0.94
CA VAL A 65 -8.93 7.51 0.23
C VAL A 65 -8.73 6.28 -0.66
N ASP A 66 -9.13 6.43 -1.92
CA ASP A 66 -9.00 5.34 -2.87
C ASP A 66 -7.58 4.78 -2.82
N ALA A 67 -7.34 3.78 -3.64
CA ALA A 67 -6.03 3.15 -3.70
C ALA A 67 -5.00 4.16 -4.22
N ASN A 68 -5.41 4.86 -5.27
CA ASN A 68 -4.53 5.85 -5.88
C ASN A 68 -4.46 7.09 -4.98
N ALA A 69 -5.61 7.45 -4.43
CA ALA A 69 -5.69 8.61 -3.55
C ALA A 69 -4.76 8.40 -2.36
N ILE A 70 -4.73 7.17 -1.88
CA ILE A 70 -3.88 6.82 -0.75
C ILE A 70 -2.43 6.73 -1.21
N CYS A 71 -2.23 5.97 -2.28
CA CYS A 71 -0.90 5.78 -2.83
C CYS A 71 -0.34 7.16 -3.21
N ALA A 72 -1.25 8.13 -3.30
CA ALA A 72 -0.86 9.48 -3.64
C ALA A 72 -0.36 10.20 -2.38
N LYS A 73 -0.98 9.87 -1.27
CA LYS A 73 -0.61 10.48 0.01
C LYS A 73 0.88 10.25 0.25
N ILE A 74 1.29 9.00 0.14
CA ILE A 74 2.68 8.64 0.34
C ILE A 74 3.50 9.06 -0.88
N HIS A 75 2.81 9.69 -1.82
CA HIS A 75 3.46 10.15 -3.04
C HIS A 75 3.98 8.94 -3.83
N ALA A 76 3.36 7.80 -3.57
CA ALA A 76 3.75 6.57 -4.24
C ALA A 76 3.19 6.58 -5.67
N CYS A 77 2.51 5.49 -6.00
CA CYS A 77 1.92 5.37 -7.32
C CYS A 77 3.05 5.26 -8.35
N GLY A 1 4.10 8.75 -14.57
CA GLY A 1 3.49 7.88 -15.57
C GLY A 1 2.87 6.65 -14.90
N GLU A 2 3.73 5.68 -14.61
CA GLU A 2 3.29 4.45 -13.98
C GLU A 2 4.49 3.59 -13.58
N ILE A 3 5.35 4.18 -12.76
CA ILE A 3 6.54 3.49 -12.30
C ILE A 3 6.13 2.14 -11.68
N LEU A 4 5.36 2.24 -10.60
CA LEU A 4 4.90 1.05 -9.91
C LEU A 4 3.60 1.37 -9.16
N CYS A 5 2.73 2.09 -9.84
CA CYS A 5 1.45 2.48 -9.25
C CYS A 5 0.51 1.27 -9.33
N ASN A 6 0.31 0.80 -10.55
CA ASN A 6 -0.57 -0.34 -10.77
C ASN A 6 -0.28 -1.41 -9.72
N LEU A 7 0.97 -1.45 -9.28
CA LEU A 7 1.39 -2.42 -8.28
C LEU A 7 0.73 -2.08 -6.95
N CYS A 8 1.13 -0.95 -6.39
CA CYS A 8 0.59 -0.51 -5.11
C CYS A 8 -0.93 -0.44 -5.24
N THR A 9 -1.40 0.60 -5.91
CA THR A 9 -2.82 0.80 -6.11
C THR A 9 -3.50 -0.54 -6.42
N GLY A 10 -2.71 -1.46 -6.96
CA GLY A 10 -3.22 -2.78 -7.31
C GLY A 10 -3.39 -3.65 -6.07
N LEU A 11 -2.44 -3.52 -5.16
CA LEU A 11 -2.47 -4.29 -3.93
C LEU A 11 -3.46 -3.64 -2.95
N ILE A 12 -3.44 -2.32 -2.94
CA ILE A 12 -4.33 -1.57 -2.07
C ILE A 12 -5.77 -2.07 -2.25
N ASN A 13 -6.20 -2.07 -3.50
CA ASN A 13 -7.55 -2.53 -3.82
C ASN A 13 -7.74 -3.95 -3.29
N THR A 14 -6.66 -4.71 -3.29
CA THR A 14 -6.70 -6.07 -2.82
C THR A 14 -6.90 -6.11 -1.30
N LEU A 15 -6.38 -5.07 -0.65
CA LEU A 15 -6.50 -4.96 0.80
C LEU A 15 -7.97 -4.78 1.17
N GLU A 16 -8.73 -4.22 0.24
CA GLU A 16 -10.14 -3.99 0.45
C GLU A 16 -10.87 -5.30 0.69
N ASN A 17 -10.34 -6.36 0.07
CA ASN A 17 -10.93 -7.67 0.21
C ASN A 17 -9.98 -8.58 0.98
N LEU A 18 -8.70 -8.24 0.90
CA LEU A 18 -7.67 -9.01 1.60
C LEU A 18 -8.24 -9.53 2.91
N LEU A 19 -8.23 -8.67 3.91
CA LEU A 19 -8.73 -9.03 5.22
C LEU A 19 -10.12 -8.42 5.42
N THR A 20 -10.29 -7.22 4.87
CA THR A 20 -11.56 -6.52 4.97
C THR A 20 -12.13 -6.66 6.38
N THR A 21 -11.30 -6.33 7.36
CA THR A 21 -11.72 -6.42 8.75
C THR A 21 -11.52 -7.84 9.28
N LYS A 22 -10.61 -7.97 10.23
CA LYS A 22 -10.32 -9.26 10.82
C LYS A 22 -9.10 -9.14 11.74
N GLY A 23 -7.96 -8.92 11.12
CA GLY A 23 -6.72 -8.78 11.86
C GLY A 23 -5.90 -7.60 11.34
N ALA A 24 -5.79 -7.53 10.02
CA ALA A 24 -5.04 -6.46 9.38
C ALA A 24 -3.55 -6.77 9.48
N ASP A 25 -3.24 -7.91 10.10
CA ASP A 25 -1.86 -8.32 10.26
C ASP A 25 -1.40 -9.02 8.97
N LYS A 26 -2.35 -9.67 8.31
CA LYS A 26 -2.06 -10.38 7.08
C LYS A 26 -1.78 -9.37 5.97
N VAL A 27 -2.13 -8.12 6.25
CA VAL A 27 -1.93 -7.05 5.29
C VAL A 27 -0.43 -6.72 5.19
N LYS A 28 0.14 -6.44 6.35
CA LYS A 28 1.56 -6.12 6.42
C LYS A 28 2.39 -7.37 6.11
N ASP A 29 1.73 -8.51 6.24
CA ASP A 29 2.39 -9.78 5.98
C ASP A 29 2.51 -10.00 4.47
N TYR A 30 1.53 -9.46 3.75
CA TYR A 30 1.50 -9.59 2.31
C TYR A 30 2.15 -8.37 1.64
N ILE A 31 2.03 -7.24 2.32
CA ILE A 31 2.59 -5.99 1.82
C ILE A 31 4.12 -6.09 1.83
N SER A 32 4.62 -6.92 2.74
CA SER A 32 6.06 -7.11 2.86
C SER A 32 6.59 -7.87 1.64
N SER A 33 5.97 -9.00 1.38
CA SER A 33 6.38 -9.83 0.25
C SER A 33 6.42 -8.99 -1.02
N LEU A 34 5.32 -8.28 -1.27
CA LEU A 34 5.23 -7.44 -2.44
C LEU A 34 6.25 -6.30 -2.35
N CYS A 35 6.25 -5.66 -1.18
CA CYS A 35 7.17 -4.56 -0.94
C CYS A 35 8.60 -5.08 -1.11
N ASN A 36 8.74 -6.39 -0.94
CA ASN A 36 10.05 -7.01 -1.07
C ASN A 36 10.33 -7.29 -2.55
N LYS A 37 10.17 -6.24 -3.34
CA LYS A 37 10.41 -6.35 -4.77
C LYS A 37 10.50 -4.95 -5.38
N ALA A 38 11.32 -4.12 -4.74
CA ALA A 38 11.51 -2.75 -5.20
C ALA A 38 13.01 -2.48 -5.40
N SER A 39 13.65 -2.06 -4.31
CA SER A 39 15.07 -1.76 -4.35
C SER A 39 15.41 -0.99 -5.63
N GLY A 40 14.63 0.06 -5.88
CA GLY A 40 14.84 0.88 -7.05
C GLY A 40 14.22 2.27 -6.88
N PHE A 41 13.79 2.84 -7.99
CA PHE A 41 13.17 4.15 -7.96
C PHE A 41 12.00 4.20 -6.98
N ILE A 42 11.42 3.03 -6.75
CA ILE A 42 10.29 2.91 -5.84
C ILE A 42 10.81 2.64 -4.43
N ALA A 43 12.09 2.32 -4.35
CA ALA A 43 12.72 2.04 -3.07
C ALA A 43 12.12 2.96 -2.00
N THR A 44 12.26 4.26 -2.24
CA THR A 44 11.75 5.26 -1.32
C THR A 44 10.22 5.22 -1.29
N LEU A 45 9.65 4.76 -2.39
CA LEU A 45 8.21 4.66 -2.50
C LEU A 45 7.70 3.55 -1.58
N CYS A 46 8.41 2.44 -1.60
CA CYS A 46 8.05 1.30 -0.78
C CYS A 46 8.24 1.69 0.70
N THR A 47 9.39 2.28 0.97
CA THR A 47 9.71 2.71 2.32
C THR A 47 8.78 3.85 2.76
N LYS A 48 8.13 4.45 1.77
CA LYS A 48 7.22 5.55 2.03
C LYS A 48 5.99 5.01 2.79
N VAL A 49 5.50 3.88 2.32
CA VAL A 49 4.34 3.26 2.94
C VAL A 49 4.69 2.86 4.38
N LEU A 50 5.83 2.21 4.51
CA LEU A 50 6.29 1.77 5.83
C LEU A 50 6.42 2.98 6.75
N ASP A 51 7.09 4.00 6.23
CA ASP A 51 7.29 5.22 6.99
C ASP A 51 5.94 5.85 7.34
N PHE A 52 5.02 5.76 6.38
CA PHE A 52 3.69 6.31 6.56
C PHE A 52 2.91 5.49 7.59
N GLY A 53 2.90 4.19 7.38
CA GLY A 53 2.19 3.28 8.28
C GLY A 53 1.11 2.50 7.54
N ILE A 54 1.43 1.25 7.26
CA ILE A 54 0.50 0.38 6.55
C ILE A 54 -0.89 0.51 7.18
N ASP A 55 -0.91 0.63 8.49
CA ASP A 55 -2.15 0.76 9.22
C ASP A 55 -2.88 2.02 8.75
N LYS A 56 -2.09 3.06 8.48
CA LYS A 56 -2.65 4.33 8.03
C LYS A 56 -3.38 4.10 6.69
N LEU A 57 -2.61 3.65 5.70
CA LEU A 57 -3.16 3.41 4.38
C LEU A 57 -4.51 2.71 4.53
N ILE A 58 -4.58 1.80 5.50
CA ILE A 58 -5.81 1.07 5.74
C ILE A 58 -6.89 2.03 6.23
N GLN A 59 -6.52 2.84 7.21
CA GLN A 59 -7.45 3.82 7.76
C GLN A 59 -7.98 4.74 6.66
N LEU A 60 -7.06 5.19 5.82
CA LEU A 60 -7.41 6.08 4.73
C LEU A 60 -8.54 5.44 3.91
N ILE A 61 -8.32 4.19 3.54
CA ILE A 61 -9.31 3.47 2.76
C ILE A 61 -10.65 3.51 3.48
N GLU A 62 -10.64 3.08 4.73
CA GLU A 62 -11.85 3.08 5.53
C GLU A 62 -12.53 4.45 5.50
N ASP A 63 -11.69 5.48 5.49
CA ASP A 63 -12.19 6.84 5.46
C ASP A 63 -12.86 7.11 4.12
N LYS A 64 -12.06 7.08 3.07
CA LYS A 64 -12.56 7.30 1.72
C LYS A 64 -11.40 7.66 0.80
N VAL A 65 -10.31 6.91 0.94
CA VAL A 65 -9.13 7.13 0.13
C VAL A 65 -8.90 5.92 -0.78
N ASP A 66 -9.24 6.10 -2.04
CA ASP A 66 -9.08 5.03 -3.01
C ASP A 66 -7.67 4.44 -2.89
N ALA A 67 -7.40 3.45 -3.72
CA ALA A 67 -6.10 2.80 -3.72
C ALA A 67 -5.07 3.75 -4.33
N ASN A 68 -5.53 4.56 -5.27
CA ASN A 68 -4.67 5.51 -5.94
C ASN A 68 -4.52 6.76 -5.06
N ALA A 69 -5.66 7.23 -4.58
CA ALA A 69 -5.68 8.42 -3.74
C ALA A 69 -4.74 8.20 -2.55
N ILE A 70 -4.77 6.99 -2.02
CA ILE A 70 -3.93 6.64 -0.88
C ILE A 70 -2.47 6.55 -1.34
N CYS A 71 -2.28 5.96 -2.51
CA CYS A 71 -0.95 5.81 -3.07
C CYS A 71 -0.46 7.18 -3.54
N ALA A 72 -1.36 8.15 -3.46
CA ALA A 72 -1.04 9.51 -3.86
C ALA A 72 -0.38 10.24 -2.69
N LYS A 73 -0.90 9.99 -1.50
CA LYS A 73 -0.38 10.61 -0.30
C LYS A 73 1.14 10.40 -0.24
N ILE A 74 1.52 9.13 -0.15
CA ILE A 74 2.93 8.78 -0.08
C ILE A 74 3.60 9.10 -1.42
N HIS A 75 2.77 9.53 -2.37
CA HIS A 75 3.26 9.86 -3.69
C HIS A 75 3.87 8.62 -4.34
N ALA A 76 3.00 7.72 -4.78
CA ALA A 76 3.43 6.49 -5.40
C ALA A 76 2.70 6.32 -6.73
N CYS A 77 3.03 7.19 -7.68
CA CYS A 77 2.42 7.16 -8.99
C CYS A 77 3.23 8.04 -9.93
N GLY A 1 3.53 4.09 -18.44
CA GLY A 1 3.81 5.08 -17.42
C GLY A 1 3.21 4.68 -16.07
N GLU A 2 3.91 3.79 -15.39
CA GLU A 2 3.45 3.32 -14.09
C GLU A 2 4.52 2.45 -13.43
N ILE A 3 5.61 3.10 -13.04
CA ILE A 3 6.71 2.40 -12.40
C ILE A 3 6.15 1.34 -11.45
N LEU A 4 5.17 1.76 -10.66
CA LEU A 4 4.54 0.86 -9.71
C LEU A 4 3.24 1.49 -9.20
N CYS A 5 2.58 2.22 -10.09
CA CYS A 5 1.33 2.87 -9.75
C CYS A 5 0.26 1.80 -9.60
N ASN A 6 -0.12 1.21 -10.72
CA ASN A 6 -1.15 0.18 -10.73
C ASN A 6 -0.72 -0.94 -9.77
N LEU A 7 0.57 -0.98 -9.48
CA LEU A 7 1.11 -1.99 -8.59
C LEU A 7 0.55 -1.78 -7.19
N CYS A 8 1.19 -0.89 -6.44
CA CYS A 8 0.77 -0.58 -5.09
C CYS A 8 -0.75 -0.47 -5.08
N THR A 9 -1.23 0.65 -5.62
CA THR A 9 -2.67 0.89 -5.68
C THR A 9 -3.41 -0.37 -6.08
N GLY A 10 -2.69 -1.25 -6.76
CA GLY A 10 -3.27 -2.52 -7.20
C GLY A 10 -3.42 -3.49 -6.04
N LEU A 11 -2.38 -3.56 -5.22
CA LEU A 11 -2.37 -4.44 -4.07
C LEU A 11 -3.17 -3.81 -2.94
N ILE A 12 -3.30 -2.49 -3.01
CA ILE A 12 -4.04 -1.75 -2.00
C ILE A 12 -5.52 -2.12 -2.08
N ASN A 13 -6.08 -1.92 -3.26
CA ASN A 13 -7.49 -2.22 -3.48
C ASN A 13 -7.73 -3.71 -3.20
N THR A 14 -6.78 -4.52 -3.63
CA THR A 14 -6.88 -5.96 -3.43
C THR A 14 -6.61 -6.32 -1.96
N LEU A 15 -6.17 -5.31 -1.22
CA LEU A 15 -5.88 -5.50 0.19
C LEU A 15 -7.13 -5.18 1.01
N GLU A 16 -8.01 -4.39 0.41
CA GLU A 16 -9.24 -4.01 1.07
C GLU A 16 -10.08 -5.23 1.40
N ASN A 17 -9.79 -6.32 0.70
CA ASN A 17 -10.50 -7.57 0.92
C ASN A 17 -9.55 -8.61 1.50
N LEU A 18 -8.30 -8.19 1.65
CA LEU A 18 -7.28 -9.07 2.20
C LEU A 18 -7.84 -9.79 3.44
N LEU A 19 -7.67 -9.14 4.58
CA LEU A 19 -8.15 -9.70 5.84
C LEU A 19 -9.50 -9.07 6.18
N THR A 20 -9.55 -7.76 6.04
CA THR A 20 -10.78 -7.03 6.34
C THR A 20 -11.52 -7.68 7.51
N THR A 21 -11.22 -7.17 8.71
CA THR A 21 -11.85 -7.69 9.91
C THR A 21 -11.06 -8.90 10.44
N LYS A 22 -10.11 -9.35 9.63
CA LYS A 22 -9.30 -10.49 10.00
C LYS A 22 -8.05 -10.01 10.74
N GLY A 23 -7.48 -8.92 10.22
CA GLY A 23 -6.29 -8.34 10.81
C GLY A 23 -5.48 -7.57 9.77
N ALA A 24 -5.51 -6.25 9.89
CA ALA A 24 -4.79 -5.40 8.97
C ALA A 24 -3.28 -5.59 9.18
N ASP A 25 -2.96 -6.30 10.24
CA ASP A 25 -1.56 -6.56 10.57
C ASP A 25 -1.01 -7.60 9.60
N LYS A 26 -1.85 -8.58 9.27
CA LYS A 26 -1.45 -9.63 8.36
C LYS A 26 -1.20 -9.03 6.98
N VAL A 27 -1.76 -7.86 6.76
CA VAL A 27 -1.61 -7.17 5.48
C VAL A 27 -0.12 -6.93 5.22
N LYS A 28 0.53 -6.30 6.19
CA LYS A 28 1.94 -6.00 6.07
C LYS A 28 2.70 -7.29 5.75
N ASP A 29 2.11 -8.41 6.14
CA ASP A 29 2.72 -9.70 5.90
C ASP A 29 2.75 -9.98 4.39
N TYR A 30 1.69 -9.54 3.72
CA TYR A 30 1.59 -9.72 2.28
C TYR A 30 2.31 -8.60 1.53
N ILE A 31 2.32 -7.42 2.14
CA ILE A 31 2.96 -6.27 1.54
C ILE A 31 4.48 -6.49 1.52
N SER A 32 4.91 -7.46 2.32
CA SER A 32 6.32 -7.78 2.40
C SER A 32 6.78 -8.46 1.11
N SER A 33 6.04 -9.48 0.72
CA SER A 33 6.36 -10.22 -0.49
C SER A 33 6.29 -9.30 -1.70
N LEU A 34 5.27 -8.44 -1.70
CA LEU A 34 5.08 -7.50 -2.79
C LEU A 34 6.20 -6.44 -2.75
N CYS A 35 6.45 -5.94 -1.55
CA CYS A 35 7.47 -4.94 -1.36
C CYS A 35 8.81 -5.52 -1.82
N ASN A 36 9.04 -6.76 -1.41
CA ASN A 36 10.27 -7.45 -1.76
C ASN A 36 10.59 -7.18 -3.23
N LYS A 37 9.54 -6.93 -4.00
CA LYS A 37 9.70 -6.66 -5.42
C LYS A 37 9.82 -5.15 -5.64
N ALA A 38 10.76 -4.55 -4.92
CA ALA A 38 10.99 -3.12 -5.02
C ALA A 38 12.50 -2.86 -5.08
N SER A 39 13.05 -2.45 -3.95
CA SER A 39 14.47 -2.16 -3.88
C SER A 39 14.94 -1.49 -5.16
N GLY A 40 14.13 -0.55 -5.63
CA GLY A 40 14.46 0.17 -6.85
C GLY A 40 13.92 1.62 -6.79
N PHE A 41 13.20 1.99 -7.83
CA PHE A 41 12.64 3.33 -7.91
C PHE A 41 11.51 3.51 -6.88
N ILE A 42 10.87 2.39 -6.56
CA ILE A 42 9.79 2.41 -5.59
C ILE A 42 10.34 2.18 -4.19
N ALA A 43 11.60 1.76 -4.16
CA ALA A 43 12.26 1.50 -2.88
C ALA A 43 11.79 2.52 -1.84
N THR A 44 12.04 3.79 -2.16
CA THR A 44 11.64 4.87 -1.26
C THR A 44 10.12 4.95 -1.17
N LEU A 45 9.47 4.50 -2.23
CA LEU A 45 8.02 4.52 -2.28
C LEU A 45 7.45 3.54 -1.26
N CYS A 46 8.08 2.37 -1.21
CA CYS A 46 7.66 1.33 -0.28
C CYS A 46 7.90 1.83 1.14
N THR A 47 9.14 2.21 1.41
CA THR A 47 9.51 2.71 2.73
C THR A 47 8.55 3.82 3.16
N LYS A 48 7.92 4.43 2.16
CA LYS A 48 7.00 5.52 2.42
C LYS A 48 5.79 4.97 3.20
N VAL A 49 5.18 3.94 2.63
CA VAL A 49 4.02 3.32 3.24
C VAL A 49 4.37 2.92 4.67
N LEU A 50 5.59 2.43 4.84
CA LEU A 50 6.05 2.01 6.15
C LEU A 50 6.11 3.23 7.08
N ASP A 51 6.81 4.26 6.61
CA ASP A 51 6.94 5.48 7.39
C ASP A 51 5.55 6.00 7.76
N PHE A 52 4.64 5.87 6.82
CA PHE A 52 3.27 6.32 7.03
C PHE A 52 2.51 5.36 7.95
N GLY A 53 2.54 4.09 7.57
CA GLY A 53 1.87 3.07 8.36
C GLY A 53 0.82 2.34 7.51
N ILE A 54 1.17 1.13 7.11
CA ILE A 54 0.28 0.32 6.29
C ILE A 54 -1.14 0.37 6.89
N ASP A 55 -1.18 0.37 8.21
CA ASP A 55 -2.46 0.41 8.92
C ASP A 55 -3.22 1.68 8.50
N LYS A 56 -2.46 2.76 8.37
CA LYS A 56 -3.06 4.04 7.97
C LYS A 56 -3.65 3.90 6.57
N LEU A 57 -2.78 3.57 5.63
CA LEU A 57 -3.20 3.41 4.24
C LEU A 57 -4.56 2.71 4.21
N ILE A 58 -4.71 1.74 5.10
CA ILE A 58 -5.95 0.98 5.18
C ILE A 58 -7.07 1.90 5.69
N GLN A 59 -6.88 2.40 6.90
CA GLN A 59 -7.86 3.29 7.50
C GLN A 59 -8.32 4.34 6.51
N LEU A 60 -7.35 4.88 5.77
CA LEU A 60 -7.63 5.89 4.78
C LEU A 60 -8.70 5.38 3.82
N ILE A 61 -8.45 4.18 3.30
CA ILE A 61 -9.37 3.56 2.36
C ILE A 61 -10.78 3.58 2.96
N GLU A 62 -10.86 3.17 4.23
CA GLU A 62 -12.13 3.13 4.92
C GLU A 62 -12.74 4.53 5.01
N ASP A 63 -11.86 5.51 5.20
CA ASP A 63 -12.30 6.89 5.30
C ASP A 63 -12.87 7.33 3.96
N LYS A 64 -12.02 7.29 2.94
CA LYS A 64 -12.42 7.68 1.61
C LYS A 64 -11.18 8.00 0.77
N VAL A 65 -10.20 7.13 0.89
CA VAL A 65 -8.95 7.29 0.15
C VAL A 65 -8.71 6.06 -0.71
N ASP A 66 -9.08 6.18 -1.98
CA ASP A 66 -8.91 5.08 -2.92
C ASP A 66 -7.48 4.55 -2.81
N ALA A 67 -7.21 3.52 -3.60
CA ALA A 67 -5.90 2.90 -3.60
C ALA A 67 -4.88 3.89 -4.21
N ASN A 68 -5.32 4.56 -5.26
CA ASN A 68 -4.46 5.53 -5.93
C ASN A 68 -4.39 6.81 -5.08
N ALA A 69 -5.54 7.20 -4.56
CA ALA A 69 -5.63 8.39 -3.74
C ALA A 69 -4.69 8.25 -2.54
N ILE A 70 -4.65 7.04 -2.00
CA ILE A 70 -3.80 6.76 -0.86
C ILE A 70 -2.34 6.68 -1.31
N CYS A 71 -2.13 5.90 -2.36
CA CYS A 71 -0.79 5.74 -2.90
C CYS A 71 -0.28 7.11 -3.34
N ALA A 72 -1.21 8.04 -3.47
CA ALA A 72 -0.87 9.39 -3.88
C ALA A 72 -0.25 10.14 -2.70
N LYS A 73 -0.87 9.98 -1.54
CA LYS A 73 -0.38 10.62 -0.34
C LYS A 73 1.12 10.36 -0.19
N ILE A 74 1.45 9.10 0.06
CA ILE A 74 2.83 8.70 0.23
C ILE A 74 3.59 8.92 -1.09
N HIS A 75 2.83 9.36 -2.10
CA HIS A 75 3.42 9.62 -3.40
C HIS A 75 3.82 8.28 -4.05
N ALA A 76 3.40 7.21 -3.41
CA ALA A 76 3.71 5.87 -3.91
C ALA A 76 3.08 5.69 -5.29
N CYS A 77 2.17 6.59 -5.61
CA CYS A 77 1.49 6.55 -6.89
C CYS A 77 1.15 5.10 -7.21
N GLY A 1 6.59 5.04 -17.73
CA GLY A 1 5.42 5.60 -17.08
C GLY A 1 4.62 4.51 -16.34
N GLU A 2 4.26 4.81 -15.11
CA GLU A 2 3.51 3.88 -14.29
C GLU A 2 4.43 2.82 -13.71
N ILE A 3 5.48 3.29 -13.06
CA ILE A 3 6.45 2.39 -12.45
C ILE A 3 5.71 1.25 -11.75
N LEU A 4 5.27 1.53 -10.54
CA LEU A 4 4.54 0.53 -9.76
C LEU A 4 3.31 1.19 -9.12
N CYS A 5 2.82 2.23 -9.78
CA CYS A 5 1.65 2.94 -9.30
C CYS A 5 0.45 1.99 -9.36
N ASN A 6 -0.01 1.75 -10.57
CA ASN A 6 -1.15 0.87 -10.78
C ASN A 6 -0.92 -0.44 -10.01
N LEU A 7 0.35 -0.72 -9.75
CA LEU A 7 0.72 -1.92 -9.02
C LEU A 7 0.18 -1.84 -7.60
N CYS A 8 0.76 -0.92 -6.84
CA CYS A 8 0.35 -0.74 -5.46
C CYS A 8 -1.17 -0.64 -5.41
N THR A 9 -1.69 0.33 -6.15
CA THR A 9 -3.13 0.54 -6.21
C THR A 9 -3.86 -0.79 -6.47
N GLY A 10 -3.11 -1.72 -7.05
CA GLY A 10 -3.67 -3.02 -7.37
C GLY A 10 -3.74 -3.90 -6.11
N LEU A 11 -2.75 -3.74 -5.26
CA LEU A 11 -2.69 -4.51 -4.03
C LEU A 11 -3.57 -3.84 -2.97
N ILE A 12 -3.52 -2.51 -2.96
CA ILE A 12 -4.31 -1.74 -2.01
C ILE A 12 -5.76 -2.23 -2.04
N ASN A 13 -6.32 -2.24 -3.25
CA ASN A 13 -7.69 -2.69 -3.42
C ASN A 13 -7.85 -4.09 -2.84
N THR A 14 -6.79 -4.87 -2.96
CA THR A 14 -6.79 -6.23 -2.46
C THR A 14 -6.81 -6.23 -0.93
N LEU A 15 -6.27 -5.17 -0.36
CA LEU A 15 -6.21 -5.04 1.08
C LEU A 15 -7.63 -4.87 1.63
N GLU A 16 -8.48 -4.28 0.80
CA GLU A 16 -9.87 -4.06 1.19
C GLU A 16 -10.60 -5.39 1.34
N ASN A 17 -10.11 -6.38 0.61
CA ASN A 17 -10.71 -7.71 0.66
C ASN A 17 -9.76 -8.67 1.37
N LEU A 18 -8.51 -8.25 1.47
CA LEU A 18 -7.50 -9.06 2.13
C LEU A 18 -8.05 -9.57 3.46
N LEU A 19 -7.92 -8.74 4.49
CA LEU A 19 -8.39 -9.09 5.81
C LEU A 19 -9.51 -8.14 6.22
N THR A 20 -9.18 -6.86 6.21
CA THR A 20 -10.15 -5.84 6.57
C THR A 20 -11.08 -6.35 7.67
N THR A 21 -10.51 -7.16 8.55
CA THR A 21 -11.28 -7.73 9.65
C THR A 21 -10.39 -8.60 10.52
N LYS A 22 -9.53 -9.37 9.85
CA LYS A 22 -8.61 -10.26 10.56
C LYS A 22 -7.83 -9.46 11.59
N GLY A 23 -7.18 -8.41 11.12
CA GLY A 23 -6.40 -7.55 11.99
C GLY A 23 -5.59 -6.53 11.18
N ALA A 24 -5.27 -6.92 9.95
CA ALA A 24 -4.51 -6.05 9.07
C ALA A 24 -3.01 -6.33 9.26
N ASP A 25 -2.72 -7.41 9.96
CA ASP A 25 -1.34 -7.79 10.22
C ASP A 25 -0.79 -8.54 9.01
N LYS A 26 -1.61 -9.45 8.49
CA LYS A 26 -1.22 -10.23 7.34
C LYS A 26 -1.00 -9.31 6.14
N VAL A 27 -1.52 -8.09 6.27
CA VAL A 27 -1.39 -7.11 5.21
C VAL A 27 0.09 -6.77 5.01
N LYS A 28 0.74 -6.42 6.11
CA LYS A 28 2.15 -6.07 6.06
C LYS A 28 2.96 -7.31 5.71
N ASP A 29 2.30 -8.45 5.81
CA ASP A 29 2.95 -9.72 5.51
C ASP A 29 2.94 -9.96 3.99
N TYR A 30 1.85 -9.53 3.37
CA TYR A 30 1.70 -9.68 1.94
C TYR A 30 2.24 -8.46 1.20
N ILE A 31 2.21 -7.33 1.89
CA ILE A 31 2.69 -6.08 1.31
C ILE A 31 4.21 -6.14 1.19
N SER A 32 4.83 -6.81 2.16
CA SER A 32 6.28 -6.94 2.17
C SER A 32 6.72 -7.95 1.11
N SER A 33 5.92 -9.00 0.96
CA SER A 33 6.21 -10.04 0.00
C SER A 33 6.10 -9.48 -1.42
N LEU A 34 5.15 -8.58 -1.59
CA LEU A 34 4.94 -7.97 -2.90
C LEU A 34 5.95 -6.84 -3.10
N CYS A 35 6.03 -5.98 -2.09
CA CYS A 35 6.96 -4.86 -2.15
C CYS A 35 8.38 -5.41 -2.12
N ASN A 36 8.52 -6.60 -1.55
CA ASN A 36 9.82 -7.25 -1.45
C ASN A 36 10.59 -7.02 -2.76
N LYS A 37 9.85 -6.89 -3.84
CA LYS A 37 10.45 -6.67 -5.14
C LYS A 37 10.66 -5.17 -5.36
N ALA A 38 11.30 -4.55 -4.37
CA ALA A 38 11.57 -3.13 -4.44
C ALA A 38 13.09 -2.90 -4.52
N SER A 39 13.66 -2.50 -3.39
CA SER A 39 15.08 -2.25 -3.32
C SER A 39 15.57 -1.62 -4.62
N GLY A 40 14.82 -0.61 -5.07
CA GLY A 40 15.18 0.08 -6.29
C GLY A 40 14.57 1.49 -6.31
N PHE A 41 13.82 1.77 -7.37
CA PHE A 41 13.19 3.07 -7.51
C PHE A 41 12.03 3.24 -6.52
N ILE A 42 11.37 2.12 -6.24
CA ILE A 42 10.25 2.13 -5.32
C ILE A 42 10.78 1.97 -3.89
N ALA A 43 12.07 1.68 -3.80
CA ALA A 43 12.71 1.50 -2.49
C ALA A 43 12.11 2.50 -1.50
N THR A 44 12.31 3.78 -1.81
CA THR A 44 11.80 4.84 -0.96
C THR A 44 10.26 4.81 -0.93
N LEU A 45 9.70 4.27 -2.00
CA LEU A 45 8.25 4.18 -2.10
C LEU A 45 7.73 3.18 -1.06
N CYS A 46 8.50 2.11 -0.88
CA CYS A 46 8.13 1.08 0.06
C CYS A 46 8.28 1.64 1.48
N THR A 47 9.47 2.16 1.75
CA THR A 47 9.75 2.74 3.06
C THR A 47 8.76 3.86 3.38
N LYS A 48 8.18 4.40 2.31
CA LYS A 48 7.20 5.48 2.47
C LYS A 48 6.00 4.95 3.24
N VAL A 49 5.40 3.90 2.70
CA VAL A 49 4.23 3.29 3.31
C VAL A 49 4.51 3.06 4.80
N LEU A 50 5.71 2.57 5.07
CA LEU A 50 6.12 2.29 6.45
C LEU A 50 6.13 3.60 7.24
N ASP A 51 6.78 4.60 6.66
CA ASP A 51 6.86 5.90 7.30
C ASP A 51 5.46 6.44 7.57
N PHE A 52 4.56 6.14 6.64
CA PHE A 52 3.18 6.58 6.76
C PHE A 52 2.43 5.73 7.78
N GLY A 53 2.49 4.41 7.59
CA GLY A 53 1.82 3.49 8.48
C GLY A 53 0.81 2.63 7.71
N ILE A 54 1.18 1.38 7.50
CA ILE A 54 0.32 0.45 6.79
C ILE A 54 -1.11 0.57 7.34
N ASP A 55 -1.19 0.76 8.65
CA ASP A 55 -2.49 0.89 9.30
C ASP A 55 -3.19 2.14 8.77
N LYS A 56 -2.41 3.19 8.59
CA LYS A 56 -2.94 4.44 8.10
C LYS A 56 -3.59 4.22 6.73
N LEU A 57 -2.80 3.66 5.82
CA LEU A 57 -3.28 3.39 4.48
C LEU A 57 -4.68 2.77 4.56
N ILE A 58 -4.83 1.87 5.52
CA ILE A 58 -6.11 1.19 5.72
C ILE A 58 -7.12 2.19 6.27
N GLN A 59 -6.67 2.97 7.24
CA GLN A 59 -7.54 3.96 7.86
C GLN A 59 -8.14 4.88 6.80
N LEU A 60 -7.30 5.24 5.83
CA LEU A 60 -7.76 6.11 4.75
C LEU A 60 -8.88 5.43 3.98
N ILE A 61 -8.56 4.27 3.43
CA ILE A 61 -9.55 3.51 2.67
C ILE A 61 -10.85 3.43 3.47
N GLU A 62 -10.70 3.20 4.76
CA GLU A 62 -11.86 3.09 5.64
C GLU A 62 -12.72 4.35 5.53
N ASP A 63 -12.05 5.49 5.45
CA ASP A 63 -12.75 6.76 5.34
C ASP A 63 -13.30 6.91 3.92
N LYS A 64 -12.39 6.93 2.96
CA LYS A 64 -12.77 7.06 1.57
C LYS A 64 -11.57 7.58 0.77
N VAL A 65 -10.59 6.71 0.60
CA VAL A 65 -9.39 7.07 -0.15
C VAL A 65 -9.07 5.96 -1.14
N ASP A 66 -9.22 6.29 -2.41
CA ASP A 66 -8.95 5.33 -3.47
C ASP A 66 -7.58 4.69 -3.24
N ALA A 67 -7.24 3.77 -4.12
CA ALA A 67 -5.97 3.07 -4.02
C ALA A 67 -4.86 3.94 -4.62
N ASN A 68 -5.26 4.79 -5.56
CA ASN A 68 -4.33 5.68 -6.22
C ASN A 68 -4.12 6.92 -5.36
N ALA A 69 -5.24 7.51 -4.96
CA ALA A 69 -5.20 8.71 -4.12
C ALA A 69 -4.32 8.44 -2.90
N ILE A 70 -4.40 7.21 -2.41
CA ILE A 70 -3.63 6.83 -1.24
C ILE A 70 -2.16 6.64 -1.65
N CYS A 71 -1.97 5.98 -2.78
CA CYS A 71 -0.63 5.73 -3.29
C CYS A 71 -0.02 7.07 -3.68
N ALA A 72 -0.86 8.09 -3.71
CA ALA A 72 -0.41 9.42 -4.07
C ALA A 72 0.17 10.12 -2.84
N LYS A 73 -0.48 9.90 -1.70
CA LYS A 73 -0.03 10.48 -0.46
C LYS A 73 1.42 10.12 -0.21
N ILE A 74 1.65 8.83 0.00
CA ILE A 74 2.99 8.32 0.24
C ILE A 74 3.83 8.49 -1.03
N HIS A 75 3.18 8.97 -2.07
CA HIS A 75 3.85 9.19 -3.35
C HIS A 75 4.42 7.86 -3.85
N ALA A 76 3.66 6.80 -3.61
CA ALA A 76 4.07 5.48 -4.04
C ALA A 76 3.75 5.30 -5.53
N CYS A 77 4.24 6.23 -6.32
CA CYS A 77 4.01 6.19 -7.75
C CYS A 77 5.28 6.68 -8.46
N GLY A 1 5.35 7.41 -8.68
CA GLY A 1 5.45 8.36 -9.80
C GLY A 1 4.65 7.87 -11.00
N GLU A 2 5.07 6.73 -11.53
CA GLU A 2 4.41 6.15 -12.69
C GLU A 2 5.12 4.87 -13.11
N ILE A 3 5.59 4.13 -12.11
CA ILE A 3 6.30 2.88 -12.38
C ILE A 3 5.46 1.72 -11.85
N LEU A 4 5.03 1.85 -10.60
CA LEU A 4 4.23 0.82 -9.97
C LEU A 4 3.00 1.46 -9.32
N CYS A 5 2.48 2.49 -9.99
CA CYS A 5 1.32 3.20 -9.50
C CYS A 5 0.14 2.23 -9.48
N ASN A 6 -0.38 1.95 -10.67
CA ASN A 6 -1.51 1.04 -10.82
C ASN A 6 -1.18 -0.27 -10.09
N LEU A 7 0.10 -0.51 -9.92
CA LEU A 7 0.55 -1.73 -9.24
C LEU A 7 0.09 -1.69 -7.79
N CYS A 8 0.69 -0.79 -7.02
CA CYS A 8 0.36 -0.64 -5.62
C CYS A 8 -1.16 -0.54 -5.50
N THR A 9 -1.72 0.42 -6.22
CA THR A 9 -3.16 0.63 -6.21
C THR A 9 -3.89 -0.69 -6.46
N GLY A 10 -3.19 -1.61 -7.09
CA GLY A 10 -3.76 -2.91 -7.40
C GLY A 10 -3.83 -3.79 -6.15
N LEU A 11 -2.82 -3.64 -5.30
CA LEU A 11 -2.76 -4.41 -4.07
C LEU A 11 -3.64 -3.74 -3.01
N ILE A 12 -3.60 -2.41 -3.01
CA ILE A 12 -4.39 -1.65 -2.05
C ILE A 12 -5.83 -2.16 -2.06
N ASN A 13 -6.39 -2.27 -3.26
CA ASN A 13 -7.75 -2.73 -3.41
C ASN A 13 -7.85 -4.16 -2.86
N THR A 14 -6.77 -4.90 -3.01
CA THR A 14 -6.73 -6.27 -2.52
C THR A 14 -6.68 -6.30 -0.99
N LEU A 15 -6.24 -5.18 -0.43
CA LEU A 15 -6.13 -5.07 1.01
C LEU A 15 -7.53 -4.91 1.62
N GLU A 16 -8.39 -4.26 0.85
CA GLU A 16 -9.76 -4.03 1.30
C GLU A 16 -10.55 -5.34 1.24
N ASN A 17 -10.07 -6.25 0.40
CA ASN A 17 -10.73 -7.54 0.25
C ASN A 17 -9.83 -8.63 0.84
N LEU A 18 -8.67 -8.22 1.30
CA LEU A 18 -7.71 -9.15 1.88
C LEU A 18 -8.43 -10.03 2.91
N LEU A 19 -8.38 -9.60 4.16
CA LEU A 19 -9.02 -10.34 5.23
C LEU A 19 -10.20 -9.52 5.77
N THR A 20 -9.89 -8.33 6.24
CA THR A 20 -10.91 -7.45 6.79
C THR A 20 -11.98 -8.26 7.52
N THR A 21 -11.51 -9.24 8.30
CA THR A 21 -12.40 -10.09 9.05
C THR A 21 -11.61 -11.02 9.97
N LYS A 22 -10.59 -11.64 9.39
CA LYS A 22 -9.74 -12.55 10.14
C LYS A 22 -8.68 -11.76 10.89
N GLY A 23 -7.68 -11.32 10.15
CA GLY A 23 -6.59 -10.54 10.74
C GLY A 23 -5.84 -9.75 9.67
N ALA A 24 -6.30 -8.52 9.46
CA ALA A 24 -5.69 -7.65 8.47
C ALA A 24 -4.19 -7.58 8.72
N ASP A 25 -3.80 -7.95 9.93
CA ASP A 25 -2.40 -7.94 10.32
C ASP A 25 -1.58 -8.65 9.23
N LYS A 26 -2.20 -9.63 8.62
CA LYS A 26 -1.54 -10.41 7.57
C LYS A 26 -1.32 -9.50 6.35
N VAL A 27 -2.06 -8.40 6.32
CA VAL A 27 -1.94 -7.45 5.24
C VAL A 27 -0.51 -6.94 5.15
N LYS A 28 -0.02 -6.46 6.29
CA LYS A 28 1.33 -5.93 6.36
C LYS A 28 2.33 -7.05 6.04
N ASP A 29 1.82 -8.28 6.01
CA ASP A 29 2.63 -9.43 5.71
C ASP A 29 2.72 -9.61 4.20
N TYR A 30 1.62 -9.27 3.53
CA TYR A 30 1.56 -9.39 2.08
C TYR A 30 2.05 -8.11 1.40
N ILE A 31 1.92 -7.00 2.12
CA ILE A 31 2.35 -5.72 1.61
C ILE A 31 3.87 -5.65 1.61
N SER A 32 4.46 -6.23 2.66
CA SER A 32 5.90 -6.23 2.80
C SER A 32 6.52 -7.23 1.81
N SER A 33 5.84 -8.36 1.66
CA SER A 33 6.30 -9.39 0.75
C SER A 33 6.24 -8.89 -0.69
N LEU A 34 5.19 -8.14 -0.99
CA LEU A 34 5.00 -7.59 -2.32
C LEU A 34 5.95 -6.41 -2.51
N CYS A 35 5.91 -5.50 -1.54
CA CYS A 35 6.76 -4.32 -1.60
C CYS A 35 8.22 -4.77 -1.53
N ASN A 36 8.44 -5.87 -0.84
CA ASN A 36 9.78 -6.41 -0.68
C ASN A 36 10.45 -6.49 -2.06
N LYS A 37 9.61 -6.55 -3.09
CA LYS A 37 10.10 -6.62 -4.45
C LYS A 37 10.40 -5.20 -4.96
N ALA A 38 11.18 -4.48 -4.17
CA ALA A 38 11.54 -3.11 -4.52
C ALA A 38 13.06 -3.00 -4.62
N SER A 39 13.64 -2.43 -3.58
CA SER A 39 15.09 -2.26 -3.53
C SER A 39 15.61 -1.74 -4.87
N GLY A 40 15.12 -0.56 -5.24
CA GLY A 40 15.52 0.06 -6.49
C GLY A 40 14.87 1.44 -6.65
N PHE A 41 13.95 1.52 -7.61
CA PHE A 41 13.26 2.77 -7.87
C PHE A 41 12.13 3.00 -6.86
N ILE A 42 11.50 1.90 -6.47
CA ILE A 42 10.41 1.97 -5.51
C ILE A 42 10.98 1.93 -4.10
N ALA A 43 12.28 1.67 -4.02
CA ALA A 43 12.95 1.60 -2.73
C ALA A 43 12.37 2.66 -1.80
N THR A 44 12.53 3.91 -2.20
CA THR A 44 12.03 5.02 -1.41
C THR A 44 10.50 4.98 -1.34
N LEU A 45 9.92 4.35 -2.35
CA LEU A 45 8.47 4.24 -2.42
C LEU A 45 7.99 3.30 -1.31
N CYS A 46 8.75 2.23 -1.11
CA CYS A 46 8.41 1.26 -0.09
C CYS A 46 8.56 1.93 1.28
N THR A 47 9.77 2.42 1.53
CA THR A 47 10.06 3.07 2.79
C THR A 47 9.00 4.13 3.10
N LYS A 48 8.37 4.61 2.04
CA LYS A 48 7.33 5.63 2.18
C LYS A 48 6.15 5.04 2.96
N VAL A 49 5.64 3.92 2.45
CA VAL A 49 4.52 3.26 3.08
C VAL A 49 4.84 3.02 4.56
N LEU A 50 6.05 2.54 4.80
CA LEU A 50 6.49 2.28 6.16
C LEU A 50 6.47 3.57 6.97
N ASP A 51 7.20 4.55 6.48
CA ASP A 51 7.26 5.85 7.14
C ASP A 51 5.84 6.33 7.45
N PHE A 52 4.94 6.06 6.51
CA PHE A 52 3.56 6.46 6.67
C PHE A 52 2.84 5.57 7.68
N GLY A 53 2.87 4.27 7.40
CA GLY A 53 2.22 3.31 8.28
C GLY A 53 1.23 2.45 7.50
N ILE A 54 1.62 1.20 7.28
CA ILE A 54 0.78 0.26 6.56
C ILE A 54 -0.64 0.35 7.10
N ASP A 55 -0.73 0.49 8.41
CA ASP A 55 -2.03 0.58 9.07
C ASP A 55 -2.74 1.84 8.61
N LYS A 56 -1.96 2.90 8.43
CA LYS A 56 -2.50 4.17 7.99
C LYS A 56 -3.17 3.99 6.63
N LEU A 57 -2.38 3.51 5.69
CA LEU A 57 -2.87 3.29 4.34
C LEU A 57 -4.27 2.67 4.40
N ILE A 58 -4.42 1.72 5.31
CA ILE A 58 -5.70 1.04 5.48
C ILE A 58 -6.70 2.02 6.09
N GLN A 59 -6.26 2.71 7.13
CA GLN A 59 -7.12 3.67 7.80
C GLN A 59 -7.74 4.62 6.79
N LEU A 60 -6.93 5.02 5.81
CA LEU A 60 -7.39 5.93 4.78
C LEU A 60 -8.55 5.29 4.02
N ILE A 61 -8.26 4.13 3.42
CA ILE A 61 -9.26 3.41 2.67
C ILE A 61 -10.54 3.30 3.50
N GLU A 62 -10.37 2.91 4.75
CA GLU A 62 -11.49 2.76 5.66
C GLU A 62 -12.40 3.99 5.58
N ASP A 63 -11.77 5.15 5.42
CA ASP A 63 -12.51 6.40 5.32
C ASP A 63 -13.17 6.50 3.94
N LYS A 64 -12.33 6.71 2.94
CA LYS A 64 -12.81 6.82 1.57
C LYS A 64 -11.66 7.26 0.66
N VAL A 65 -10.49 6.70 0.94
CA VAL A 65 -9.31 7.02 0.15
C VAL A 65 -9.06 5.89 -0.86
N ASP A 66 -9.28 6.23 -2.12
CA ASP A 66 -9.10 5.28 -3.20
C ASP A 66 -7.71 4.62 -3.06
N ALA A 67 -7.42 3.73 -3.99
CA ALA A 67 -6.14 3.03 -3.99
C ALA A 67 -5.06 3.96 -4.55
N ASN A 68 -5.44 4.71 -5.56
CA ASN A 68 -4.52 5.65 -6.19
C ASN A 68 -4.32 6.86 -5.29
N ALA A 69 -5.43 7.44 -4.87
CA ALA A 69 -5.38 8.60 -4.00
C ALA A 69 -4.45 8.32 -2.82
N ILE A 70 -4.49 7.08 -2.36
CA ILE A 70 -3.65 6.67 -1.25
C ILE A 70 -2.20 6.57 -1.71
N CYS A 71 -2.01 5.88 -2.81
CA CYS A 71 -0.68 5.71 -3.38
C CYS A 71 -0.11 7.09 -3.70
N ALA A 72 -1.01 8.07 -3.75
CA ALA A 72 -0.62 9.44 -4.04
C ALA A 72 0.10 10.03 -2.83
N LYS A 73 -0.51 9.82 -1.67
CA LYS A 73 0.06 10.32 -0.43
C LYS A 73 1.53 9.93 -0.34
N ILE A 74 1.76 8.63 -0.33
CA ILE A 74 3.12 8.11 -0.25
C ILE A 74 3.76 8.16 -1.63
N HIS A 75 3.14 8.94 -2.51
CA HIS A 75 3.65 9.08 -3.86
C HIS A 75 4.27 7.77 -4.32
N ALA A 76 3.59 6.68 -4.00
CA ALA A 76 4.06 5.36 -4.37
C ALA A 76 3.61 5.04 -5.81
N CYS A 77 3.05 6.05 -6.45
CA CYS A 77 2.57 5.89 -7.81
C CYS A 77 3.59 5.05 -8.59
N GLY A 1 6.93 8.13 -10.34
CA GLY A 1 6.80 8.72 -11.67
C GLY A 1 6.08 7.75 -12.61
N GLU A 2 4.79 7.59 -12.38
CA GLU A 2 3.98 6.70 -13.20
C GLU A 2 4.70 5.37 -13.41
N ILE A 3 5.52 5.01 -12.43
CA ILE A 3 6.28 3.77 -12.48
C ILE A 3 5.30 2.61 -12.69
N LEU A 4 4.30 2.54 -11.81
CA LEU A 4 3.30 1.49 -11.89
C LEU A 4 2.30 1.65 -10.75
N CYS A 5 1.73 2.85 -10.67
CA CYS A 5 0.76 3.15 -9.64
C CYS A 5 -0.27 2.02 -9.59
N ASN A 6 -0.75 1.67 -10.77
CA ASN A 6 -1.74 0.60 -10.89
C ASN A 6 -1.29 -0.59 -10.07
N LEU A 7 0.02 -0.67 -9.86
CA LEU A 7 0.59 -1.76 -9.08
C LEU A 7 0.06 -1.70 -7.65
N CYS A 8 0.63 -0.77 -6.89
CA CYS A 8 0.22 -0.60 -5.51
C CYS A 8 -1.30 -0.54 -5.45
N THR A 9 -1.85 0.40 -6.20
CA THR A 9 -3.30 0.57 -6.24
C THR A 9 -3.97 -0.75 -6.56
N GLY A 10 -3.19 -1.68 -7.09
CA GLY A 10 -3.71 -2.98 -7.45
C GLY A 10 -3.76 -3.90 -6.22
N LEU A 11 -2.74 -3.79 -5.39
CA LEU A 11 -2.65 -4.60 -4.18
C LEU A 11 -3.50 -3.95 -3.08
N ILE A 12 -3.51 -2.62 -3.09
CA ILE A 12 -4.27 -1.88 -2.10
C ILE A 12 -5.74 -2.30 -2.17
N ASN A 13 -6.31 -2.17 -3.37
CA ASN A 13 -7.70 -2.53 -3.59
C ASN A 13 -7.93 -3.97 -3.12
N THR A 14 -7.00 -4.84 -3.51
CA THR A 14 -7.10 -6.24 -3.14
C THR A 14 -6.81 -6.42 -1.66
N LEU A 15 -6.35 -5.34 -1.04
CA LEU A 15 -6.04 -5.37 0.38
C LEU A 15 -7.30 -5.03 1.19
N GLU A 16 -8.18 -4.28 0.55
CA GLU A 16 -9.43 -3.88 1.19
C GLU A 16 -10.24 -5.12 1.58
N ASN A 17 -9.97 -6.21 0.87
CA ASN A 17 -10.67 -7.46 1.14
C ASN A 17 -9.73 -8.41 1.88
N LEU A 18 -8.51 -7.95 2.09
CA LEU A 18 -7.52 -8.75 2.79
C LEU A 18 -8.10 -9.23 4.12
N LEU A 19 -7.85 -8.45 5.16
CA LEU A 19 -8.35 -8.78 6.48
C LEU A 19 -9.49 -7.83 6.84
N THR A 20 -9.19 -6.54 6.80
CA THR A 20 -10.19 -5.53 7.13
C THR A 20 -11.16 -6.06 8.18
N THR A 21 -10.61 -6.78 9.14
CA THR A 21 -11.41 -7.35 10.21
C THR A 21 -10.52 -8.08 11.22
N LYS A 22 -9.52 -8.77 10.68
CA LYS A 22 -8.59 -9.52 11.52
C LYS A 22 -7.81 -8.54 12.41
N GLY A 23 -7.04 -7.69 11.76
CA GLY A 23 -6.25 -6.70 12.48
C GLY A 23 -5.49 -5.79 11.51
N ALA A 24 -5.11 -6.38 10.39
CA ALA A 24 -4.38 -5.64 9.37
C ALA A 24 -2.88 -5.83 9.58
N ASP A 25 -2.54 -6.99 10.11
CA ASP A 25 -1.14 -7.31 10.37
C ASP A 25 -0.60 -8.18 9.24
N LYS A 26 -1.45 -9.07 8.76
CA LYS A 26 -1.07 -9.95 7.67
C LYS A 26 -0.89 -9.13 6.39
N VAL A 27 -1.41 -7.92 6.42
CA VAL A 27 -1.32 -7.03 5.28
C VAL A 27 0.15 -6.67 5.03
N LYS A 28 0.78 -6.19 6.09
CA LYS A 28 2.18 -5.80 6.01
C LYS A 28 3.03 -7.04 5.69
N ASP A 29 2.40 -8.19 5.84
CA ASP A 29 3.09 -9.45 5.56
C ASP A 29 3.00 -9.75 4.06
N TYR A 30 1.89 -9.33 3.47
CA TYR A 30 1.68 -9.56 2.05
C TYR A 30 2.23 -8.41 1.22
N ILE A 31 2.28 -7.24 1.85
CA ILE A 31 2.78 -6.05 1.18
C ILE A 31 4.31 -6.14 1.07
N SER A 32 4.91 -6.76 2.07
CA SER A 32 6.35 -6.93 2.09
C SER A 32 6.78 -7.98 1.06
N SER A 33 6.06 -9.09 1.08
CA SER A 33 6.35 -10.18 0.17
C SER A 33 6.25 -9.70 -1.28
N LEU A 34 5.29 -8.81 -1.50
CA LEU A 34 5.08 -8.25 -2.82
C LEU A 34 6.11 -7.14 -3.08
N CYS A 35 6.24 -6.26 -2.11
CA CYS A 35 7.18 -5.16 -2.22
C CYS A 35 8.60 -5.73 -2.14
N ASN A 36 8.67 -7.02 -1.83
CA ASN A 36 9.95 -7.69 -1.71
C ASN A 36 10.57 -7.83 -3.10
N LYS A 37 10.74 -6.69 -3.77
CA LYS A 37 11.32 -6.68 -5.09
C LYS A 37 11.45 -5.23 -5.57
N ALA A 38 11.83 -4.37 -4.63
CA ALA A 38 12.00 -2.96 -4.94
C ALA A 38 13.47 -2.57 -4.74
N SER A 39 13.78 -2.10 -3.54
CA SER A 39 15.13 -1.70 -3.21
C SER A 39 15.77 -0.99 -4.41
N GLY A 40 15.08 0.03 -4.88
CA GLY A 40 15.56 0.81 -6.02
C GLY A 40 14.82 2.14 -6.14
N PHE A 41 13.95 2.21 -7.13
CA PHE A 41 13.17 3.41 -7.36
C PHE A 41 11.98 3.49 -6.40
N ILE A 42 11.39 2.33 -6.14
CA ILE A 42 10.25 2.26 -5.25
C ILE A 42 10.75 2.09 -3.80
N ALA A 43 12.05 1.83 -3.69
CA ALA A 43 12.66 1.65 -2.39
C ALA A 43 12.02 2.61 -1.39
N THR A 44 12.14 3.90 -1.70
CA THR A 44 11.58 4.93 -0.84
C THR A 44 10.06 4.86 -0.83
N LEU A 45 9.52 4.32 -1.92
CA LEU A 45 8.07 4.18 -2.05
C LEU A 45 7.57 3.14 -1.04
N CYS A 46 8.35 2.07 -0.90
CA CYS A 46 8.00 1.01 0.02
C CYS A 46 8.11 1.55 1.45
N THR A 47 9.30 2.06 1.76
CA THR A 47 9.55 2.61 3.08
C THR A 47 8.56 3.73 3.39
N LYS A 48 7.92 4.22 2.34
CA LYS A 48 6.95 5.30 2.48
C LYS A 48 5.75 4.78 3.26
N VAL A 49 5.14 3.74 2.72
CA VAL A 49 3.97 3.14 3.35
C VAL A 49 4.29 2.87 4.82
N LEU A 50 5.47 2.34 5.06
CA LEU A 50 5.91 2.02 6.40
C LEU A 50 5.98 3.31 7.23
N ASP A 51 6.66 4.29 6.67
CA ASP A 51 6.80 5.58 7.34
C ASP A 51 5.41 6.14 7.66
N PHE A 52 4.47 5.87 6.77
CA PHE A 52 3.12 6.35 6.94
C PHE A 52 2.37 5.48 7.96
N GLY A 53 2.34 4.18 7.67
CA GLY A 53 1.66 3.24 8.54
C GLY A 53 0.66 2.38 7.75
N ILE A 54 1.03 1.13 7.56
CA ILE A 54 0.18 0.20 6.83
C ILE A 54 -1.25 0.32 7.33
N ASP A 55 -1.38 0.48 8.64
CA ASP A 55 -2.70 0.61 9.25
C ASP A 55 -3.35 1.90 8.76
N LYS A 56 -2.53 2.94 8.64
CA LYS A 56 -3.02 4.23 8.19
C LYS A 56 -3.62 4.09 6.79
N LEU A 57 -2.83 3.50 5.90
CA LEU A 57 -3.26 3.30 4.53
C LEU A 57 -4.69 2.74 4.53
N ILE A 58 -4.91 1.78 5.42
CA ILE A 58 -6.22 1.16 5.53
C ILE A 58 -7.21 2.16 6.11
N GLN A 59 -6.73 2.94 7.07
CA GLN A 59 -7.56 3.94 7.72
C GLN A 59 -8.10 4.93 6.67
N LEU A 60 -7.23 5.30 5.75
CA LEU A 60 -7.60 6.22 4.69
C LEU A 60 -8.71 5.61 3.85
N ILE A 61 -8.41 4.46 3.28
CA ILE A 61 -9.37 3.76 2.44
C ILE A 61 -10.70 3.68 3.17
N GLU A 62 -10.64 3.24 4.42
CA GLU A 62 -11.85 3.11 5.24
C GLU A 62 -12.67 4.39 5.16
N ASP A 63 -11.97 5.52 5.14
CA ASP A 63 -12.63 6.82 5.07
C ASP A 63 -13.21 7.01 3.67
N LYS A 64 -12.32 7.17 2.71
CA LYS A 64 -12.73 7.37 1.33
C LYS A 64 -11.50 7.72 0.47
N VAL A 65 -10.40 7.05 0.78
CA VAL A 65 -9.16 7.27 0.06
C VAL A 65 -8.89 6.08 -0.86
N ASP A 66 -9.18 6.27 -2.13
CA ASP A 66 -8.99 5.23 -3.12
C ASP A 66 -7.56 4.67 -2.98
N ALA A 67 -7.24 3.74 -3.87
CA ALA A 67 -5.92 3.13 -3.85
C ALA A 67 -4.90 4.12 -4.42
N ASN A 68 -5.34 4.85 -5.44
CA ASN A 68 -4.48 5.82 -6.08
C ASN A 68 -4.31 7.04 -5.16
N ALA A 69 -5.46 7.59 -4.75
CA ALA A 69 -5.45 8.74 -3.87
C ALA A 69 -4.50 8.49 -2.70
N ILE A 70 -4.45 7.24 -2.28
CA ILE A 70 -3.58 6.87 -1.17
C ILE A 70 -2.13 6.78 -1.67
N CYS A 71 -1.93 5.94 -2.67
CA CYS A 71 -0.61 5.75 -3.24
C CYS A 71 -0.02 7.14 -3.53
N ALA A 72 -0.91 8.10 -3.69
CA ALA A 72 -0.49 9.47 -3.98
C ALA A 72 0.14 10.07 -2.72
N LYS A 73 -0.56 9.91 -1.61
CA LYS A 73 -0.07 10.43 -0.34
C LYS A 73 1.38 9.97 -0.14
N ILE A 74 1.53 8.69 0.13
CA ILE A 74 2.86 8.12 0.35
C ILE A 74 3.68 8.25 -0.93
N HIS A 75 3.03 8.73 -1.97
CA HIS A 75 3.68 8.91 -3.26
C HIS A 75 4.31 7.59 -3.69
N ALA A 76 3.56 6.51 -3.52
CA ALA A 76 4.04 5.20 -3.89
C ALA A 76 3.67 4.92 -5.35
N CYS A 77 3.44 5.99 -6.08
CA CYS A 77 3.08 5.88 -7.49
C CYS A 77 4.26 5.25 -8.23
N GLY A 1 3.83 9.62 -15.61
CA GLY A 1 3.42 8.35 -16.19
C GLY A 1 2.90 7.40 -15.12
N GLU A 2 3.68 6.36 -14.84
CA GLU A 2 3.30 5.38 -13.83
C GLU A 2 4.35 4.27 -13.76
N ILE A 3 5.26 4.44 -12.81
CA ILE A 3 6.32 3.45 -12.62
C ILE A 3 5.71 2.12 -12.19
N LEU A 4 4.72 2.22 -11.30
CA LEU A 4 4.05 1.03 -10.79
C LEU A 4 2.80 1.44 -10.02
N CYS A 5 2.16 2.49 -10.53
CA CYS A 5 0.95 3.00 -9.89
C CYS A 5 -0.05 1.84 -9.78
N ASN A 6 -0.60 1.46 -10.92
CA ASN A 6 -1.56 0.37 -10.96
C ASN A 6 -1.03 -0.81 -10.16
N LEU A 7 0.29 -0.85 -10.01
CA LEU A 7 0.93 -1.91 -9.27
C LEU A 7 0.48 -1.86 -7.82
N CYS A 8 1.05 -0.90 -7.08
CA CYS A 8 0.70 -0.74 -5.68
C CYS A 8 -0.81 -0.62 -5.56
N THR A 9 -1.35 0.37 -6.24
CA THR A 9 -2.80 0.60 -6.23
C THR A 9 -3.54 -0.71 -6.49
N GLY A 10 -2.84 -1.64 -7.11
CA GLY A 10 -3.42 -2.93 -7.42
C GLY A 10 -3.46 -3.83 -6.18
N LEU A 11 -2.42 -3.72 -5.38
CA LEU A 11 -2.32 -4.51 -4.16
C LEU A 11 -3.14 -3.84 -3.06
N ILE A 12 -3.06 -2.52 -3.02
CA ILE A 12 -3.77 -1.75 -2.02
C ILE A 12 -5.23 -2.20 -1.99
N ASN A 13 -5.85 -2.16 -3.16
CA ASN A 13 -7.25 -2.55 -3.28
C ASN A 13 -7.44 -3.94 -2.67
N THR A 14 -6.41 -4.77 -2.82
CA THR A 14 -6.46 -6.12 -2.29
C THR A 14 -6.36 -6.09 -0.75
N LEU A 15 -5.77 -5.00 -0.26
CA LEU A 15 -5.61 -4.85 1.19
C LEU A 15 -6.99 -4.58 1.81
N GLU A 16 -7.87 -4.02 1.01
CA GLU A 16 -9.22 -3.70 1.47
C GLU A 16 -10.05 -4.98 1.56
N ASN A 17 -9.63 -5.98 0.81
CA ASN A 17 -10.33 -7.26 0.80
C ASN A 17 -9.42 -8.35 1.35
N LEU A 18 -8.19 -7.95 1.65
CA LEU A 18 -7.21 -8.87 2.19
C LEU A 18 -7.80 -9.55 3.44
N LEU A 19 -7.51 -8.95 4.59
CA LEU A 19 -8.00 -9.48 5.85
C LEU A 19 -9.27 -8.73 6.25
N THR A 20 -9.16 -7.41 6.25
CA THR A 20 -10.29 -6.57 6.62
C THR A 20 -11.17 -7.27 7.66
N THR A 21 -10.50 -7.95 8.58
CA THR A 21 -11.21 -8.67 9.63
C THR A 21 -10.55 -8.42 10.98
N LYS A 22 -9.22 -8.54 11.00
CA LYS A 22 -8.47 -8.32 12.22
C LYS A 22 -6.99 -8.56 11.94
N GLY A 23 -6.74 -9.49 11.03
CA GLY A 23 -5.37 -9.83 10.67
C GLY A 23 -4.72 -8.72 9.84
N ALA A 24 -4.88 -7.50 10.33
CA ALA A 24 -4.33 -6.34 9.64
C ALA A 24 -2.82 -6.51 9.49
N ASP A 25 -2.22 -7.04 10.54
CA ASP A 25 -0.78 -7.27 10.54
C ASP A 25 -0.42 -8.22 9.40
N LYS A 26 -1.37 -9.08 9.07
CA LYS A 26 -1.16 -10.04 7.99
C LYS A 26 -1.10 -9.30 6.65
N VAL A 27 -1.62 -8.08 6.67
CA VAL A 27 -1.63 -7.26 5.46
C VAL A 27 -0.20 -6.88 5.10
N LYS A 28 0.50 -6.30 6.07
CA LYS A 28 1.87 -5.88 5.87
C LYS A 28 2.73 -7.11 5.52
N ASP A 29 2.26 -8.26 5.97
CA ASP A 29 2.98 -9.50 5.72
C ASP A 29 2.93 -9.81 4.22
N TYR A 30 1.81 -9.43 3.60
CA TYR A 30 1.63 -9.66 2.18
C TYR A 30 2.21 -8.50 1.35
N ILE A 31 2.18 -7.32 1.96
CA ILE A 31 2.69 -6.14 1.30
C ILE A 31 4.21 -6.28 1.10
N SER A 32 4.79 -7.16 1.91
CA SER A 32 6.22 -7.40 1.84
C SER A 32 6.55 -8.25 0.61
N SER A 33 5.72 -9.26 0.39
CA SER A 33 5.90 -10.15 -0.75
C SER A 33 5.64 -9.40 -2.05
N LEU A 34 4.76 -8.41 -1.95
CA LEU A 34 4.41 -7.60 -3.12
C LEU A 34 5.49 -6.55 -3.34
N CYS A 35 5.80 -5.82 -2.28
CA CYS A 35 6.81 -4.78 -2.35
C CYS A 35 8.18 -5.45 -2.51
N ASN A 36 8.24 -6.70 -2.10
CA ASN A 36 9.48 -7.46 -2.18
C ASN A 36 10.18 -7.12 -3.50
N LYS A 37 9.37 -6.81 -4.50
CA LYS A 37 9.90 -6.47 -5.81
C LYS A 37 10.16 -4.97 -5.88
N ALA A 38 10.88 -4.47 -4.88
CA ALA A 38 11.20 -3.05 -4.82
C ALA A 38 12.72 -2.89 -4.75
N SER A 39 13.19 -2.50 -3.57
CA SER A 39 14.61 -2.30 -3.35
C SER A 39 15.24 -1.67 -4.60
N GLY A 40 14.57 -0.63 -5.10
CA GLY A 40 15.05 0.07 -6.27
C GLY A 40 14.60 1.53 -6.26
N PHE A 41 13.80 1.88 -7.25
CA PHE A 41 13.30 3.24 -7.36
C PHE A 41 12.17 3.50 -6.36
N ILE A 42 11.40 2.45 -6.11
CA ILE A 42 10.29 2.54 -5.17
C ILE A 42 10.79 2.20 -3.77
N ALA A 43 12.00 1.69 -3.72
CA ALA A 43 12.60 1.32 -2.44
C ALA A 43 12.17 2.33 -1.37
N THR A 44 12.55 3.58 -1.60
CA THR A 44 12.23 4.64 -0.67
C THR A 44 10.72 4.86 -0.62
N LEU A 45 10.06 4.51 -1.72
CA LEU A 45 8.62 4.67 -1.81
C LEU A 45 7.95 3.69 -0.85
N CYS A 46 8.50 2.49 -0.79
CA CYS A 46 7.96 1.47 0.09
C CYS A 46 8.16 1.91 1.53
N THR A 47 9.39 2.32 1.83
CA THR A 47 9.73 2.78 3.16
C THR A 47 8.75 3.86 3.63
N LYS A 48 8.23 4.59 2.65
CA LYS A 48 7.29 5.66 2.95
C LYS A 48 6.05 5.07 3.62
N VAL A 49 5.44 4.11 2.94
CA VAL A 49 4.25 3.46 3.45
C VAL A 49 4.49 3.05 4.90
N LEU A 50 5.71 2.59 5.16
CA LEU A 50 6.08 2.16 6.50
C LEU A 50 6.07 3.38 7.44
N ASP A 51 6.90 4.35 7.09
CA ASP A 51 6.99 5.56 7.89
C ASP A 51 5.58 6.09 8.18
N PHE A 52 4.72 5.94 7.19
CA PHE A 52 3.35 6.39 7.33
C PHE A 52 2.52 5.43 8.19
N GLY A 53 2.48 4.18 7.75
CA GLY A 53 1.75 3.16 8.46
C GLY A 53 0.72 2.48 7.55
N ILE A 54 1.06 1.27 7.12
CA ILE A 54 0.19 0.50 6.25
C ILE A 54 -1.23 0.54 6.80
N ASP A 55 -1.32 0.47 8.12
CA ASP A 55 -2.61 0.49 8.79
C ASP A 55 -3.25 1.87 8.61
N LYS A 56 -2.40 2.88 8.59
CA LYS A 56 -2.86 4.25 8.43
C LYS A 56 -3.61 4.37 7.10
N LEU A 57 -2.93 3.97 6.04
CA LEU A 57 -3.52 4.04 4.71
C LEU A 57 -4.88 3.33 4.73
N ILE A 58 -4.92 2.19 5.39
CA ILE A 58 -6.14 1.42 5.50
C ILE A 58 -7.22 2.27 6.16
N GLN A 59 -6.81 2.98 7.21
CA GLN A 59 -7.73 3.84 7.94
C GLN A 59 -8.34 4.88 7.01
N LEU A 60 -7.64 5.14 5.92
CA LEU A 60 -8.10 6.11 4.94
C LEU A 60 -9.24 5.50 4.12
N ILE A 61 -8.92 4.39 3.45
CA ILE A 61 -9.91 3.71 2.63
C ILE A 61 -11.27 3.75 3.33
N GLU A 62 -11.22 3.69 4.65
CA GLU A 62 -12.43 3.72 5.46
C GLU A 62 -13.28 4.94 5.09
N ASP A 63 -12.63 6.09 5.10
CA ASP A 63 -13.31 7.34 4.77
C ASP A 63 -13.65 7.35 3.28
N LYS A 64 -12.61 7.28 2.47
CA LYS A 64 -12.79 7.27 1.02
C LYS A 64 -11.47 7.65 0.35
N VAL A 65 -10.61 6.66 0.21
CA VAL A 65 -9.31 6.87 -0.40
C VAL A 65 -8.96 5.66 -1.28
N ASP A 66 -9.31 5.78 -2.55
CA ASP A 66 -9.04 4.70 -3.50
C ASP A 66 -7.59 4.26 -3.36
N ALA A 67 -7.23 3.26 -4.14
CA ALA A 67 -5.88 2.73 -4.12
C ALA A 67 -4.90 3.82 -4.55
N ASN A 68 -5.28 4.51 -5.61
CA ASN A 68 -4.45 5.58 -6.15
C ASN A 68 -4.25 6.64 -5.06
N ALA A 69 -5.37 7.20 -4.60
CA ALA A 69 -5.33 8.22 -3.57
C ALA A 69 -4.41 7.77 -2.44
N ILE A 70 -4.39 6.46 -2.23
CA ILE A 70 -3.56 5.89 -1.18
C ILE A 70 -2.11 5.82 -1.66
N CYS A 71 -1.96 5.60 -2.96
CA CYS A 71 -0.64 5.51 -3.55
C CYS A 71 -0.22 6.91 -4.01
N ALA A 72 -0.95 7.90 -3.50
CA ALA A 72 -0.67 9.28 -3.86
C ALA A 72 -0.01 9.97 -2.66
N LYS A 73 -0.62 9.79 -1.50
CA LYS A 73 -0.11 10.39 -0.28
C LYS A 73 1.35 9.98 -0.09
N ILE A 74 1.56 8.68 -0.02
CA ILE A 74 2.90 8.15 0.17
C ILE A 74 3.77 8.55 -1.03
N HIS A 75 3.11 9.09 -2.04
CA HIS A 75 3.81 9.53 -3.24
C HIS A 75 4.40 8.31 -3.95
N ALA A 76 3.83 7.15 -3.65
CA ALA A 76 4.29 5.91 -4.25
C ALA A 76 4.26 6.05 -5.77
N CYS A 77 3.22 5.48 -6.37
CA CYS A 77 3.07 5.53 -7.81
C CYS A 77 4.44 5.36 -8.45
N GLY A 1 4.00 6.24 -14.14
CA GLY A 1 2.75 5.49 -14.23
C GLY A 1 2.96 4.02 -13.85
N GLU A 2 3.07 3.19 -14.88
CA GLU A 2 3.27 1.77 -14.67
C GLU A 2 4.37 1.53 -13.63
N ILE A 3 5.21 2.54 -13.47
CA ILE A 3 6.31 2.45 -12.52
C ILE A 3 5.82 1.73 -11.25
N LEU A 4 4.71 2.22 -10.73
CA LEU A 4 4.13 1.64 -9.53
C LEU A 4 2.91 2.46 -9.11
N CYS A 5 1.98 2.60 -10.04
CA CYS A 5 0.76 3.35 -9.78
C CYS A 5 -0.40 2.36 -9.65
N ASN A 6 -0.58 1.57 -10.71
CA ASN A 6 -1.65 0.59 -10.74
C ASN A 6 -1.20 -0.66 -9.98
N LEU A 7 0.11 -0.73 -9.75
CA LEU A 7 0.68 -1.87 -9.05
C LEU A 7 0.20 -1.85 -7.59
N CYS A 8 0.68 -0.86 -6.85
CA CYS A 8 0.31 -0.73 -5.45
C CYS A 8 -1.22 -0.64 -5.36
N THR A 9 -1.76 0.33 -6.09
CA THR A 9 -3.20 0.53 -6.11
C THR A 9 -3.92 -0.80 -6.39
N GLY A 10 -3.18 -1.72 -6.97
CA GLY A 10 -3.74 -3.03 -7.30
C GLY A 10 -3.83 -3.91 -6.05
N LEU A 11 -2.84 -3.75 -5.18
CA LEU A 11 -2.80 -4.52 -3.95
C LEU A 11 -3.67 -3.84 -2.89
N ILE A 12 -3.61 -2.51 -2.88
CA ILE A 12 -4.39 -1.73 -1.93
C ILE A 12 -5.84 -2.21 -1.97
N ASN A 13 -6.41 -2.21 -3.16
CA ASN A 13 -7.78 -2.62 -3.35
C ASN A 13 -7.96 -4.05 -2.80
N THR A 14 -6.89 -4.83 -2.93
CA THR A 14 -6.91 -6.19 -2.45
C THR A 14 -6.93 -6.23 -0.92
N LEU A 15 -6.37 -5.19 -0.33
CA LEU A 15 -6.33 -5.09 1.13
C LEU A 15 -7.74 -4.90 1.66
N GLU A 16 -8.59 -4.32 0.83
CA GLU A 16 -9.97 -4.08 1.21
C GLU A 16 -10.73 -5.40 1.31
N ASN A 17 -10.26 -6.38 0.55
CA ASN A 17 -10.89 -7.68 0.54
C ASN A 17 -9.96 -8.69 1.23
N LEU A 18 -8.70 -8.29 1.36
CA LEU A 18 -7.72 -9.15 1.99
C LEU A 18 -8.31 -9.76 3.26
N LEU A 19 -8.22 -9.00 4.34
CA LEU A 19 -8.73 -9.46 5.63
C LEU A 19 -9.87 -8.52 6.07
N THR A 20 -9.54 -7.24 6.13
CA THR A 20 -10.52 -6.24 6.54
C THR A 20 -11.49 -6.83 7.56
N THR A 21 -10.94 -7.66 8.43
CA THR A 21 -11.75 -8.29 9.47
C THR A 21 -10.90 -9.25 10.30
N LYS A 22 -10.04 -9.99 9.60
CA LYS A 22 -9.16 -10.94 10.26
C LYS A 22 -8.40 -10.24 11.38
N GLY A 23 -7.72 -9.16 11.01
CA GLY A 23 -6.95 -8.40 11.97
C GLY A 23 -6.13 -7.30 11.27
N ALA A 24 -5.77 -7.57 10.03
CA ALA A 24 -5.00 -6.63 9.24
C ALA A 24 -3.51 -6.89 9.46
N ASP A 25 -3.22 -8.05 10.04
CA ASP A 25 -1.84 -8.42 10.31
C ASP A 25 -1.23 -9.07 9.07
N LYS A 26 -2.03 -9.94 8.45
CA LYS A 26 -1.59 -10.63 7.26
C LYS A 26 -1.36 -9.61 6.14
N VAL A 27 -1.89 -8.42 6.35
CA VAL A 27 -1.76 -7.35 5.36
C VAL A 27 -0.28 -6.97 5.24
N LYS A 28 0.32 -6.68 6.38
CA LYS A 28 1.72 -6.29 6.40
C LYS A 28 2.59 -7.51 6.02
N ASP A 29 1.94 -8.67 6.01
CA ASP A 29 2.63 -9.90 5.67
C ASP A 29 2.67 -10.05 4.15
N TYR A 30 1.58 -9.62 3.51
CA TYR A 30 1.48 -9.71 2.07
C TYR A 30 1.99 -8.43 1.40
N ILE A 31 1.94 -7.34 2.16
CA ILE A 31 2.41 -6.05 1.67
C ILE A 31 3.94 -6.04 1.64
N SER A 32 4.52 -6.77 2.58
CA SER A 32 5.97 -6.85 2.69
C SER A 32 6.52 -7.70 1.55
N SER A 33 5.92 -8.87 1.38
CA SER A 33 6.34 -9.79 0.34
C SER A 33 6.25 -9.10 -1.03
N LEU A 34 5.22 -8.29 -1.20
CA LEU A 34 5.02 -7.57 -2.44
C LEU A 34 5.99 -6.39 -2.51
N CYS A 35 6.00 -5.61 -1.44
CA CYS A 35 6.87 -4.46 -1.37
C CYS A 35 8.31 -4.95 -1.38
N ASN A 36 8.46 -6.24 -1.14
CA ASN A 36 9.79 -6.85 -1.12
C ASN A 36 10.27 -7.06 -2.55
N LYS A 37 10.26 -5.99 -3.32
CA LYS A 37 10.70 -6.05 -4.71
C LYS A 37 10.94 -4.63 -5.21
N ALA A 38 11.64 -3.85 -4.40
CA ALA A 38 11.94 -2.47 -4.76
C ALA A 38 13.46 -2.31 -4.93
N SER A 39 14.08 -1.77 -3.90
CA SER A 39 15.52 -1.56 -3.92
C SER A 39 15.92 -0.76 -5.16
N GLY A 40 15.18 0.33 -5.38
CA GLY A 40 15.45 1.19 -6.52
C GLY A 40 14.63 2.48 -6.44
N PHE A 41 14.09 2.87 -7.58
CA PHE A 41 13.28 4.08 -7.65
C PHE A 41 12.10 4.01 -6.68
N ILE A 42 11.68 2.78 -6.41
CA ILE A 42 10.56 2.57 -5.50
C ILE A 42 11.09 2.48 -4.07
N ALA A 43 12.40 2.37 -3.96
CA ALA A 43 13.05 2.28 -2.66
C ALA A 43 12.31 3.18 -1.67
N THR A 44 12.28 4.46 -1.99
CA THR A 44 11.61 5.43 -1.14
C THR A 44 10.10 5.18 -1.12
N LEU A 45 9.63 4.55 -2.19
CA LEU A 45 8.22 4.24 -2.30
C LEU A 45 7.84 3.16 -1.28
N CYS A 46 8.75 2.20 -1.12
CA CYS A 46 8.53 1.11 -0.19
C CYS A 46 8.59 1.68 1.23
N THR A 47 9.74 2.24 1.56
CA THR A 47 9.94 2.83 2.88
C THR A 47 8.91 3.92 3.13
N LYS A 48 8.27 4.35 2.06
CA LYS A 48 7.26 5.40 2.15
C LYS A 48 6.07 4.87 2.95
N VAL A 49 5.47 3.80 2.43
CA VAL A 49 4.32 3.20 3.09
C VAL A 49 4.64 2.95 4.56
N LEU A 50 5.83 2.39 4.79
CA LEU A 50 6.27 2.11 6.14
C LEU A 50 6.28 3.40 6.96
N ASP A 51 6.98 4.39 6.42
CA ASP A 51 7.08 5.67 7.09
C ASP A 51 5.68 6.19 7.42
N PHE A 52 4.77 5.99 6.47
CA PHE A 52 3.39 6.43 6.64
C PHE A 52 2.67 5.54 7.66
N GLY A 53 2.68 4.24 7.39
CA GLY A 53 2.03 3.29 8.27
C GLY A 53 1.01 2.45 7.50
N ILE A 54 1.39 1.20 7.26
CA ILE A 54 0.51 0.28 6.54
C ILE A 54 -0.91 0.39 7.11
N ASP A 55 -0.98 0.53 8.42
CA ASP A 55 -2.26 0.64 9.09
C ASP A 55 -2.97 1.91 8.61
N LYS A 56 -2.19 2.97 8.46
CA LYS A 56 -2.73 4.24 8.00
C LYS A 56 -3.39 4.05 6.63
N LEU A 57 -2.60 3.51 5.71
CA LEU A 57 -3.09 3.27 4.36
C LEU A 57 -4.49 2.65 4.44
N ILE A 58 -4.64 1.70 5.35
CA ILE A 58 -5.90 1.02 5.53
C ILE A 58 -6.92 1.99 6.13
N GLN A 59 -6.43 2.84 7.02
CA GLN A 59 -7.28 3.82 7.67
C GLN A 59 -7.88 4.77 6.64
N LEU A 60 -7.04 5.18 5.69
CA LEU A 60 -7.48 6.08 4.64
C LEU A 60 -8.62 5.44 3.86
N ILE A 61 -8.35 4.25 3.36
CA ILE A 61 -9.36 3.52 2.59
C ILE A 61 -10.65 3.46 3.38
N GLU A 62 -10.53 3.07 4.64
CA GLU A 62 -11.70 2.98 5.52
C GLU A 62 -12.51 4.27 5.46
N ASP A 63 -11.79 5.38 5.37
CA ASP A 63 -12.44 6.68 5.31
C ASP A 63 -13.11 6.85 3.95
N LYS A 64 -12.27 6.93 2.92
CA LYS A 64 -12.77 7.09 1.56
C LYS A 64 -11.61 7.54 0.66
N VAL A 65 -10.46 6.92 0.87
CA VAL A 65 -9.28 7.25 0.08
C VAL A 65 -9.04 6.14 -0.94
N ASP A 66 -9.20 6.50 -2.21
CA ASP A 66 -9.00 5.55 -3.28
C ASP A 66 -7.66 4.84 -3.10
N ALA A 67 -7.36 3.95 -4.04
CA ALA A 67 -6.11 3.20 -3.98
C ALA A 67 -4.99 4.06 -4.57
N ASN A 68 -5.32 4.78 -5.61
CA ASN A 68 -4.35 5.64 -6.28
C ASN A 68 -4.12 6.89 -5.43
N ALA A 69 -5.22 7.49 -5.00
CA ALA A 69 -5.15 8.68 -4.19
C ALA A 69 -4.25 8.42 -2.98
N ILE A 70 -4.38 7.22 -2.43
CA ILE A 70 -3.58 6.84 -1.28
C ILE A 70 -2.12 6.67 -1.70
N CYS A 71 -1.94 5.98 -2.83
CA CYS A 71 -0.61 5.75 -3.35
C CYS A 71 0.00 7.10 -3.75
N ALA A 72 -0.86 8.11 -3.78
CA ALA A 72 -0.42 9.44 -4.13
C ALA A 72 0.30 10.08 -2.94
N LYS A 73 -0.34 9.97 -1.79
CA LYS A 73 0.23 10.53 -0.57
C LYS A 73 1.68 10.06 -0.43
N ILE A 74 1.83 8.75 -0.34
CA ILE A 74 3.16 8.16 -0.20
C ILE A 74 3.84 8.13 -1.56
N HIS A 75 3.29 8.90 -2.49
CA HIS A 75 3.84 8.97 -3.83
C HIS A 75 4.44 7.62 -4.22
N ALA A 76 3.71 6.57 -3.87
CA ALA A 76 4.15 5.22 -4.17
C ALA A 76 3.85 4.89 -5.64
N CYS A 77 3.30 5.89 -6.33
CA CYS A 77 2.95 5.73 -7.73
C CYS A 77 4.19 5.20 -8.47
#